data_3HHS
#
_entry.id   3HHS
#
_cell.length_a   148.832
_cell.length_b   153.664
_cell.length_c   75.763
_cell.angle_alpha   90.00
_cell.angle_beta   90.00
_cell.angle_gamma   90.00
#
_symmetry.space_group_name_H-M   'P 21 21 2'
#
loop_
_entity.id
_entity.type
_entity.pdbx_description
1 polymer 'Phenoloxidase subunit 2'
2 polymer 'Phenoloxidase subunit 1'
3 non-polymer 'COPPER (II) ION'
4 water water
#
loop_
_entity_poly.entity_id
_entity_poly.type
_entity_poly.pdbx_seq_one_letter_code
_entity_poly.pdbx_strand_id
1 'polypeptide(L)'
;ADIFDSFELLYDRPGEPMINTKGEDKVLFELTEQFLTPEYANNGLELNNRFGDEEEVSRKIILKNLDKIPEFPKAKQLPN
DADFSLFLPSHQEMANEVIDVLMSVTENQLQELLSTCVYARINLNPQLFNYCYTVAIMHRRDTGKVRVQNYAEIFPAKFL
DSQVFTQAREAAAVIPKTIPRTPIIIPRDYTATDLEEEHRLAYWREDLGINLHHWHWHLVYPFSASDEKIVAKDRRGELF
FYMHQQIIARYNCERLCNSLKRVKKFSDWREPIPEAYYPKLDSLTSARGWPPRQAGMRWQDLKRPVDGLNVTIDDMERYR
RNIEEAIATGNVILPDKSTKKLDIDMLGNMMEASVLSPNRDLYGSIHNNMHSFSAYMHDPEHRYLESFGVIADEATTMRD
PFFYRVHAWVDDIFQSFKEAPHNVRPYSRSQLENPGVQVTSVAVESAGGQQNVLNTFWMQSDVNLSKGLDFSDRGPVYAR
FTHLNHRPFRYVIKANNTASARRTTVRIFIAPKTDERNLPWALSDQRKMFIEMDRFVVPLSAGENTITRQSTESSLTIPF
EQTFRDLSIQGSDPRRSELAAFNYCGCGWPQHMLVPKGTVGGVAYQLFVMLSNYELDKIEQPDGRELSCVEASMFCGLKD
KKYPDARPMGYPFDRPSNSATNIEDFSAMSNMGLQDIVIKLSDVTEPNPRNPPA
;
A
2 'polypeptide(L)'
;TDAKNNLLYFFDRPNEPCFMQKGEDKVVFEIPDHYYPDKYKSLSNTLSNRFGNEATKRIPIRNITLPNLEVPMQLPYNDQ
FSLFVPKHRTMAAKLIDIFMGMRDVEDLQSVCSYCQLRINPYMFNYCLSVAILHRPDTKGLSIPTFAETFPDKFMDSKVF
LRAREVSNVVISGSRMPVNVPINYTANTTEPEQRVAYFREDIGINLHHWHWHLVYPFDSADRSIVNKDRRGELFYYMHQQ
IIGRYNVERMCNGLPQVKPFSDFSAPIEEGYFPKLDSQVASRTWPPRFAGSVFRNLDRTVDQVKIDVRKLFTWRDQFLEA
IQKMAIKMPNGRELPLDEVTGIDMLGNLMESSIISPNRGYYGDLHNMGHVFAAYTHDPDHRHLEQFGVMGDSATAMRDPF
FYRWHRFVDDVFNIYKEKLTPYTNERLDFPGVRVSSVGIEGARPNTLRTLWQQSTVELGRGLDFTPRGSVLARFTHLQHD
EFQYVIEVNNTTGGNLMGTVRIFMAPKVDDNGQPMSFNKQRRLMIELDKFSQALRPGTNTIRRRSVDSSVTIPYERTFRN
QSERPGDPGTAGAAEFDFCGCGWPHHMLIPKGTAQGYPVVLFVMISNWNNDRIEQDLVGSCNDAASYCGIRDRKYPDKQA
MGYPFDRKMANDAATLSDFLRPNMAVRDCSIQFSDTTVERGQQG
;
B
#
# COMPACT_ATOMS: atom_id res chain seq x y z
N ASP A 2 -29.38 29.80 0.85
CA ASP A 2 -29.09 28.41 0.68
C ASP A 2 -28.06 28.14 -0.45
N ILE A 3 -27.67 29.13 -1.23
CA ILE A 3 -26.59 28.91 -2.13
C ILE A 3 -25.29 28.51 -1.44
N PHE A 4 -25.05 29.01 -0.25
CA PHE A 4 -23.81 28.65 0.46
C PHE A 4 -23.76 27.18 0.87
N ASP A 5 -24.92 26.60 1.21
CA ASP A 5 -25.06 25.16 1.42
C ASP A 5 -24.71 24.36 0.18
N SER A 6 -25.08 24.87 -1.00
CA SER A 6 -24.71 24.21 -2.27
C SER A 6 -23.21 24.19 -2.48
N PHE A 7 -22.53 25.32 -2.25
CA PHE A 7 -21.07 25.34 -2.31
C PHE A 7 -20.42 24.36 -1.33
N GLU A 8 -20.89 24.32 -0.09
CA GLU A 8 -20.35 23.37 0.89
C GLU A 8 -20.49 21.89 0.52
N LEU A 9 -21.56 21.58 -0.18
CA LEU A 9 -21.82 20.22 -0.62
C LEU A 9 -20.84 19.75 -1.70
N LEU A 10 -20.26 20.69 -2.45
CA LEU A 10 -19.33 20.28 -3.50
C LEU A 10 -18.06 19.69 -2.92
N TYR A 11 -17.88 19.77 -1.59
CA TYR A 11 -16.75 19.09 -0.92
C TYR A 11 -16.98 17.59 -0.68
N ASP A 12 -18.25 17.22 -0.58
CA ASP A 12 -18.66 15.91 -0.13
C ASP A 12 -18.23 14.75 -1.04
N ARG A 13 -17.84 13.63 -0.42
CA ARG A 13 -17.56 12.38 -1.15
C ARG A 13 -16.76 12.60 -2.44
N PRO A 14 -15.47 13.03 -2.32
CA PRO A 14 -14.72 13.49 -3.52
C PRO A 14 -14.59 12.43 -4.66
N GLY A 15 -14.57 11.13 -4.32
CA GLY A 15 -14.46 10.11 -5.36
C GLY A 15 -15.79 9.68 -5.99
N GLU A 16 -16.90 10.32 -5.63
CA GLU A 16 -18.21 10.02 -6.24
C GLU A 16 -18.48 11.02 -7.36
N PRO A 17 -19.14 10.57 -8.44
CA PRO A 17 -19.60 11.48 -9.50
C PRO A 17 -20.76 12.34 -8.98
N MET A 18 -21.16 13.35 -9.74
CA MET A 18 -22.30 14.17 -9.39
C MET A 18 -23.63 13.57 -9.89
N ILE A 19 -23.59 12.32 -10.36
CA ILE A 19 -24.79 11.59 -10.80
C ILE A 19 -25.76 11.35 -9.62
N ASN A 20 -25.21 10.89 -8.49
CA ASN A 20 -26.00 10.58 -7.30
C ASN A 20 -26.03 11.74 -6.29
N THR A 21 -26.81 11.59 -5.21
CA THR A 21 -26.95 12.66 -4.24
C THR A 21 -25.65 12.92 -3.45
N LYS A 22 -25.58 14.09 -2.84
CA LYS A 22 -24.49 14.44 -1.94
C LYS A 22 -25.02 14.89 -0.56
N GLY A 23 -24.18 14.71 0.47
CA GLY A 23 -24.50 15.12 1.83
C GLY A 23 -25.34 14.18 2.68
N GLU A 24 -25.23 14.36 4.01
CA GLU A 24 -26.06 13.63 4.97
C GLU A 24 -27.54 13.70 4.61
N ASP A 25 -27.93 14.83 4.01
CA ASP A 25 -29.37 15.11 3.75
C ASP A 25 -29.86 14.71 2.36
N LYS A 26 -29.03 14.00 1.59
CA LYS A 26 -29.42 13.46 0.27
C LYS A 26 -29.92 14.58 -0.64
N VAL A 27 -29.04 15.44 -1.07
CA VAL A 27 -29.35 16.54 -1.92
C VAL A 27 -28.88 16.23 -3.32
N LEU A 28 -29.72 16.43 -4.30
CA LEU A 28 -29.39 16.17 -5.69
C LEU A 28 -28.99 17.44 -6.41
N PHE A 29 -27.91 17.39 -7.15
CA PHE A 29 -27.64 18.36 -8.19
C PHE A 29 -28.31 17.95 -9.47
N GLU A 30 -29.20 18.80 -9.95
CA GLU A 30 -29.91 18.49 -11.18
C GLU A 30 -28.96 18.66 -12.36
N LEU A 31 -28.56 17.55 -12.97
CA LEU A 31 -27.66 17.64 -14.12
C LEU A 31 -28.34 17.93 -15.43
N THR A 32 -27.58 18.55 -16.33
CA THR A 32 -28.00 18.77 -17.69
C THR A 32 -26.91 18.19 -18.58
N GLU A 33 -27.18 18.20 -19.87
CA GLU A 33 -26.21 17.81 -20.88
C GLU A 33 -24.80 18.42 -20.74
N GLN A 34 -24.70 19.70 -20.36
CA GLN A 34 -23.37 20.37 -20.17
C GLN A 34 -22.49 19.75 -19.10
N PHE A 35 -23.12 19.05 -18.17
CA PHE A 35 -22.47 18.45 -17.02
C PHE A 35 -22.22 16.96 -17.10
N LEU A 36 -22.28 16.37 -18.28
CA LEU A 36 -21.97 14.96 -18.48
C LEU A 36 -20.50 14.68 -18.72
N THR A 37 -20.08 13.44 -18.57
CA THR A 37 -18.75 13.01 -18.95
C THR A 37 -18.84 11.80 -19.85
N PRO A 38 -17.78 11.46 -20.55
CA PRO A 38 -17.87 10.31 -21.46
C PRO A 38 -18.32 9.01 -20.78
N GLU A 39 -17.82 8.74 -19.61
CA GLU A 39 -18.30 7.66 -18.78
C GLU A 39 -19.81 7.55 -18.63
N TYR A 40 -20.49 8.68 -18.48
CA TYR A 40 -21.94 8.73 -18.33
C TYR A 40 -22.63 9.45 -19.49
N ALA A 41 -22.04 9.42 -20.69
CA ALA A 41 -22.58 10.22 -21.79
C ALA A 41 -24.00 9.80 -22.17
N ASN A 42 -24.27 8.49 -22.16
CA ASN A 42 -25.59 8.06 -22.63
C ASN A 42 -26.61 7.71 -21.55
N ASN A 43 -26.16 7.60 -20.30
CA ASN A 43 -27.03 7.15 -19.23
C ASN A 43 -27.06 8.11 -18.07
N GLY A 44 -26.21 9.11 -18.09
CA GLY A 44 -26.02 9.98 -16.97
C GLY A 44 -27.23 10.70 -16.46
N LEU A 45 -27.99 11.29 -17.37
CA LEU A 45 -29.14 12.05 -16.98
C LEU A 45 -30.24 11.15 -16.46
N GLU A 46 -30.44 10.01 -17.09
CA GLU A 46 -31.41 9.06 -16.59
C GLU A 46 -31.11 8.60 -15.19
N LEU A 47 -29.87 8.28 -14.98
CA LEU A 47 -29.41 7.85 -13.64
C LEU A 47 -29.61 8.95 -12.60
N ASN A 48 -29.23 10.17 -12.97
CA ASN A 48 -29.41 11.33 -12.08
C ASN A 48 -30.90 11.52 -11.78
N ASN A 49 -31.75 11.38 -12.80
CA ASN A 49 -33.20 11.44 -12.60
C ASN A 49 -33.64 10.38 -11.59
N ARG A 50 -33.20 9.13 -11.80
CA ARG A 50 -33.53 8.03 -10.87
C ARG A 50 -33.11 8.30 -9.40
N PHE A 51 -31.87 8.75 -9.19
CA PHE A 51 -31.42 9.07 -7.85
C PHE A 51 -32.25 10.19 -7.20
N GLY A 52 -32.63 11.22 -7.95
CA GLY A 52 -33.40 12.31 -7.34
C GLY A 52 -34.86 12.00 -7.06
N ASP A 53 -35.37 10.96 -7.72
CA ASP A 53 -36.74 10.48 -7.55
C ASP A 53 -36.96 9.57 -6.31
N GLU A 54 -35.87 9.16 -5.69
CA GLU A 54 -35.88 8.39 -4.48
C GLU A 54 -36.43 9.11 -3.26
N GLU A 55 -36.98 8.33 -2.36
CA GLU A 55 -37.84 8.78 -1.29
C GLU A 55 -37.20 9.79 -0.36
N GLU A 56 -35.98 9.52 0.05
CA GLU A 56 -35.32 10.30 1.08
C GLU A 56 -34.64 11.58 0.59
N VAL A 57 -34.74 11.91 -0.68
CA VAL A 57 -34.05 13.07 -1.24
C VAL A 57 -34.69 14.35 -0.65
N SER A 58 -33.87 15.18 -0.03
CA SER A 58 -34.38 16.36 0.66
C SER A 58 -34.73 17.54 -0.28
N ARG A 59 -33.91 17.77 -1.30
CA ARG A 59 -34.11 18.88 -2.25
C ARG A 59 -33.18 18.68 -3.46
N LYS A 60 -33.45 19.44 -4.52
CA LYS A 60 -32.68 19.34 -5.76
C LYS A 60 -32.21 20.72 -6.09
N ILE A 61 -30.94 20.79 -6.47
CA ILE A 61 -30.30 22.06 -6.83
C ILE A 61 -30.39 22.24 -8.34
N ILE A 62 -31.02 23.33 -8.77
CA ILE A 62 -31.07 23.67 -10.19
C ILE A 62 -29.88 24.57 -10.51
N LEU A 63 -29.11 24.21 -11.53
CA LEU A 63 -27.88 24.93 -11.83
C LEU A 63 -28.13 25.93 -12.97
N LYS A 64 -27.51 27.10 -12.91
CA LYS A 64 -27.62 28.08 -14.02
C LYS A 64 -26.84 27.53 -15.22
N ASN A 65 -27.42 27.67 -16.41
CA ASN A 65 -26.74 27.30 -17.66
C ASN A 65 -25.37 28.02 -17.77
N LEU A 66 -24.33 27.30 -18.21
CA LEU A 66 -23.04 27.94 -18.52
C LEU A 66 -23.04 28.49 -19.95
N ASP A 67 -22.91 29.79 -20.05
CA ASP A 67 -22.86 30.40 -21.35
C ASP A 67 -21.57 30.08 -22.10
N LYS A 68 -20.48 29.91 -21.37
CA LYS A 68 -19.22 29.43 -21.91
C LYS A 68 -18.58 28.32 -21.06
N ILE A 69 -18.22 27.23 -21.69
CA ILE A 69 -17.66 26.09 -21.01
C ILE A 69 -16.21 26.40 -20.59
N PRO A 70 -15.93 26.25 -19.32
CA PRO A 70 -14.58 26.45 -18.81
C PRO A 70 -13.60 25.59 -19.57
N GLU A 71 -12.42 26.12 -19.84
CA GLU A 71 -11.38 25.40 -20.53
C GLU A 71 -10.23 25.01 -19.58
N PHE A 72 -9.83 23.75 -19.61
CA PHE A 72 -8.78 23.25 -18.74
C PHE A 72 -7.72 22.45 -19.46
N PRO A 73 -7.09 22.98 -20.49
CA PRO A 73 -6.27 22.12 -21.32
C PRO A 73 -5.14 21.42 -20.57
N LYS A 74 -4.54 22.08 -19.57
CA LYS A 74 -3.48 21.43 -18.79
C LYS A 74 -4.07 20.46 -17.77
N ALA A 75 -5.10 20.90 -17.06
CA ALA A 75 -5.55 20.20 -15.85
C ALA A 75 -6.34 18.93 -16.18
N LYS A 76 -6.96 18.93 -17.35
CA LYS A 76 -7.69 17.76 -17.81
C LYS A 76 -6.74 16.58 -18.10
N GLN A 77 -5.45 16.82 -18.15
CA GLN A 77 -4.53 15.75 -18.34
C GLN A 77 -4.17 14.91 -17.13
N LEU A 78 -4.58 15.35 -15.97
CA LEU A 78 -4.36 14.54 -14.74
C LEU A 78 -5.49 13.55 -14.58
N PRO A 79 -5.21 12.23 -14.61
CA PRO A 79 -6.34 11.28 -14.48
C PRO A 79 -7.07 11.44 -13.14
N ASN A 80 -8.36 11.08 -13.10
CA ASN A 80 -9.13 11.14 -11.84
C ASN A 80 -8.61 10.18 -10.77
N ASP A 81 -7.90 9.15 -11.17
CA ASP A 81 -7.38 8.18 -10.20
C ASP A 81 -5.88 8.34 -9.96
N ALA A 82 -5.40 9.55 -10.16
CA ALA A 82 -4.02 9.91 -9.86
C ALA A 82 -3.94 10.72 -8.56
N ASP A 83 -2.76 10.69 -7.93
CA ASP A 83 -2.52 11.53 -6.74
C ASP A 83 -1.86 12.88 -7.13
N PHE A 84 -2.23 13.94 -6.42
CA PHE A 84 -1.89 15.30 -6.81
C PHE A 84 -0.90 15.94 -5.81
N SER A 85 0.14 16.56 -6.34
CA SER A 85 1.10 17.28 -5.49
C SER A 85 1.70 18.51 -6.17
N LEU A 86 1.65 19.65 -5.48
CA LEU A 86 2.27 20.89 -5.99
C LEU A 86 3.79 20.86 -6.12
N PHE A 87 4.47 19.89 -5.47
CA PHE A 87 5.91 19.73 -5.67
C PHE A 87 6.25 19.20 -7.05
N LEU A 88 5.23 18.76 -7.79
CA LEU A 88 5.44 18.34 -9.18
C LEU A 88 5.15 19.57 -10.06
N PRO A 89 6.15 20.08 -10.82
CA PRO A 89 5.92 21.26 -11.66
C PRO A 89 4.69 21.22 -12.59
N SER A 90 4.39 20.07 -13.19
CA SER A 90 3.19 19.96 -14.04
C SER A 90 1.88 20.12 -13.24
N HIS A 91 1.87 19.64 -12.01
CA HIS A 91 0.69 19.78 -11.16
C HIS A 91 0.48 21.21 -10.69
N GLN A 92 1.58 21.91 -10.36
CA GLN A 92 1.48 23.36 -10.08
C GLN A 92 0.85 24.18 -11.22
N GLU A 93 1.26 23.91 -12.46
CA GLU A 93 0.70 24.55 -13.65
C GLU A 93 -0.77 24.26 -13.80
N MET A 94 -1.16 23.02 -13.53
CA MET A 94 -2.57 22.65 -13.61
C MET A 94 -3.36 23.44 -12.57
N ALA A 95 -2.87 23.46 -11.33
CA ALA A 95 -3.52 24.21 -10.24
C ALA A 95 -3.68 25.72 -10.59
N ASN A 96 -2.63 26.35 -11.09
CA ASN A 96 -2.72 27.78 -11.47
C ASN A 96 -3.80 28.04 -12.55
N GLU A 97 -3.92 27.10 -13.50
CA GLU A 97 -4.93 27.16 -14.55
C GLU A 97 -6.35 27.12 -13.97
N VAL A 98 -6.61 26.18 -13.08
CA VAL A 98 -7.95 25.98 -12.54
C VAL A 98 -8.33 27.13 -11.59
N ILE A 99 -7.39 27.51 -10.70
CA ILE A 99 -7.60 28.66 -9.82
C ILE A 99 -7.94 29.91 -10.66
N ASP A 100 -7.20 30.13 -11.75
CA ASP A 100 -7.46 31.29 -12.62
C ASP A 100 -8.90 31.27 -13.16
N VAL A 101 -9.40 30.12 -13.56
CA VAL A 101 -10.76 30.00 -14.02
C VAL A 101 -11.78 30.34 -12.94
N LEU A 102 -11.59 29.80 -11.76
CA LEU A 102 -12.50 30.03 -10.68
C LEU A 102 -12.43 31.46 -10.15
N MET A 103 -11.26 32.05 -10.16
CA MET A 103 -11.08 33.40 -9.71
C MET A 103 -11.65 34.42 -10.71
N SER A 104 -11.70 34.06 -11.98
CA SER A 104 -12.16 34.95 -13.03
C SER A 104 -13.68 35.16 -13.11
N VAL A 105 -14.47 34.26 -12.52
CA VAL A 105 -15.92 34.46 -12.51
C VAL A 105 -16.25 35.84 -11.90
N THR A 106 -17.13 36.59 -12.57
CA THR A 106 -17.60 37.88 -12.11
C THR A 106 -17.99 37.87 -10.63
N GLU A 107 -17.43 38.85 -9.91
CA GLU A 107 -17.77 39.10 -8.51
C GLU A 107 -19.28 39.19 -8.29
N ASN A 108 -19.78 38.39 -7.32
CA ASN A 108 -21.20 38.35 -6.86
C ASN A 108 -22.11 37.57 -7.79
N GLN A 109 -21.58 36.96 -8.84
CA GLN A 109 -22.40 36.15 -9.75
C GLN A 109 -22.35 34.71 -9.25
N LEU A 110 -23.02 34.46 -8.14
CA LEU A 110 -22.80 33.20 -7.40
C LEU A 110 -23.44 31.97 -8.07
N GLN A 111 -24.55 32.14 -8.75
CA GLN A 111 -25.10 31.03 -9.53
C GLN A 111 -24.16 30.62 -10.67
N GLU A 112 -23.56 31.61 -11.35
CA GLU A 112 -22.53 31.33 -12.38
C GLU A 112 -21.29 30.68 -11.75
N LEU A 113 -20.85 31.20 -10.61
CA LEU A 113 -19.74 30.58 -9.91
C LEU A 113 -20.01 29.12 -9.55
N LEU A 114 -21.17 28.85 -8.95
CA LEU A 114 -21.52 27.48 -8.56
C LEU A 114 -21.53 26.52 -9.78
N SER A 115 -22.12 26.93 -10.89
CA SER A 115 -22.11 26.11 -12.10
C SER A 115 -20.70 25.85 -12.63
N THR A 116 -19.85 26.87 -12.55
CA THR A 116 -18.44 26.75 -12.95
C THR A 116 -17.68 25.75 -12.05
N CYS A 117 -17.98 25.79 -10.76
CA CYS A 117 -17.33 24.91 -9.80
C CYS A 117 -17.86 23.51 -9.95
N VAL A 118 -19.17 23.39 -10.17
CA VAL A 118 -19.76 22.06 -10.44
C VAL A 118 -19.07 21.44 -11.68
N TYR A 119 -18.95 22.23 -12.75
CA TYR A 119 -18.28 21.79 -13.99
C TYR A 119 -16.85 21.34 -13.70
N ALA A 120 -16.08 22.19 -13.01
CA ALA A 120 -14.71 21.85 -12.58
C ALA A 120 -14.67 20.53 -11.82
N ARG A 121 -15.54 20.38 -10.81
CA ARG A 121 -15.52 19.15 -10.03
C ARG A 121 -15.74 17.90 -10.89
N ILE A 122 -16.68 18.00 -11.81
CA ILE A 122 -17.12 16.87 -12.59
C ILE A 122 -16.00 16.47 -13.56
N ASN A 123 -15.29 17.46 -14.06
CA ASN A 123 -14.28 17.23 -15.10
C ASN A 123 -12.82 17.16 -14.65
N LEU A 124 -12.60 17.21 -13.35
CA LEU A 124 -11.22 17.23 -12.88
C LEU A 124 -10.95 16.18 -11.79
N ASN A 125 -9.66 15.87 -11.65
CA ASN A 125 -9.15 15.07 -10.55
C ASN A 125 -9.65 15.63 -9.20
N PRO A 126 -10.15 14.76 -8.32
CA PRO A 126 -10.75 15.22 -7.05
C PRO A 126 -9.79 15.93 -6.09
N GLN A 127 -8.51 15.53 -6.00
CA GLN A 127 -7.60 16.28 -5.12
C GLN A 127 -7.26 17.63 -5.69
N LEU A 128 -6.98 17.68 -6.99
CA LEU A 128 -6.79 18.93 -7.67
C LEU A 128 -8.00 19.87 -7.52
N PHE A 129 -9.20 19.36 -7.81
CA PHE A 129 -10.41 20.16 -7.63
C PHE A 129 -10.50 20.70 -6.19
N ASN A 130 -10.36 19.82 -5.18
CA ASN A 130 -10.53 20.23 -3.81
C ASN A 130 -9.56 21.38 -3.44
N TYR A 131 -8.29 21.25 -3.88
CA TYR A 131 -7.27 22.24 -3.55
C TYR A 131 -7.66 23.59 -4.21
N CYS A 132 -7.89 23.54 -5.53
CA CYS A 132 -8.17 24.79 -6.30
C CYS A 132 -9.44 25.51 -5.85
N TYR A 133 -10.48 24.74 -5.56
CA TYR A 133 -11.77 25.25 -5.11
C TYR A 133 -11.56 25.98 -3.77
N THR A 134 -10.82 25.36 -2.86
CA THR A 134 -10.54 25.92 -1.54
C THR A 134 -9.77 27.25 -1.68
N VAL A 135 -8.80 27.31 -2.60
CA VAL A 135 -7.96 28.49 -2.75
C VAL A 135 -8.87 29.61 -3.25
N ALA A 136 -9.74 29.28 -4.21
CA ALA A 136 -10.68 30.27 -4.77
C ALA A 136 -11.65 30.76 -3.67
N ILE A 137 -12.24 29.85 -2.90
CA ILE A 137 -13.17 30.20 -1.81
C ILE A 137 -12.49 31.13 -0.81
N MET A 138 -11.25 30.81 -0.45
CA MET A 138 -10.46 31.66 0.45
C MET A 138 -10.11 33.06 -0.06
N HIS A 139 -9.94 33.21 -1.38
CA HIS A 139 -9.42 34.46 -1.96
C HIS A 139 -10.43 35.34 -2.71
N ARG A 140 -11.59 34.79 -3.10
CA ARG A 140 -12.66 35.60 -3.70
C ARG A 140 -13.31 36.47 -2.61
N ARG A 141 -13.92 37.57 -3.05
CA ARG A 141 -14.60 38.45 -2.13
C ARG A 141 -16.07 38.11 -1.85
N ASP A 142 -16.65 37.17 -2.59
CA ASP A 142 -18.09 36.88 -2.46
C ASP A 142 -18.39 35.57 -1.72
N THR A 143 -17.33 34.80 -1.43
CA THR A 143 -17.47 33.45 -0.89
C THR A 143 -17.18 33.44 0.61
N GLY A 144 -17.22 34.62 1.22
CA GLY A 144 -16.93 34.77 2.64
C GLY A 144 -17.75 33.89 3.56
N LYS A 145 -19.00 33.61 3.15
CA LYS A 145 -19.93 32.84 3.95
C LYS A 145 -19.83 31.32 3.75
N VAL A 146 -19.00 30.85 2.81
CA VAL A 146 -18.80 29.42 2.58
C VAL A 146 -17.79 28.83 3.60
N ARG A 147 -18.18 27.80 4.34
CA ARG A 147 -17.24 27.04 5.13
C ARG A 147 -16.49 25.96 4.38
N VAL A 148 -15.20 26.13 4.29
CA VAL A 148 -14.35 25.11 3.75
C VAL A 148 -14.50 23.91 4.69
N GLN A 149 -14.88 22.76 4.11
CA GLN A 149 -15.16 21.55 4.90
C GLN A 149 -13.85 21.04 5.46
N ASN A 150 -13.91 20.54 6.68
CA ASN A 150 -12.75 19.99 7.39
C ASN A 150 -12.00 19.00 6.52
N TYR A 151 -10.71 19.23 6.33
CA TYR A 151 -9.94 18.43 5.36
C TYR A 151 -9.84 16.98 5.82
N ALA A 152 -9.81 16.75 7.13
CA ALA A 152 -9.73 15.38 7.63
C ALA A 152 -11.04 14.58 7.44
N GLU A 153 -12.18 15.27 7.42
CA GLU A 153 -13.48 14.66 7.09
C GLU A 153 -13.62 14.31 5.59
N ILE A 154 -13.01 15.10 4.72
CA ILE A 154 -13.10 14.96 3.27
C ILE A 154 -12.09 13.95 2.68
N PHE A 155 -10.85 14.01 3.18
CA PHE A 155 -9.76 13.10 2.78
C PHE A 155 -9.17 12.38 4.01
N PRO A 156 -9.96 11.55 4.67
CA PRO A 156 -9.55 10.95 5.92
C PRO A 156 -8.41 9.95 5.76
N ALA A 157 -8.24 9.42 4.58
CA ALA A 157 -7.14 8.56 4.26
C ALA A 157 -5.78 9.19 4.39
N LYS A 158 -5.72 10.51 4.30
CA LYS A 158 -4.53 11.26 4.55
C LYS A 158 -4.18 11.41 6.02
N PHE A 159 -5.05 10.93 6.89
CA PHE A 159 -4.95 11.14 8.31
C PHE A 159 -5.05 9.91 9.17
N LEU A 160 -5.47 8.81 8.58
CA LEU A 160 -5.90 7.62 9.30
C LEU A 160 -4.84 6.68 8.77
N ASP A 161 -4.65 5.57 9.43
CA ASP A 161 -4.47 4.14 9.24
C ASP A 161 -5.44 3.52 8.19
N SER A 162 -4.90 3.09 7.07
CA SER A 162 -5.65 2.40 6.05
C SER A 162 -6.58 1.31 6.58
N GLN A 163 -6.16 0.64 7.63
CA GLN A 163 -6.96 -0.45 8.16
C GLN A 163 -8.27 0.00 8.75
N VAL A 164 -8.49 1.30 8.88
CA VAL A 164 -9.79 1.78 9.44
C VAL A 164 -10.90 1.60 8.37
N PHE A 165 -10.52 1.53 7.10
CA PHE A 165 -11.52 1.75 6.08
C PHE A 165 -12.45 0.58 5.80
N THR A 166 -11.94 -0.65 5.81
CA THR A 166 -12.85 -1.78 5.59
C THR A 166 -13.80 -1.82 6.79
N GLN A 167 -13.29 -1.54 7.98
CA GLN A 167 -14.13 -1.48 9.19
C GLN A 167 -15.17 -0.38 9.10
N ALA A 168 -14.79 0.79 8.58
CA ALA A 168 -15.76 1.86 8.35
C ALA A 168 -16.87 1.48 7.37
N ARG A 169 -16.50 0.87 6.24
CA ARG A 169 -17.48 0.41 5.24
C ARG A 169 -18.41 -0.63 5.82
N GLU A 170 -17.88 -1.56 6.63
CA GLU A 170 -18.72 -2.53 7.33
C GLU A 170 -19.72 -1.87 8.28
N ALA A 171 -19.25 -0.94 9.11
CA ALA A 171 -20.10 -0.21 10.04
C ALA A 171 -21.27 0.53 9.34
N ALA A 172 -20.97 1.25 8.27
CA ALA A 172 -21.98 1.99 7.49
C ALA A 172 -22.99 1.06 6.80
N ALA A 173 -22.54 -0.13 6.41
CA ALA A 173 -23.38 -1.12 5.69
C ALA A 173 -24.26 -1.95 6.63
N VAL A 174 -23.70 -2.29 7.80
CA VAL A 174 -24.38 -3.18 8.75
C VAL A 174 -25.33 -2.43 9.66
N ILE A 175 -24.89 -1.28 10.18
CA ILE A 175 -25.73 -0.56 11.15
C ILE A 175 -26.48 0.58 10.44
N PRO A 176 -27.83 0.62 10.54
CA PRO A 176 -28.58 1.69 9.83
C PRO A 176 -28.19 3.08 10.31
N LYS A 177 -28.35 4.09 9.44
CA LYS A 177 -27.85 5.45 9.72
C LYS A 177 -28.52 6.12 10.92
N THR A 178 -29.69 5.60 11.32
CA THR A 178 -30.48 6.11 12.47
C THR A 178 -29.96 5.64 13.84
N ILE A 179 -29.00 4.72 13.84
CA ILE A 179 -28.49 4.10 15.06
C ILE A 179 -26.99 4.39 15.13
N PRO A 180 -26.49 4.92 16.27
CA PRO A 180 -25.06 5.25 16.37
C PRO A 180 -24.12 4.06 16.11
N ARG A 181 -23.05 4.29 15.33
CA ARG A 181 -22.03 3.28 15.10
C ARG A 181 -20.96 3.51 16.15
N THR A 182 -20.43 2.43 16.71
CA THR A 182 -19.35 2.52 17.72
C THR A 182 -18.08 3.08 17.08
N PRO A 183 -17.38 4.04 17.74
CA PRO A 183 -16.12 4.46 17.13
C PRO A 183 -15.15 3.32 16.83
N ILE A 184 -14.47 3.40 15.69
CA ILE A 184 -13.34 2.51 15.40
C ILE A 184 -12.07 3.05 16.10
N ILE A 185 -11.45 2.24 16.95
CA ILE A 185 -10.29 2.70 17.74
C ILE A 185 -9.02 2.59 16.89
N ILE A 186 -8.28 3.70 16.78
CA ILE A 186 -7.00 3.80 16.06
C ILE A 186 -5.93 3.47 17.08
N PRO A 187 -5.15 2.43 16.84
CA PRO A 187 -4.07 2.10 17.77
C PRO A 187 -3.05 3.21 17.92
N ARG A 188 -2.50 3.35 19.10
CA ARG A 188 -1.35 4.17 19.24
C ARG A 188 -0.17 3.82 18.35
N ASP A 189 0.15 2.55 18.27
CA ASP A 189 1.26 2.11 17.47
C ASP A 189 0.72 1.46 16.23
N TYR A 190 0.57 2.21 15.14
CA TYR A 190 0.23 1.56 13.89
C TYR A 190 1.28 1.70 12.78
N THR A 191 2.11 2.75 12.77
CA THR A 191 3.15 2.86 11.72
C THR A 191 4.38 2.05 12.05
N ALA A 192 4.56 1.77 13.33
CA ALA A 192 5.70 1.03 13.87
C ALA A 192 5.40 0.74 15.33
N THR A 193 6.29 -0.02 15.96
CA THR A 193 6.35 -0.05 17.42
C THR A 193 7.66 0.57 17.88
N ASP A 194 7.83 0.71 19.16
CA ASP A 194 9.09 1.18 19.71
C ASP A 194 10.36 0.35 19.49
N LEU A 195 10.27 -0.80 18.85
CA LEU A 195 11.42 -1.42 18.21
C LEU A 195 12.13 -0.52 17.23
N GLU A 196 11.37 0.37 16.64
CA GLU A 196 11.90 1.45 15.85
C GLU A 196 12.08 2.74 16.70
N GLU A 197 13.31 3.18 16.95
CA GLU A 197 13.48 4.31 17.88
C GLU A 197 12.70 5.56 17.47
N GLU A 198 12.65 5.82 16.17
CA GLU A 198 11.94 7.01 15.67
C GLU A 198 10.45 6.97 15.98
N HIS A 199 9.93 5.77 16.29
CA HIS A 199 8.51 5.59 16.59
C HIS A 199 8.09 6.30 17.89
N ARG A 200 9.05 6.55 18.79
CA ARG A 200 8.77 7.30 20.02
C ARG A 200 8.14 8.68 19.78
N LEU A 201 8.45 9.30 18.67
CA LEU A 201 7.82 10.54 18.29
C LEU A 201 6.53 10.48 17.49
N ALA A 202 6.05 9.29 17.21
CA ALA A 202 4.87 9.12 16.38
C ALA A 202 3.64 9.90 16.87
N TYR A 203 3.41 9.90 18.16
CA TYR A 203 2.28 10.66 18.75
C TYR A 203 2.26 12.13 18.27
N TRP A 204 3.43 12.71 18.07
CA TRP A 204 3.58 14.11 17.66
C TRP A 204 3.57 14.26 16.14
N ARG A 205 4.47 13.54 15.45
CA ARG A 205 4.60 13.55 13.98
CA ARG A 205 4.61 13.57 13.98
C ARG A 205 3.26 13.28 13.30
N GLU A 206 2.50 12.31 13.84
CA GLU A 206 1.29 11.87 13.16
C GLU A 206 0.02 12.56 13.67
N ASP A 207 0.20 13.53 14.57
CA ASP A 207 -0.92 14.20 15.18
C ASP A 207 -1.77 14.88 14.07
N LEU A 208 -3.08 14.64 14.12
CA LEU A 208 -4.01 15.18 13.13
C LEU A 208 -4.05 16.70 13.18
N GLY A 209 -4.05 17.28 14.40
CA GLY A 209 -4.07 18.74 14.54
C GLY A 209 -2.82 19.44 13.96
N ILE A 210 -1.66 18.86 14.19
CA ILE A 210 -0.41 19.39 13.66
C ILE A 210 -0.37 19.24 12.12
N ASN A 211 -0.80 18.09 11.62
CA ASN A 211 -0.76 17.89 10.14
C ASN A 211 -1.79 18.78 9.40
N LEU A 212 -2.93 18.95 10.01
CA LEU A 212 -3.96 19.91 9.54
C LEU A 212 -3.43 21.35 9.52
N HIS A 213 -2.79 21.77 10.60
CA HIS A 213 -2.17 23.10 10.61
C HIS A 213 -1.19 23.25 9.42
N HIS A 214 -0.36 22.23 9.23
CA HIS A 214 0.71 22.32 8.22
C HIS A 214 0.06 22.50 6.85
N TRP A 215 -0.95 21.68 6.59
CA TRP A 215 -1.72 21.80 5.38
C TRP A 215 -2.31 23.21 5.17
N HIS A 216 -2.99 23.76 6.19
CA HIS A 216 -3.61 25.08 6.09
C HIS A 216 -2.63 26.25 5.94
N TRP A 217 -1.48 26.15 6.60
CA TRP A 217 -0.42 27.16 6.43
C TRP A 217 -0.04 27.31 4.94
N HIS A 218 0.28 26.17 4.28
CA HIS A 218 0.68 26.18 2.86
C HIS A 218 -0.46 26.63 1.90
N LEU A 219 -1.70 26.35 2.30
CA LEU A 219 -2.90 26.88 1.65
C LEU A 219 -3.01 28.42 1.70
N VAL A 220 -2.70 29.00 2.86
CA VAL A 220 -2.75 30.46 3.04
C VAL A 220 -1.54 31.13 2.36
N TYR A 221 -0.39 30.45 2.40
CA TYR A 221 0.87 30.99 1.91
C TYR A 221 1.47 30.16 0.76
N PRO A 222 0.77 30.06 -0.37
CA PRO A 222 1.30 29.25 -1.48
C PRO A 222 2.59 29.85 -2.08
N PHE A 223 3.44 29.00 -2.65
CA PHE A 223 4.70 29.49 -3.24
C PHE A 223 4.49 29.94 -4.70
N SER A 224 3.41 29.50 -5.34
CA SER A 224 3.09 29.88 -6.71
C SER A 224 1.60 30.24 -6.89
N ALA A 225 1.31 31.09 -7.86
CA ALA A 225 -0.04 31.46 -8.34
C ALA A 225 0.19 32.21 -9.62
N SER A 226 -0.83 32.35 -10.49
CA SER A 226 -0.76 33.28 -11.61
C SER A 226 -0.90 34.71 -11.10
N ASP A 227 -1.79 34.90 -10.13
CA ASP A 227 -1.90 36.18 -9.41
C ASP A 227 -0.90 36.38 -8.25
N GLU A 228 0.14 37.15 -8.52
CA GLU A 228 1.17 37.44 -7.54
C GLU A 228 0.60 37.97 -6.26
N LYS A 229 -0.54 38.59 -6.35
CA LYS A 229 -1.18 39.04 -5.16
C LYS A 229 -1.53 37.96 -4.18
N ILE A 230 -1.83 36.78 -4.67
CA ILE A 230 -2.10 35.66 -3.81
C ILE A 230 -0.87 35.18 -3.01
N VAL A 231 0.27 35.23 -3.64
CA VAL A 231 1.51 34.76 -3.04
C VAL A 231 2.06 35.85 -2.13
N ALA A 232 2.01 37.11 -2.59
CA ALA A 232 2.74 38.19 -1.92
C ALA A 232 2.02 38.77 -0.70
N LYS A 233 1.73 37.92 0.26
CA LYS A 233 1.17 38.34 1.54
C LYS A 233 2.34 38.83 2.42
N ASP A 234 2.02 39.55 3.50
CA ASP A 234 3.03 40.35 4.19
C ASP A 234 4.07 39.45 4.83
N ARG A 235 5.31 39.68 4.51
CA ARG A 235 6.43 38.98 5.11
C ARG A 235 6.36 37.43 5.05
N ARG A 236 5.80 36.90 3.98
CA ARG A 236 5.66 35.48 3.85
C ARG A 236 6.95 34.67 3.81
N GLY A 237 7.98 35.20 3.20
CA GLY A 237 9.30 34.62 3.20
C GLY A 237 9.91 34.47 4.56
N GLU A 238 9.87 35.53 5.33
CA GLU A 238 10.28 35.49 6.73
C GLU A 238 9.42 34.52 7.55
N LEU A 239 8.13 34.51 7.29
CA LEU A 239 7.22 33.58 7.98
C LEU A 239 7.51 32.13 7.60
N PHE A 240 7.85 31.87 6.34
CA PHE A 240 8.27 30.54 5.92
C PHE A 240 9.45 30.09 6.81
N PHE A 241 10.44 30.98 6.98
CA PHE A 241 11.58 30.68 7.87
C PHE A 241 11.10 30.38 9.31
N TYR A 242 10.35 31.33 9.87
CA TYR A 242 10.03 31.33 11.28
C TYR A 242 9.15 30.16 11.70
N MET A 243 8.09 29.93 10.95
CA MET A 243 7.15 28.84 11.20
C MET A 243 7.91 27.49 11.20
N HIS A 244 8.72 27.25 10.16
CA HIS A 244 9.46 26.00 10.12
C HIS A 244 10.54 25.89 11.18
N GLN A 245 11.16 27.01 11.54
CA GLN A 245 12.18 27.06 12.61
C GLN A 245 11.53 26.63 13.92
N GLN A 246 10.32 27.15 14.16
CA GLN A 246 9.56 26.81 15.39
C GLN A 246 9.04 25.38 15.38
N ILE A 247 8.65 24.90 14.19
CA ILE A 247 8.31 23.46 14.07
C ILE A 247 9.53 22.59 14.47
N ILE A 248 10.71 22.95 13.97
CA ILE A 248 11.94 22.21 14.31
C ILE A 248 12.26 22.36 15.81
N ALA A 249 12.15 23.58 16.34
CA ALA A 249 12.31 23.78 17.81
C ALA A 249 11.34 22.90 18.62
N ARG A 250 10.05 22.88 18.26
CA ARG A 250 9.08 22.03 18.97
C ARG A 250 9.38 20.54 18.87
N TYR A 251 9.80 20.08 17.69
CA TYR A 251 10.10 18.67 17.45
C TYR A 251 11.34 18.30 18.27
N ASN A 252 12.31 19.21 18.33
CA ASN A 252 13.51 18.99 19.11
C ASN A 252 13.21 18.89 20.61
N CYS A 253 12.32 19.76 21.10
CA CYS A 253 11.85 19.64 22.49
C CYS A 253 11.29 18.24 22.73
N GLU A 254 10.45 17.77 21.82
CA GLU A 254 9.86 16.42 21.97
C GLU A 254 10.90 15.35 21.91
N ARG A 255 11.86 15.47 20.98
CA ARG A 255 12.95 14.48 20.89
C ARG A 255 13.71 14.34 22.22
N LEU A 256 14.05 15.47 22.84
CA LEU A 256 14.73 15.41 24.12
C LEU A 256 13.86 14.84 25.29
N CYS A 257 12.54 14.92 25.17
CA CYS A 257 11.61 14.26 26.11
C CYS A 257 11.50 12.74 25.88
N ASN A 258 12.09 12.25 24.80
CA ASN A 258 12.01 10.85 24.43
C ASN A 258 13.37 10.15 24.30
N SER A 259 14.36 10.63 25.04
CA SER A 259 15.70 10.02 25.01
C SER A 259 16.34 10.05 23.61
N LEU A 260 16.02 11.05 22.83
CA LEU A 260 16.61 11.16 21.54
C LEU A 260 17.34 12.51 21.46
N LYS A 261 18.15 12.69 20.45
CA LYS A 261 18.90 13.91 20.30
C LYS A 261 18.19 14.91 19.41
N ARG A 262 18.68 16.15 19.35
CA ARG A 262 18.28 17.07 18.30
C ARG A 262 18.40 16.47 16.91
N VAL A 263 17.43 16.74 16.06
CA VAL A 263 17.39 16.16 14.73
C VAL A 263 18.62 16.58 13.90
N LYS A 264 19.19 15.63 13.16
CA LYS A 264 20.39 15.87 12.37
C LYS A 264 20.01 16.40 10.99
N LYS A 265 20.58 17.53 10.58
CA LYS A 265 20.26 18.08 9.25
C LYS A 265 20.73 17.10 8.16
N PHE A 266 20.01 17.08 7.05
CA PHE A 266 20.40 16.32 5.86
C PHE A 266 21.12 17.29 4.94
N SER A 267 22.44 17.31 5.04
CA SER A 267 23.26 18.25 4.31
C SER A 267 24.24 17.54 3.35
N ASP A 268 24.56 16.27 3.60
CA ASP A 268 25.45 15.53 2.71
C ASP A 268 24.58 14.67 1.78
N TRP A 269 24.24 15.28 0.65
CA TRP A 269 23.14 14.83 -0.18
C TRP A 269 23.44 13.58 -1.03
N ARG A 270 24.71 13.16 -1.08
CA ARG A 270 25.02 11.87 -1.72
C ARG A 270 25.05 10.68 -0.77
N GLU A 271 24.86 10.89 0.53
CA GLU A 271 24.98 9.79 1.49
C GLU A 271 23.66 9.02 1.60
N PRO A 272 23.74 7.75 2.04
CA PRO A 272 22.50 7.03 2.28
C PRO A 272 21.74 7.61 3.48
N ILE A 273 20.44 7.40 3.48
CA ILE A 273 19.54 7.97 4.49
C ILE A 273 19.12 6.85 5.46
N PRO A 274 19.58 6.90 6.72
CA PRO A 274 19.28 5.81 7.66
C PRO A 274 17.79 5.66 8.09
N GLU A 275 17.01 6.74 8.03
CA GLU A 275 15.63 6.75 8.56
C GLU A 275 14.67 6.05 7.58
N ALA A 276 14.04 4.94 7.99
CA ALA A 276 12.95 4.35 7.20
C ALA A 276 11.61 4.94 7.64
N TYR A 277 10.56 4.77 6.82
CA TYR A 277 9.21 5.11 7.29
C TYR A 277 8.18 4.40 6.41
N TYR A 278 7.28 3.68 7.08
CA TYR A 278 6.20 2.91 6.41
C TYR A 278 4.89 3.55 6.91
N PRO A 279 4.31 4.50 6.13
CA PRO A 279 3.23 5.35 6.66
C PRO A 279 1.88 4.70 6.89
N LYS A 280 1.61 3.53 6.31
CA LYS A 280 0.31 2.81 6.47
C LYS A 280 -0.88 3.55 5.85
N LEU A 281 -0.62 4.48 4.96
CA LEU A 281 -1.71 5.25 4.34
C LEU A 281 -1.96 4.74 2.93
N ASP A 282 -3.24 4.62 2.58
CA ASP A 282 -3.59 4.23 1.21
C ASP A 282 -4.43 5.36 0.63
N SER A 283 -4.26 5.66 -0.66
CA SER A 283 -5.09 6.69 -1.27
C SER A 283 -6.45 6.10 -1.67
N LEU A 284 -7.55 6.72 -1.23
CA LEU A 284 -8.87 6.29 -1.70
C LEU A 284 -9.14 6.78 -3.14
N THR A 285 -8.36 7.74 -3.61
CA THR A 285 -8.49 8.29 -4.96
C THR A 285 -7.82 7.36 -5.98
N SER A 286 -6.62 6.90 -5.65
CA SER A 286 -5.80 6.16 -6.58
C SER A 286 -5.72 4.65 -6.34
N ALA A 287 -6.19 4.19 -5.20
CA ALA A 287 -6.09 2.83 -4.74
C ALA A 287 -4.69 2.34 -4.44
N ARG A 288 -3.75 3.26 -4.30
CA ARG A 288 -2.34 2.93 -4.17
C ARG A 288 -1.88 3.26 -2.76
N GLY A 289 -1.02 2.42 -2.20
CA GLY A 289 -0.32 2.75 -1.00
C GLY A 289 0.69 3.84 -1.29
N TRP A 290 0.83 4.79 -0.41
CA TRP A 290 1.88 5.80 -0.53
C TRP A 290 3.21 5.07 -0.35
N PRO A 291 4.08 5.13 -1.36
CA PRO A 291 5.27 4.27 -1.25
C PRO A 291 6.14 4.61 -0.02
N PRO A 292 6.60 3.58 0.69
CA PRO A 292 7.37 3.79 1.89
C PRO A 292 8.83 4.06 1.54
N ARG A 293 9.64 4.22 2.57
CA ARG A 293 11.08 4.37 2.35
C ARG A 293 11.78 3.36 3.25
N GLN A 294 12.58 2.46 2.67
CA GLN A 294 13.43 1.51 3.43
C GLN A 294 14.67 2.29 3.90
N ALA A 295 15.36 1.76 4.92
CA ALA A 295 16.63 2.39 5.41
C ALA A 295 17.68 2.30 4.32
N GLY A 296 18.58 3.28 4.26
CA GLY A 296 19.73 3.20 3.38
C GLY A 296 19.57 3.60 1.92
N MET A 297 18.45 4.23 1.60
CA MET A 297 18.27 4.71 0.22
C MET A 297 19.03 6.01 0.03
N ARG A 298 19.27 6.36 -1.22
CA ARG A 298 19.88 7.65 -1.52
C ARG A 298 19.15 8.39 -2.63
N TRP A 299 19.34 9.70 -2.66
CA TRP A 299 18.77 10.53 -3.71
C TRP A 299 19.33 10.03 -5.04
N GLN A 300 18.46 10.07 -6.05
CA GLN A 300 18.83 9.77 -7.43
C GLN A 300 18.27 10.84 -8.36
N ASP A 301 19.00 11.16 -9.44
CA ASP A 301 18.53 12.11 -10.42
C ASP A 301 17.08 11.78 -10.85
N LEU A 302 16.26 12.82 -10.93
CA LEU A 302 14.83 12.63 -11.30
C LEU A 302 14.63 12.81 -12.80
N LYS A 303 14.00 11.82 -13.43
CA LYS A 303 13.66 11.88 -14.85
C LYS A 303 12.23 11.41 -14.97
N ARG A 304 11.31 12.31 -14.66
CA ARG A 304 9.89 11.98 -14.68
C ARG A 304 9.20 13.11 -15.48
N PRO A 305 9.33 13.05 -16.82
CA PRO A 305 8.85 14.20 -17.63
C PRO A 305 7.34 14.46 -17.52
N VAL A 306 6.56 13.43 -17.31
CA VAL A 306 5.12 13.58 -17.04
C VAL A 306 4.83 14.44 -15.79
N ASP A 307 5.67 14.31 -14.75
CA ASP A 307 5.54 15.16 -13.56
C ASP A 307 6.16 16.55 -13.74
N GLY A 308 6.89 16.75 -14.82
CA GLY A 308 7.65 17.98 -15.00
C GLY A 308 8.94 17.98 -14.17
N LEU A 309 9.45 16.80 -13.80
CA LEU A 309 10.64 16.71 -12.93
C LEU A 309 11.77 16.19 -13.76
N ASN A 310 12.76 17.04 -14.02
CA ASN A 310 13.95 16.68 -14.78
C ASN A 310 15.10 17.47 -14.12
N VAL A 311 15.68 16.88 -13.08
CA VAL A 311 16.61 17.60 -12.20
C VAL A 311 17.59 16.60 -11.60
N THR A 312 18.86 17.02 -11.51
CA THR A 312 19.92 16.17 -11.02
C THR A 312 20.45 16.62 -9.66
N ILE A 313 21.13 15.71 -8.98
CA ILE A 313 21.85 16.10 -7.79
C ILE A 313 22.88 17.18 -8.07
N ASP A 314 23.58 17.08 -9.20
CA ASP A 314 24.47 18.14 -9.64
C ASP A 314 23.79 19.51 -9.67
N ASP A 315 22.60 19.58 -10.27
CA ASP A 315 21.78 20.83 -10.24
C ASP A 315 21.54 21.38 -8.82
N MET A 316 21.07 20.52 -7.92
CA MET A 316 20.80 20.90 -6.52
C MET A 316 22.05 21.49 -5.85
N GLU A 317 23.20 20.83 -6.06
CA GLU A 317 24.47 21.27 -5.48
C GLU A 317 24.91 22.65 -6.04
N ARG A 318 24.68 22.88 -7.35
CA ARG A 318 24.91 24.19 -7.98
C ARG A 318 24.02 25.27 -7.33
N TYR A 319 22.71 25.01 -7.21
CA TYR A 319 21.80 25.98 -6.61
C TYR A 319 22.23 26.33 -5.18
N ARG A 320 22.55 25.31 -4.40
CA ARG A 320 23.00 25.48 -3.03
C ARG A 320 24.31 26.28 -2.94
N ARG A 321 25.26 26.02 -3.82
CA ARG A 321 26.48 26.86 -3.90
C ARG A 321 26.14 28.33 -4.12
N ASN A 322 25.18 28.59 -5.00
CA ASN A 322 24.78 29.96 -5.31
C ASN A 322 24.13 30.67 -4.12
N ILE A 323 23.24 29.99 -3.42
CA ILE A 323 22.62 30.50 -2.20
C ILE A 323 23.65 30.77 -1.10
N GLU A 324 24.58 29.81 -0.90
CA GLU A 324 25.62 29.95 0.11
C GLU A 324 26.54 31.14 -0.20
N GLU A 325 26.80 31.36 -1.49
CA GLU A 325 27.58 32.52 -1.94
C GLU A 325 26.87 33.87 -1.66
N ALA A 326 25.55 33.93 -1.89
CA ALA A 326 24.71 35.08 -1.56
C ALA A 326 24.78 35.40 -0.07
N ILE A 327 24.72 34.36 0.77
CA ILE A 327 24.80 34.54 2.21
C ILE A 327 26.21 35.03 2.61
N ALA A 328 27.25 34.45 1.99
CA ALA A 328 28.64 34.73 2.30
C ALA A 328 29.02 36.16 1.89
N THR A 329 28.45 36.65 0.80
CA THR A 329 28.74 38.03 0.34
C THR A 329 27.73 39.07 0.82
N GLY A 330 26.54 38.63 1.20
CA GLY A 330 25.45 39.53 1.55
C GLY A 330 24.65 40.04 0.37
N ASN A 331 25.02 39.63 -0.85
CA ASN A 331 24.35 40.13 -2.06
C ASN A 331 23.70 39.05 -2.89
N VAL A 332 22.50 39.32 -3.39
CA VAL A 332 21.90 38.43 -4.39
C VAL A 332 22.19 38.97 -5.78
N ILE A 333 22.43 38.06 -6.71
CA ILE A 333 22.64 38.45 -8.08
C ILE A 333 21.31 38.37 -8.86
N LEU A 334 20.93 39.49 -9.48
CA LEU A 334 19.72 39.58 -10.27
C LEU A 334 19.97 39.11 -11.73
N PRO A 335 18.89 38.83 -12.49
CA PRO A 335 19.03 38.41 -13.89
C PRO A 335 19.84 39.34 -14.79
N ASP A 336 19.81 40.65 -14.51
CA ASP A 336 20.65 41.59 -15.28
C ASP A 336 22.08 41.72 -14.77
N LYS A 337 22.45 40.89 -13.79
CA LYS A 337 23.80 40.84 -13.19
C LYS A 337 24.07 41.92 -12.13
N SER A 338 23.13 42.84 -11.95
CA SER A 338 23.19 43.77 -10.82
C SER A 338 22.94 43.04 -9.48
N THR A 339 23.35 43.64 -8.37
CA THR A 339 23.17 43.01 -7.06
C THR A 339 22.17 43.77 -6.17
N LYS A 340 21.73 43.11 -5.13
CA LYS A 340 20.82 43.65 -4.18
C LYS A 340 21.16 43.03 -2.84
N LYS A 341 21.03 43.77 -1.76
CA LYS A 341 21.35 43.28 -0.43
C LYS A 341 20.38 42.19 0.05
N LEU A 342 20.91 41.09 0.54
CA LEU A 342 20.08 39.97 1.01
C LEU A 342 19.39 40.29 2.35
N ASP A 343 18.08 40.06 2.44
CA ASP A 343 17.39 40.07 3.76
C ASP A 343 16.63 38.75 4.01
N ILE A 344 16.09 38.57 5.24
CA ILE A 344 15.54 37.24 5.65
C ILE A 344 14.30 36.91 4.80
N ASP A 345 13.49 37.92 4.49
CA ASP A 345 12.29 37.71 3.66
C ASP A 345 12.64 37.19 2.25
N MET A 346 13.58 37.88 1.61
CA MET A 346 14.12 37.49 0.32
C MET A 346 14.71 36.07 0.34
N LEU A 347 15.55 35.79 1.35
CA LEU A 347 16.13 34.44 1.49
C LEU A 347 15.07 33.34 1.62
N GLY A 348 13.99 33.61 2.36
CA GLY A 348 12.85 32.67 2.49
C GLY A 348 12.27 32.38 1.12
N ASN A 349 12.03 33.45 0.35
CA ASN A 349 11.52 33.29 -1.01
C ASN A 349 12.50 32.61 -1.98
N MET A 350 13.81 32.86 -1.82
CA MET A 350 14.82 32.21 -2.65
C MET A 350 14.93 30.72 -2.34
N MET A 351 14.73 30.36 -1.09
CA MET A 351 14.92 29.01 -0.62
C MET A 351 13.77 28.06 -0.93
N GLU A 352 12.55 28.58 -0.88
CA GLU A 352 11.38 27.75 -0.94
C GLU A 352 11.31 26.86 -2.16
N ALA A 353 11.54 27.36 -3.35
CA ALA A 353 11.34 28.74 -3.79
C ALA A 353 9.91 29.18 -4.09
N SER A 354 9.64 30.46 -3.88
CA SER A 354 8.45 31.13 -4.38
C SER A 354 8.65 31.91 -5.69
N VAL A 355 7.56 32.27 -6.32
CA VAL A 355 7.61 33.16 -7.50
C VAL A 355 8.15 34.54 -7.17
N LEU A 356 8.32 34.83 -5.87
CA LEU A 356 8.93 36.09 -5.41
C LEU A 356 10.46 36.05 -5.32
N SER A 357 11.08 34.89 -5.55
CA SER A 357 12.53 34.79 -5.66
C SER A 357 13.07 35.82 -6.63
N PRO A 358 14.17 36.46 -6.31
CA PRO A 358 14.74 37.45 -7.19
C PRO A 358 15.46 36.87 -8.38
N ASN A 359 15.80 35.60 -8.34
CA ASN A 359 16.50 35.01 -9.45
C ASN A 359 16.40 33.49 -9.44
N ARG A 360 15.34 33.02 -10.03
CA ARG A 360 14.98 31.66 -9.96
C ARG A 360 15.88 30.84 -10.85
N ASP A 361 16.26 31.40 -11.98
CA ASP A 361 17.23 30.77 -12.85
C ASP A 361 18.51 30.40 -12.12
N LEU A 362 18.97 31.27 -11.26
CA LEU A 362 20.27 31.09 -10.57
C LEU A 362 20.20 30.30 -9.26
N TYR A 363 19.12 30.52 -8.49
CA TYR A 363 19.01 29.98 -7.13
C TYR A 363 18.10 28.76 -7.06
N GLY A 364 17.41 28.49 -8.18
CA GLY A 364 16.56 27.31 -8.32
C GLY A 364 15.39 27.27 -7.33
N SER A 365 15.02 26.06 -6.90
CA SER A 365 13.95 25.91 -5.89
C SER A 365 14.33 24.78 -4.97
N ILE A 366 15.29 25.05 -4.09
CA ILE A 366 15.94 23.96 -3.38
C ILE A 366 15.00 23.21 -2.45
N HIS A 367 14.24 23.93 -1.59
CA HIS A 367 13.43 23.25 -0.58
C HIS A 367 12.35 22.36 -1.25
N ASN A 368 11.61 22.92 -2.20
CA ASN A 368 10.62 22.10 -2.96
C ASN A 368 11.25 20.87 -3.64
N ASN A 369 12.43 21.03 -4.23
CA ASN A 369 13.04 19.86 -4.84
C ASN A 369 13.58 18.86 -3.84
N MET A 370 13.92 19.29 -2.62
CA MET A 370 14.33 18.33 -1.57
C MET A 370 13.21 17.33 -1.26
N HIS A 371 11.98 17.83 -1.26
CA HIS A 371 10.79 17.05 -1.09
C HIS A 371 10.60 16.07 -2.20
N SER A 372 10.72 16.55 -3.42
CA SER A 372 10.68 15.70 -4.59
C SER A 372 11.67 14.55 -4.61
N PHE A 373 12.94 14.87 -4.54
CA PHE A 373 13.98 13.89 -4.52
C PHE A 373 13.70 12.85 -3.46
N SER A 374 13.33 13.31 -2.28
CA SER A 374 13.14 12.42 -1.13
C SER A 374 11.88 11.54 -1.28
N ALA A 375 10.88 12.00 -2.00
CA ALA A 375 9.62 11.28 -2.21
C ALA A 375 9.66 10.23 -3.33
N TYR A 376 10.71 10.24 -4.16
CA TYR A 376 10.79 9.38 -5.34
C TYR A 376 12.01 8.46 -5.42
N MET A 377 12.66 8.20 -4.29
CA MET A 377 13.85 7.34 -4.30
C MET A 377 13.60 5.91 -4.76
N HIS A 378 12.34 5.46 -4.64
CA HIS A 378 11.94 4.11 -5.07
C HIS A 378 11.68 4.05 -6.60
N ASP A 379 11.46 5.21 -7.23
CA ASP A 379 11.09 5.23 -8.65
C ASP A 379 11.49 6.58 -9.29
N PRO A 380 12.80 6.91 -9.30
CA PRO A 380 13.22 8.23 -9.79
C PRO A 380 13.04 8.48 -11.29
N GLU A 381 12.90 7.41 -12.09
CA GLU A 381 12.70 7.56 -13.52
C GLU A 381 11.39 6.94 -14.04
N HIS A 382 10.44 6.71 -13.13
CA HIS A 382 9.11 6.14 -13.47
C HIS A 382 9.16 4.69 -14.09
N ARG A 383 10.23 3.96 -13.84
CA ARG A 383 10.32 2.61 -14.31
C ARG A 383 9.25 1.71 -13.76
N TYR A 384 8.81 2.01 -12.55
CA TYR A 384 7.88 1.17 -11.80
C TYR A 384 6.46 1.67 -11.78
N LEU A 385 6.15 2.75 -12.52
CA LEU A 385 4.79 3.29 -12.55
C LEU A 385 4.25 3.62 -11.14
N GLU A 386 5.13 4.08 -10.28
CA GLU A 386 4.76 4.48 -8.92
C GLU A 386 4.75 6.01 -8.77
N SER A 387 4.01 6.46 -7.75
CA SER A 387 3.88 7.85 -7.38
C SER A 387 4.77 8.22 -6.17
N PHE A 388 4.55 9.42 -5.63
CA PHE A 388 5.40 10.01 -4.56
C PHE A 388 5.07 9.50 -3.13
N GLY A 389 6.08 9.46 -2.26
CA GLY A 389 5.86 9.16 -0.84
C GLY A 389 5.19 10.30 -0.11
N VAL A 390 4.86 10.07 1.16
CA VAL A 390 4.13 11.06 1.99
C VAL A 390 4.87 12.44 2.14
N ILE A 391 6.17 12.41 2.05
CA ILE A 391 6.96 13.63 2.18
C ILE A 391 6.56 14.68 1.10
N ALA A 392 5.94 14.26 0.00
CA ALA A 392 5.50 15.18 -1.07
C ALA A 392 4.07 15.71 -1.00
N ASP A 393 3.39 15.57 0.13
CA ASP A 393 2.03 16.08 0.27
C ASP A 393 2.00 16.86 1.58
N GLU A 394 1.54 18.10 1.53
CA GLU A 394 1.64 18.98 2.71
CA GLU A 394 1.62 19.00 2.70
C GLU A 394 0.80 18.51 3.89
N ALA A 395 -0.22 17.69 3.62
CA ALA A 395 -1.09 17.19 4.67
C ALA A 395 -0.48 15.98 5.40
N THR A 396 0.46 15.34 4.76
CA THR A 396 1.06 14.10 5.26
C THR A 396 2.57 14.17 5.61
N THR A 397 3.27 15.15 5.07
CA THR A 397 4.68 15.32 5.15
C THR A 397 5.27 15.27 6.55
N MET A 398 4.64 15.96 7.49
CA MET A 398 5.07 15.97 8.87
C MET A 398 5.08 14.62 9.58
N ARG A 399 4.34 13.64 9.06
CA ARG A 399 4.40 12.24 9.57
C ARG A 399 5.77 11.61 9.41
N ASP A 400 6.51 12.00 8.37
CA ASP A 400 7.76 11.31 8.04
C ASP A 400 8.96 11.89 8.85
N PRO A 401 9.71 11.06 9.59
CA PRO A 401 10.93 11.54 10.28
C PRO A 401 11.88 12.32 9.39
N PHE A 402 11.95 11.97 8.10
CA PHE A 402 12.87 12.65 7.19
C PHE A 402 12.47 14.13 6.87
N PHE A 403 11.18 14.43 6.92
CA PHE A 403 10.74 15.84 6.85
C PHE A 403 11.59 16.73 7.74
N TYR A 404 11.87 16.28 8.98
CA TYR A 404 12.61 17.08 9.97
C TYR A 404 14.09 17.25 9.63
N ARG A 405 14.69 16.22 9.04
CA ARG A 405 16.07 16.32 8.54
C ARG A 405 16.16 17.35 7.39
N VAL A 406 15.20 17.30 6.48
CA VAL A 406 15.12 18.30 5.39
C VAL A 406 15.02 19.72 6.01
N HIS A 407 14.09 19.90 6.94
CA HIS A 407 13.87 21.21 7.50
C HIS A 407 14.93 21.67 8.48
N ALA A 408 15.59 20.72 9.17
CA ALA A 408 16.79 21.07 9.93
C ALA A 408 17.85 21.69 9.02
N TRP A 409 18.04 21.15 7.81
CA TRP A 409 19.02 21.77 6.91
C TRP A 409 18.59 23.17 6.40
N VAL A 410 17.33 23.27 5.98
CA VAL A 410 16.79 24.56 5.54
C VAL A 410 16.92 25.59 6.69
N ASP A 411 16.57 25.19 7.92
CA ASP A 411 16.72 26.07 9.08
C ASP A 411 18.19 26.43 9.31
N ASP A 412 19.09 25.46 9.17
CA ASP A 412 20.52 25.74 9.27
C ASP A 412 21.03 26.79 8.26
N ILE A 413 20.48 26.76 7.06
CA ILE A 413 20.73 27.79 6.04
C ILE A 413 20.28 29.18 6.52
N PHE A 414 19.05 29.26 7.01
CA PHE A 414 18.56 30.51 7.57
C PHE A 414 19.39 31.01 8.78
N GLN A 415 19.80 30.07 9.64
CA GLN A 415 20.61 30.40 10.82
C GLN A 415 22.00 30.90 10.39
N SER A 416 22.55 30.33 9.32
CA SER A 416 23.86 30.81 8.83
C SER A 416 23.76 32.30 8.41
N PHE A 417 22.60 32.68 7.88
CA PHE A 417 22.33 34.07 7.53
C PHE A 417 22.21 34.89 8.83
N LYS A 418 21.41 34.40 9.81
CA LYS A 418 21.20 35.13 11.10
C LYS A 418 22.47 35.30 11.92
N GLU A 419 23.40 34.36 11.75
CA GLU A 419 24.65 34.31 12.52
C GLU A 419 25.79 35.04 11.83
N ALA A 420 25.52 35.62 10.67
CA ALA A 420 26.59 36.25 9.90
C ALA A 420 26.49 37.76 10.14
N PRO A 421 27.51 38.34 10.81
CA PRO A 421 27.46 39.75 11.24
C PRO A 421 27.27 40.75 10.09
N HIS A 422 27.78 40.42 8.90
CA HIS A 422 27.60 41.28 7.73
C HIS A 422 26.15 41.23 7.18
N ASN A 423 25.38 40.21 7.59
CA ASN A 423 23.96 40.09 7.18
C ASN A 423 22.98 40.61 8.26
N VAL A 424 23.23 40.22 9.49
CA VAL A 424 22.32 40.45 10.61
C VAL A 424 23.16 40.82 11.84
N ARG A 425 22.82 41.95 12.44
CA ARG A 425 23.48 42.41 13.62
C ARG A 425 22.74 42.01 14.91
N PRO A 426 23.50 41.49 15.91
CA PRO A 426 22.88 41.23 17.22
C PRO A 426 22.11 42.46 17.72
N TYR A 427 21.04 42.24 18.44
CA TYR A 427 20.30 43.33 19.03
C TYR A 427 21.15 44.18 20.01
N SER A 428 20.97 45.50 19.94
CA SER A 428 21.62 46.38 20.88
C SER A 428 20.77 46.46 22.14
N ARG A 429 21.35 47.04 23.19
CA ARG A 429 20.62 47.23 24.43
C ARG A 429 19.33 48.00 24.15
N SER A 430 19.40 49.05 23.32
CA SER A 430 18.23 49.88 23.05
C SER A 430 17.16 49.12 22.29
N GLN A 431 17.53 48.08 21.52
CA GLN A 431 16.52 47.22 20.92
C GLN A 431 15.86 46.19 21.83
N LEU A 432 16.50 45.85 22.95
CA LEU A 432 16.02 44.82 23.87
C LEU A 432 15.30 45.38 25.09
N GLU A 433 15.70 46.59 25.53
CA GLU A 433 15.23 47.18 26.76
C GLU A 433 13.84 47.71 26.67
N ASN A 434 13.27 48.00 27.84
CA ASN A 434 12.01 48.70 27.93
C ASN A 434 12.09 49.54 29.20
N PRO A 435 12.66 50.74 29.07
CA PRO A 435 13.00 51.59 30.21
C PRO A 435 11.83 51.77 31.19
N GLY A 436 12.09 51.48 32.46
CA GLY A 436 11.10 51.68 33.51
C GLY A 436 10.24 50.45 33.82
N VAL A 437 10.40 49.39 33.03
CA VAL A 437 9.59 48.18 33.19
C VAL A 437 10.43 47.06 33.81
N GLN A 438 10.08 46.65 35.03
CA GLN A 438 10.84 45.64 35.75
C GLN A 438 9.96 44.45 36.09
N VAL A 439 10.21 43.33 35.42
CA VAL A 439 9.54 42.06 35.70
C VAL A 439 10.06 41.56 37.04
N THR A 440 9.17 41.35 38.00
CA THR A 440 9.60 40.95 39.34
C THR A 440 9.35 39.46 39.62
N SER A 441 8.37 38.87 38.94
CA SER A 441 8.19 37.43 39.03
C SER A 441 7.39 36.93 37.86
N VAL A 442 7.64 35.66 37.56
CA VAL A 442 6.88 34.94 36.56
C VAL A 442 6.55 33.57 37.14
N ALA A 443 5.31 33.14 36.97
CA ALA A 443 4.86 31.84 37.40
C ALA A 443 3.88 31.25 36.39
N VAL A 444 3.69 29.94 36.45
CA VAL A 444 2.52 29.31 35.85
C VAL A 444 1.77 28.66 36.98
N GLU A 445 0.45 28.68 36.87
CA GLU A 445 -0.44 28.05 37.85
C GLU A 445 -1.56 27.27 37.16
N SER A 446 -1.96 26.17 37.78
CA SER A 446 -2.92 25.24 37.20
C SER A 446 -4.05 25.05 38.22
N ALA A 447 -5.31 25.03 37.78
CA ALA A 447 -6.41 24.60 38.67
C ALA A 447 -6.20 23.12 38.97
N GLY A 448 -6.09 22.78 40.24
CA GLY A 448 -5.83 21.39 40.65
C GLY A 448 -4.35 21.04 40.56
N GLY A 449 -3.52 22.04 40.27
CA GLY A 449 -2.10 21.82 40.01
C GLY A 449 -1.11 22.51 40.96
N GLN A 450 0.18 22.29 40.79
CA GLN A 450 1.13 22.99 41.62
C GLN A 450 1.56 24.25 40.87
N GLN A 451 1.95 25.31 41.56
CA GLN A 451 2.85 26.33 41.05
C GLN A 451 4.06 25.89 40.24
N ASN A 452 4.18 26.39 39.03
CA ASN A 452 5.33 26.07 38.13
C ASN A 452 5.46 24.64 37.65
N VAL A 453 4.30 23.97 37.48
CA VAL A 453 4.21 22.63 36.92
C VAL A 453 3.16 22.67 35.83
N LEU A 454 3.51 22.18 34.63
CA LEU A 454 2.57 21.90 33.57
C LEU A 454 2.33 20.38 33.53
N ASN A 455 1.05 19.98 33.41
CA ASN A 455 0.65 18.57 33.48
C ASN A 455 0.07 18.12 32.14
N THR A 456 0.64 17.06 31.57
CA THR A 456 0.18 16.54 30.29
C THR A 456 -0.43 15.17 30.55
N PHE A 457 -1.21 14.69 29.57
CA PHE A 457 -1.89 13.39 29.66
C PHE A 457 -2.29 13.01 28.24
N TRP A 458 -2.95 11.86 28.09
CA TRP A 458 -3.39 11.38 26.78
C TRP A 458 -4.92 11.46 26.71
N MET A 459 -5.44 11.84 25.54
CA MET A 459 -6.87 11.96 25.31
C MET A 459 -7.29 11.20 24.04
N GLN A 460 -8.47 10.58 24.09
CA GLN A 460 -9.06 9.99 22.88
C GLN A 460 -10.20 10.86 22.35
N SER A 461 -10.09 11.25 21.09
CA SER A 461 -11.07 12.11 20.45
C SER A 461 -11.60 11.44 19.21
N ASP A 462 -12.82 11.78 18.82
CA ASP A 462 -13.47 11.19 17.63
C ASP A 462 -13.46 12.16 16.43
N VAL A 463 -13.20 11.64 15.23
CA VAL A 463 -13.40 12.38 13.97
C VAL A 463 -14.38 11.57 13.12
N ASN A 464 -15.26 12.27 12.42
CA ASN A 464 -16.26 11.62 11.55
C ASN A 464 -15.65 11.47 10.15
N LEU A 465 -15.52 10.24 9.68
CA LEU A 465 -15.00 10.02 8.33
C LEU A 465 -16.08 9.80 7.24
N SER A 466 -17.36 9.91 7.62
CA SER A 466 -18.44 9.59 6.67
C SER A 466 -18.39 10.37 5.33
N LYS A 467 -18.09 11.67 5.38
CA LYS A 467 -18.13 12.49 4.15
C LYS A 467 -17.04 12.05 3.14
N GLY A 468 -15.99 11.41 3.62
CA GLY A 468 -14.92 10.99 2.72
C GLY A 468 -14.97 9.55 2.31
N LEU A 469 -16.01 8.83 2.71
CA LEU A 469 -16.09 7.39 2.47
C LEU A 469 -16.93 7.10 1.22
N ASP A 470 -16.30 7.13 0.03
CA ASP A 470 -17.03 7.05 -1.24
C ASP A 470 -17.85 5.79 -1.40
N PHE A 471 -19.10 5.98 -1.83
CA PHE A 471 -20.09 4.90 -2.03
C PHE A 471 -20.55 4.13 -0.78
N SER A 472 -20.35 4.70 0.40
CA SER A 472 -20.95 4.18 1.62
C SER A 472 -22.31 4.77 1.91
N ASP A 473 -23.18 4.04 2.60
CA ASP A 473 -24.34 4.60 3.25
C ASP A 473 -23.92 5.73 4.14
N ARG A 474 -24.87 6.58 4.46
CA ARG A 474 -24.62 7.81 5.16
C ARG A 474 -24.68 7.59 6.66
N GLY A 475 -24.70 8.66 7.43
CA GLY A 475 -24.58 8.58 8.87
C GLY A 475 -23.15 8.56 9.42
N PRO A 476 -22.95 9.11 10.62
CA PRO A 476 -21.58 9.23 11.09
C PRO A 476 -20.89 7.89 11.24
N VAL A 477 -19.61 7.85 10.89
CA VAL A 477 -18.73 6.74 11.22
C VAL A 477 -17.47 7.37 11.86
N TYR A 478 -17.21 7.07 13.12
CA TYR A 478 -16.14 7.75 13.84
C TYR A 478 -14.92 6.88 13.96
N ALA A 479 -13.78 7.53 13.83
CA ALA A 479 -12.51 6.96 14.25
C ALA A 479 -12.10 7.66 15.54
N ARG A 480 -11.61 6.87 16.48
CA ARG A 480 -11.25 7.38 17.79
C ARG A 480 -9.74 7.30 17.92
N PHE A 481 -9.11 8.45 17.99
CA PHE A 481 -7.64 8.50 18.01
C PHE A 481 -7.11 9.11 19.32
N THR A 482 -5.89 8.70 19.69
CA THR A 482 -5.24 9.12 20.92
C THR A 482 -4.19 10.17 20.60
N HIS A 483 -4.28 11.28 21.34
CA HIS A 483 -3.41 12.44 21.18
C HIS A 483 -2.94 12.98 22.53
N LEU A 484 -1.82 13.70 22.50
CA LEU A 484 -1.34 14.45 23.65
C LEU A 484 -2.33 15.54 24.04
N ASN A 485 -2.33 15.90 25.32
CA ASN A 485 -3.07 17.07 25.78
C ASN A 485 -2.44 17.56 27.08
N HIS A 486 -2.87 18.73 27.55
CA HIS A 486 -2.42 19.27 28.84
C HIS A 486 -3.60 19.81 29.67
N ARG A 487 -3.41 19.84 30.99
CA ARG A 487 -4.38 20.46 31.89
C ARG A 487 -4.29 21.99 31.72
N PRO A 488 -5.44 22.69 31.68
CA PRO A 488 -5.39 24.15 31.49
C PRO A 488 -4.53 24.83 32.57
N PHE A 489 -3.85 25.91 32.19
CA PHE A 489 -2.97 26.63 33.10
C PHE A 489 -3.05 28.12 32.79
N ARG A 490 -2.46 28.97 33.62
CA ARG A 490 -2.34 30.38 33.33
C ARG A 490 -0.94 30.87 33.66
N TYR A 491 -0.52 31.93 32.99
CA TYR A 491 0.70 32.67 33.38
C TYR A 491 0.33 33.80 34.32
N VAL A 492 1.18 34.01 35.32
CA VAL A 492 1.05 35.16 36.21
C VAL A 492 2.38 35.87 36.22
N ILE A 493 2.40 37.09 35.68
CA ILE A 493 3.59 37.90 35.51
C ILE A 493 3.40 39.18 36.32
N LYS A 494 4.34 39.45 37.22
CA LYS A 494 4.32 40.67 38.00
C LYS A 494 5.38 41.62 37.47
N ALA A 495 5.04 42.89 37.40
CA ALA A 495 5.98 43.88 36.92
C ALA A 495 5.75 45.23 37.59
N ASN A 496 6.84 45.89 37.97
CA ASN A 496 6.79 47.28 38.42
C ASN A 496 7.17 48.25 37.30
N ASN A 497 6.25 49.13 36.96
CA ASN A 497 6.43 50.15 35.96
C ASN A 497 6.72 51.55 36.57
N THR A 498 7.97 51.91 36.64
CA THR A 498 8.37 53.26 37.03
C THR A 498 8.24 54.32 35.95
N ALA A 499 8.14 53.96 34.68
CA ALA A 499 8.16 55.00 33.68
C ALA A 499 6.93 54.99 32.88
N SER A 500 7.03 55.61 31.72
CA SER A 500 5.96 56.20 30.95
C SER A 500 5.23 55.22 30.01
N ALA A 501 5.82 54.05 29.76
CA ALA A 501 5.14 53.01 28.99
C ALA A 501 3.74 52.75 29.54
N ARG A 502 2.73 52.74 28.66
CA ARG A 502 1.40 52.42 29.10
C ARG A 502 0.84 51.20 28.36
N ARG A 503 1.67 50.61 27.50
CA ARG A 503 1.42 49.35 26.77
C ARG A 503 2.73 48.62 26.56
N THR A 504 2.66 47.29 26.44
CA THR A 504 3.84 46.46 26.23
C THR A 504 3.43 45.20 25.47
N THR A 505 4.35 44.55 24.77
CA THR A 505 4.06 43.21 24.23
C THR A 505 4.66 42.20 25.16
N VAL A 506 3.83 41.27 25.64
CA VAL A 506 4.31 40.14 26.39
C VAL A 506 4.68 39.02 25.43
N ARG A 507 5.91 38.54 25.53
CA ARG A 507 6.42 37.47 24.68
C ARG A 507 6.89 36.35 25.62
N ILE A 508 6.33 35.16 25.43
CA ILE A 508 6.56 34.04 26.31
C ILE A 508 7.14 32.88 25.52
N PHE A 509 8.25 32.31 26.00
CA PHE A 509 8.92 31.16 25.35
C PHE A 509 9.29 30.19 26.45
N ILE A 510 9.40 28.91 26.10
CA ILE A 510 9.97 27.92 27.03
C ILE A 510 11.04 27.08 26.30
N ALA A 511 11.96 26.49 27.04
CA ALA A 511 13.00 25.62 26.50
C ALA A 511 13.44 24.67 27.62
N PRO A 512 13.86 23.46 27.24
CA PRO A 512 14.41 22.53 28.24
C PRO A 512 15.65 23.13 28.92
N LYS A 513 15.74 22.93 30.22
CA LYS A 513 16.86 23.46 31.00
C LYS A 513 18.22 22.86 30.61
N THR A 514 18.25 21.60 30.21
CA THR A 514 19.52 20.93 29.87
C THR A 514 19.45 20.28 28.47
N ASP A 515 20.61 19.94 27.94
CA ASP A 515 20.74 19.36 26.60
C ASP A 515 20.81 17.83 26.70
N GLU A 516 21.23 17.18 25.62
CA GLU A 516 21.31 15.70 25.58
C GLU A 516 22.30 15.13 26.60
N ARG A 517 23.29 15.93 27.00
CA ARG A 517 24.32 15.50 27.93
C ARG A 517 23.88 15.74 29.38
N ASN A 518 22.66 16.24 29.55
CA ASN A 518 22.12 16.75 30.83
C ASN A 518 22.95 17.94 31.38
N LEU A 519 23.42 18.80 30.47
CA LEU A 519 24.28 19.90 30.88
C LEU A 519 23.63 21.20 30.48
N PRO A 520 23.95 22.30 31.19
CA PRO A 520 23.36 23.59 30.77
C PRO A 520 23.77 24.00 29.36
N TRP A 521 22.87 24.67 28.68
CA TRP A 521 23.12 25.12 27.33
C TRP A 521 23.96 26.40 27.27
N ALA A 522 24.75 26.50 26.21
CA ALA A 522 25.18 27.78 25.69
C ALA A 522 23.95 28.45 25.05
N LEU A 523 23.79 29.75 25.25
CA LEU A 523 22.66 30.49 24.68
C LEU A 523 22.64 30.44 23.15
N SER A 524 23.83 30.42 22.54
CA SER A 524 23.96 30.31 21.09
C SER A 524 23.25 29.06 20.55
N ASP A 525 23.20 27.98 21.34
CA ASP A 525 22.39 26.79 21.03
C ASP A 525 20.94 26.83 21.58
N GLN A 526 20.79 27.25 22.84
CA GLN A 526 19.46 27.25 23.45
C GLN A 526 18.51 28.26 22.77
N ARG A 527 19.03 29.31 22.13
CA ARG A 527 18.12 30.26 21.47
C ARG A 527 17.26 29.59 20.41
N LYS A 528 17.78 28.54 19.76
CA LYS A 528 17.05 27.78 18.73
C LYS A 528 16.12 26.73 19.30
N MET A 529 16.20 26.49 20.62
CA MET A 529 15.33 25.56 21.34
C MET A 529 14.15 26.26 22.04
N PHE A 530 14.19 27.58 22.15
CA PHE A 530 13.09 28.34 22.75
C PHE A 530 11.86 28.35 21.88
N ILE A 531 10.77 27.81 22.41
CA ILE A 531 9.55 27.70 21.63
C ILE A 531 8.59 28.78 22.09
N GLU A 532 8.13 29.57 21.14
CA GLU A 532 7.20 30.65 21.45
C GLU A 532 5.82 30.08 21.85
N MET A 533 5.32 30.52 23.02
CA MET A 533 4.08 30.01 23.63
C MET A 533 2.93 31.00 23.51
N ASP A 534 3.25 32.29 23.46
CA ASP A 534 2.24 33.35 23.38
C ASP A 534 2.94 34.65 23.08
N ARG A 535 2.17 35.61 22.58
CA ARG A 535 2.67 36.95 22.22
C ARG A 535 1.42 37.82 22.13
N PHE A 536 1.32 38.84 22.97
CA PHE A 536 0.09 39.63 23.12
C PHE A 536 0.38 40.98 23.77
N VAL A 537 -0.32 42.00 23.29
CA VAL A 537 -0.20 43.35 23.80
C VAL A 537 -1.11 43.55 25.03
N VAL A 538 -0.56 44.12 26.12
CA VAL A 538 -1.35 44.52 27.29
C VAL A 538 -1.09 45.97 27.66
N PRO A 539 -2.07 46.63 28.33
CA PRO A 539 -1.80 47.92 28.96
C PRO A 539 -0.92 47.72 30.18
N LEU A 540 -0.12 48.73 30.50
CA LEU A 540 0.51 48.82 31.81
C LEU A 540 0.04 50.07 32.54
N SER A 541 -0.16 49.95 33.83
CA SER A 541 -0.42 51.13 34.66
C SER A 541 0.91 51.58 35.27
N ALA A 542 0.94 52.77 35.88
CA ALA A 542 2.10 53.17 36.67
C ALA A 542 2.16 52.31 37.92
N GLY A 543 3.37 51.96 38.35
CA GLY A 543 3.58 51.16 39.55
C GLY A 543 3.38 49.67 39.29
N GLU A 544 2.83 48.96 40.28
CA GLU A 544 2.64 47.50 40.27
C GLU A 544 1.61 47.02 39.26
N ASN A 545 2.00 46.03 38.46
CA ASN A 545 1.12 45.35 37.51
C ASN A 545 1.12 43.86 37.72
N THR A 546 -0.05 43.24 37.54
CA THR A 546 -0.17 41.77 37.50
C THR A 546 -0.85 41.40 36.19
N ILE A 547 -0.14 40.68 35.34
CA ILE A 547 -0.66 40.23 34.06
C ILE A 547 -0.99 38.77 34.20
N THR A 548 -2.26 38.42 33.99
CA THR A 548 -2.71 37.03 33.99
C THR A 548 -3.18 36.65 32.57
N ARG A 549 -2.71 35.51 32.10
CA ARG A 549 -3.01 35.04 30.76
C ARG A 549 -3.28 33.53 30.82
N GLN A 550 -4.48 33.14 30.39
CA GLN A 550 -4.86 31.72 30.29
C GLN A 550 -4.14 31.04 29.10
N SER A 551 -3.76 29.78 29.29
CA SER A 551 -3.19 28.96 28.24
C SER A 551 -4.12 28.86 27.02
N THR A 552 -5.42 28.98 27.27
CA THR A 552 -6.43 28.90 26.19
C THR A 552 -6.48 30.18 25.31
N GLU A 553 -5.83 31.24 25.78
CA GLU A 553 -5.81 32.53 25.06
C GLU A 553 -4.63 32.67 24.07
N SER A 554 -3.74 31.68 24.02
CA SER A 554 -2.51 31.71 23.21
C SER A 554 -2.77 32.21 21.81
N SER A 555 -1.96 33.18 21.38
CA SER A 555 -2.06 33.71 20.01
C SER A 555 -1.35 32.79 18.99
N LEU A 556 -0.83 31.65 19.45
CA LEU A 556 -0.26 30.64 18.59
C LEU A 556 -1.33 29.62 18.09
N THR A 557 -2.38 29.41 18.87
CA THR A 557 -3.21 28.22 18.67
C THR A 557 -4.64 28.52 18.20
N ILE A 558 -5.32 27.45 17.80
CA ILE A 558 -6.76 27.47 17.58
C ILE A 558 -7.38 26.36 18.47
N PRO A 559 -8.62 26.55 18.92
CA PRO A 559 -9.24 25.52 19.78
C PRO A 559 -9.57 24.23 19.04
N PHE A 560 -9.76 23.14 19.77
CA PHE A 560 -10.11 21.84 19.23
C PHE A 560 -11.24 21.88 18.22
N GLU A 561 -12.27 22.61 18.58
CA GLU A 561 -13.52 22.77 17.84
C GLU A 561 -13.35 23.60 16.59
N GLN A 562 -12.18 24.14 16.38
CA GLN A 562 -11.85 24.79 15.16
C GLN A 562 -10.95 23.94 14.26
N THR A 563 -9.99 23.26 14.84
CA THR A 563 -9.19 22.25 14.14
C THR A 563 -10.09 21.14 13.59
N PHE A 564 -11.00 20.67 14.42
CA PHE A 564 -11.92 19.58 14.10
C PHE A 564 -13.41 20.03 14.05
N ARG A 565 -14.30 19.30 13.42
CA ARG A 565 -15.74 19.61 13.59
C ARG A 565 -16.17 19.32 15.05
N ASP A 566 -16.77 20.29 15.71
CA ASP A 566 -17.55 20.00 16.90
C ASP A 566 -18.82 19.16 16.69
N TYR A 584 -9.19 32.67 8.00
CA TYR A 584 -8.11 31.69 8.10
C TYR A 584 -8.36 30.70 9.23
N CYS A 585 -9.51 30.03 9.19
CA CYS A 585 -9.99 29.21 10.31
C CYS A 585 -9.10 28.01 10.65
N GLY A 586 -8.59 27.34 9.61
CA GLY A 586 -7.80 26.14 9.79
C GLY A 586 -6.34 26.34 10.09
N CYS A 587 -5.80 27.52 9.79
CA CYS A 587 -4.42 27.81 10.13
C CYS A 587 -4.24 28.07 11.65
N GLY A 588 -3.35 27.33 12.28
CA GLY A 588 -3.06 27.55 13.69
C GLY A 588 -2.61 26.26 14.32
N TRP A 589 -1.66 26.34 15.25
CA TRP A 589 -1.16 25.19 16.01
C TRP A 589 -2.29 24.64 16.91
N PRO A 590 -2.46 23.29 16.99
CA PRO A 590 -3.61 22.86 17.79
C PRO A 590 -3.38 23.12 19.26
N GLN A 591 -4.40 23.58 19.94
CA GLN A 591 -4.25 23.85 21.37
C GLN A 591 -3.73 22.62 22.18
N HIS A 592 -4.16 21.40 21.83
CA HIS A 592 -3.68 20.22 22.61
C HIS A 592 -2.18 19.90 22.48
N MET A 593 -1.51 20.48 21.47
CA MET A 593 -0.06 20.35 21.30
C MET A 593 0.74 21.63 21.73
N LEU A 594 0.12 22.50 22.51
CA LEU A 594 0.81 23.73 22.96
C LEU A 594 2.02 23.38 23.85
N VAL A 595 1.84 22.36 24.71
CA VAL A 595 2.86 21.97 25.67
C VAL A 595 3.60 20.68 25.25
N PRO A 596 4.95 20.69 25.31
CA PRO A 596 5.68 19.43 25.11
C PRO A 596 5.19 18.31 26.05
N LYS A 597 5.39 17.07 25.63
CA LYS A 597 4.96 15.91 26.43
C LYS A 597 5.53 15.94 27.86
N GLY A 598 6.83 16.28 28.01
CA GLY A 598 7.54 16.06 29.27
C GLY A 598 7.70 14.58 29.53
N THR A 599 7.87 14.20 30.80
CA THR A 599 8.11 12.79 31.16
C THR A 599 7.33 12.48 32.44
N VAL A 600 7.17 11.20 32.75
CA VAL A 600 6.46 10.79 33.96
C VAL A 600 7.16 11.34 35.22
N GLY A 601 8.49 11.31 35.20
CA GLY A 601 9.26 11.83 36.29
C GLY A 601 9.26 13.34 36.37
N GLY A 602 9.05 13.99 35.22
CA GLY A 602 9.08 15.45 35.15
C GLY A 602 10.39 15.92 34.55
N VAL A 603 10.34 16.89 33.64
CA VAL A 603 11.53 17.43 33.04
C VAL A 603 11.60 18.94 33.30
N ALA A 604 12.77 19.42 33.70
CA ALA A 604 12.97 20.84 34.00
C ALA A 604 12.97 21.63 32.70
N TYR A 605 12.12 22.64 32.67
CA TYR A 605 12.10 23.60 31.61
C TYR A 605 12.37 25.00 32.19
N GLN A 606 12.75 25.91 31.30
CA GLN A 606 12.89 27.30 31.64
C GLN A 606 11.85 28.14 30.92
N LEU A 607 11.11 28.91 31.71
CA LEU A 607 10.09 29.81 31.23
C LEU A 607 10.67 31.21 31.14
N PHE A 608 10.77 31.75 29.92
CA PHE A 608 11.29 33.11 29.68
C PHE A 608 10.12 34.04 29.29
N VAL A 609 10.05 35.19 29.96
CA VAL A 609 9.01 36.18 29.65
C VAL A 609 9.69 37.53 29.40
N MET A 610 9.26 38.23 28.36
CA MET A 610 9.80 39.55 28.08
C MET A 610 8.66 40.52 27.88
N LEU A 611 8.79 41.73 28.44
CA LEU A 611 7.84 42.83 28.18
C LEU A 611 8.53 43.84 27.27
N SER A 612 8.32 43.72 25.97
CA SER A 612 9.09 44.52 25.02
C SER A 612 8.51 45.92 24.81
N ASN A 613 9.35 46.81 24.27
CA ASN A 613 8.99 48.22 24.05
C ASN A 613 7.95 48.34 22.93
N TYR A 614 6.71 48.68 23.29
CA TYR A 614 5.61 48.74 22.33
C TYR A 614 5.86 49.70 21.15
N GLU A 615 6.54 50.80 21.41
CA GLU A 615 6.90 51.72 20.38
C GLU A 615 7.66 51.10 19.24
N LEU A 616 8.46 50.09 19.52
CA LEU A 616 9.07 49.32 18.45
C LEU A 616 8.34 48.04 18.02
N ASP A 617 7.34 47.62 18.77
CA ASP A 617 6.53 46.47 18.45
C ASP A 617 5.41 46.85 17.50
N LYS A 618 4.86 48.04 17.65
CA LYS A 618 3.53 48.35 17.11
C LYS A 618 3.42 48.35 15.58
N ILE A 619 2.32 47.81 15.13
CA ILE A 619 1.94 47.92 13.77
C ILE A 619 0.63 48.68 13.65
N GLU A 620 0.63 49.71 12.83
CA GLU A 620 -0.49 50.59 12.78
C GLU A 620 -1.43 50.35 11.62
N GLN A 621 -2.54 49.68 11.89
CA GLN A 621 -3.41 49.22 10.82
C GLN A 621 -4.88 49.17 11.23
N PRO A 622 -5.77 49.47 10.30
CA PRO A 622 -7.17 49.63 10.62
C PRO A 622 -7.91 48.31 10.69
N SER A 628 -15.12 36.03 14.08
CA SER A 628 -15.51 35.02 13.10
C SER A 628 -15.08 33.56 13.38
N CYS A 629 -13.80 33.29 13.23
CA CYS A 629 -13.12 32.32 14.05
C CYS A 629 -11.94 32.90 14.84
N VAL A 630 -11.28 32.07 15.61
CA VAL A 630 -10.03 32.48 16.26
C VAL A 630 -8.92 32.61 15.19
N GLU A 631 -8.25 33.77 15.16
CA GLU A 631 -7.09 33.99 14.28
C GLU A 631 -5.79 33.80 15.05
N ALA A 632 -5.03 32.79 14.67
CA ALA A 632 -3.79 32.45 15.35
C ALA A 632 -2.62 33.11 14.65
N SER A 633 -2.41 34.38 14.95
CA SER A 633 -1.51 35.20 14.16
C SER A 633 -0.01 34.86 14.23
N MET A 634 0.45 34.18 15.29
CA MET A 634 1.91 33.94 15.43
C MET A 634 2.51 33.18 14.24
N PHE A 635 1.88 32.07 13.85
CA PHE A 635 2.30 31.35 12.67
C PHE A 635 1.57 31.82 11.40
N CYS A 636 0.38 32.40 11.57
CA CYS A 636 -0.51 32.55 10.43
C CYS A 636 -0.66 33.97 9.91
N GLY A 637 -0.16 34.94 10.66
CA GLY A 637 -0.45 36.36 10.38
C GLY A 637 -1.96 36.56 10.38
N LEU A 638 -2.42 37.61 9.68
CA LEU A 638 -3.82 38.01 9.65
C LEU A 638 -4.32 38.19 8.21
N LYS A 639 -5.50 37.68 7.91
CA LYS A 639 -6.08 37.85 6.58
C LYS A 639 -6.14 39.33 6.18
N ASP A 640 -5.55 39.65 5.02
CA ASP A 640 -5.63 40.98 4.40
C ASP A 640 -4.96 42.08 5.21
N LYS A 641 -4.08 41.67 6.11
CA LYS A 641 -3.35 42.62 6.96
C LYS A 641 -1.86 42.33 7.05
N LYS A 642 -1.12 43.32 7.54
CA LYS A 642 0.28 43.15 7.83
C LYS A 642 0.42 42.21 9.04
N TYR A 643 1.49 41.42 9.02
CA TYR A 643 1.84 40.64 10.18
C TYR A 643 1.87 41.58 11.42
N PRO A 644 1.10 41.23 12.46
CA PRO A 644 0.81 42.25 13.53
C PRO A 644 1.93 42.58 14.54
N ASP A 645 3.17 42.21 14.29
CA ASP A 645 4.26 42.57 15.19
C ASP A 645 5.40 43.12 14.32
N ALA A 646 5.96 44.24 14.71
CA ALA A 646 6.97 44.86 13.87
C ALA A 646 8.36 44.23 14.03
N ARG A 647 8.59 43.55 15.15
CA ARG A 647 9.89 42.93 15.38
C ARG A 647 10.19 41.82 14.37
N PRO A 648 11.49 41.50 14.17
CA PRO A 648 11.82 40.31 13.39
C PRO A 648 11.19 39.06 14.03
N MET A 649 10.66 38.17 13.20
CA MET A 649 9.99 36.98 13.71
C MET A 649 10.97 36.13 14.52
N GLY A 650 10.58 35.81 15.75
CA GLY A 650 11.40 34.99 16.64
C GLY A 650 12.11 35.84 17.68
N TYR A 651 11.90 37.14 17.63
CA TYR A 651 12.49 38.07 18.59
C TYR A 651 12.15 37.64 20.03
N PRO A 652 13.12 37.69 20.96
CA PRO A 652 14.54 38.13 20.82
C PRO A 652 15.56 37.03 20.47
N PHE A 653 15.09 35.86 20.04
CA PHE A 653 15.96 34.68 19.92
C PHE A 653 16.32 34.29 18.48
N ASP A 654 15.95 35.11 17.53
CA ASP A 654 16.18 34.82 16.13
C ASP A 654 17.62 34.93 15.67
N ARG A 655 18.47 35.42 16.53
CA ARG A 655 19.85 35.72 16.19
C ARG A 655 20.70 35.70 17.48
N PRO A 656 22.01 35.48 17.35
CA PRO A 656 22.90 35.46 18.50
C PRO A 656 22.99 36.75 19.27
N SER A 657 23.13 36.59 20.57
CA SER A 657 23.44 37.61 21.53
C SER A 657 24.89 38.07 21.46
N ASN A 658 25.09 39.37 21.56
CA ASN A 658 26.48 39.88 21.66
C ASN A 658 26.99 40.14 23.08
N SER A 659 26.14 39.91 24.08
CA SER A 659 26.56 40.21 25.46
C SER A 659 26.22 39.15 26.53
N ALA A 660 25.67 38.00 26.14
CA ALA A 660 25.34 36.96 27.12
C ALA A 660 25.58 35.59 26.53
N THR A 661 26.17 34.69 27.31
CA THR A 661 26.45 33.34 26.79
C THR A 661 25.50 32.30 27.40
N ASN A 662 24.59 32.76 28.24
CA ASN A 662 23.60 31.88 28.87
C ASN A 662 22.34 32.68 29.12
N ILE A 663 21.22 31.97 29.24
CA ILE A 663 19.91 32.58 29.39
C ILE A 663 19.75 33.38 30.70
N GLU A 664 20.37 32.94 31.79
CA GLU A 664 20.31 33.67 33.07
C GLU A 664 20.92 35.09 32.92
N ASP A 665 22.08 35.17 32.26
CA ASP A 665 22.75 36.45 32.03
C ASP A 665 21.93 37.30 31.03
N PHE A 666 21.44 36.67 29.96
CA PHE A 666 20.55 37.34 29.02
C PHE A 666 19.34 37.96 29.75
N SER A 667 18.75 37.18 30.64
CA SER A 667 17.51 37.56 31.36
C SER A 667 17.64 38.60 32.49
N ALA A 668 18.86 38.99 32.86
CA ALA A 668 19.06 39.96 33.95
C ALA A 668 18.45 41.33 33.64
N MET A 669 18.37 41.65 32.36
CA MET A 669 17.71 42.87 31.88
C MET A 669 16.36 43.11 32.58
N SER A 670 16.05 44.37 32.91
CA SER A 670 14.92 44.64 33.82
C SER A 670 13.58 44.09 33.28
N ASN A 671 13.37 44.20 31.97
CA ASN A 671 12.08 43.85 31.33
C ASN A 671 11.93 42.37 30.96
N MET A 672 12.78 41.52 31.55
CA MET A 672 12.78 40.10 31.22
C MET A 672 12.72 39.31 32.49
N GLY A 673 12.05 38.17 32.46
CA GLY A 673 12.04 37.29 33.62
C GLY A 673 12.26 35.86 33.21
N LEU A 674 12.72 35.04 34.17
CA LEU A 674 13.10 33.67 33.89
C LEU A 674 12.72 32.82 35.09
N GLN A 675 12.07 31.69 34.84
CA GLN A 675 11.58 30.87 35.94
C GLN A 675 11.68 29.40 35.59
N ASP A 676 12.25 28.62 36.48
CA ASP A 676 12.30 27.17 36.30
C ASP A 676 10.88 26.60 36.44
N ILE A 677 10.50 25.74 35.49
CA ILE A 677 9.25 25.00 35.61
C ILE A 677 9.53 23.51 35.34
N VAL A 678 8.50 22.68 35.53
CA VAL A 678 8.57 21.23 35.31
C VAL A 678 7.37 20.85 34.44
N ILE A 679 7.66 20.10 33.36
CA ILE A 679 6.59 19.48 32.60
C ILE A 679 6.48 18.01 33.00
N LYS A 680 5.32 17.62 33.51
CA LYS A 680 5.11 16.26 34.02
C LYS A 680 3.98 15.54 33.28
N LEU A 681 4.29 14.36 32.75
CA LEU A 681 3.27 13.53 32.09
C LEU A 681 2.57 12.63 33.08
N SER A 682 1.25 12.69 33.02
CA SER A 682 0.47 11.71 33.72
C SER A 682 0.02 10.66 32.68
N ASP A 683 0.45 9.42 32.85
CA ASP A 683 0.31 8.46 31.78
C ASP A 683 -1.03 7.76 31.95
N VAL A 684 -2.08 8.51 31.66
CA VAL A 684 -3.46 8.08 31.76
C VAL A 684 -4.12 8.56 30.49
N THR A 685 -5.18 7.86 30.05
CA THR A 685 -5.93 8.23 28.86
C THR A 685 -7.37 8.55 29.26
N GLU A 686 -7.85 9.70 28.83
CA GLU A 686 -9.20 10.15 29.15
C GLU A 686 -10.02 10.44 27.89
N PRO A 687 -11.36 10.25 27.96
CA PRO A 687 -12.10 10.56 26.73
C PRO A 687 -12.25 12.08 26.53
N ASN A 688 -12.23 12.55 25.29
CA ASN A 688 -12.59 13.96 25.03
C ASN A 688 -14.04 14.27 25.48
N PRO A 689 -14.26 15.28 26.30
CA PRO A 689 -15.62 15.64 26.71
C PRO A 689 -16.51 16.06 25.57
N ARG A 690 -15.92 16.51 24.47
CA ARG A 690 -16.62 16.90 23.26
C ARG A 690 -17.03 15.76 22.36
N ASN A 691 -16.67 14.52 22.68
CA ASN A 691 -17.08 13.38 21.87
C ASN A 691 -18.60 13.27 21.82
N PRO A 692 -19.14 12.77 20.72
CA PRO A 692 -20.59 12.52 20.62
C PRO A 692 -21.03 11.47 21.64
N ASP B 2 -28.90 -30.18 0.95
CA ASP B 2 -29.28 -28.79 1.14
C ASP B 2 -28.31 -28.15 2.09
N ALA B 3 -28.21 -28.66 3.30
CA ALA B 3 -27.21 -28.15 4.18
C ALA B 3 -25.86 -28.19 3.50
N LYS B 4 -25.55 -29.30 2.86
CA LYS B 4 -24.37 -29.46 1.99
C LYS B 4 -24.21 -28.30 0.99
N ASN B 5 -25.27 -28.02 0.23
CA ASN B 5 -25.25 -26.94 -0.75
C ASN B 5 -25.29 -25.56 -0.14
N ASN B 6 -25.89 -25.44 1.03
CA ASN B 6 -25.86 -24.22 1.78
C ASN B 6 -24.44 -23.73 2.15
N LEU B 7 -23.50 -24.64 2.23
CA LEU B 7 -22.12 -24.28 2.52
C LEU B 7 -21.53 -23.29 1.52
N LEU B 8 -22.03 -23.35 0.31
CA LEU B 8 -21.55 -22.49 -0.73
C LEU B 8 -21.80 -21.03 -0.43
N TYR B 9 -22.79 -20.72 0.40
CA TYR B 9 -23.02 -19.33 0.81
C TYR B 9 -21.85 -18.72 1.58
N PHE B 10 -21.05 -19.56 2.21
CA PHE B 10 -19.85 -19.09 2.87
C PHE B 10 -18.74 -18.59 1.98
N PHE B 11 -18.89 -18.73 0.66
CA PHE B 11 -17.92 -18.19 -0.30
C PHE B 11 -18.44 -16.87 -0.95
N ASP B 12 -19.59 -16.41 -0.46
CA ASP B 12 -20.21 -15.19 -1.00
C ASP B 12 -19.94 -14.04 -0.05
N ARG B 13 -19.36 -12.97 -0.60
CA ARG B 13 -19.12 -11.72 0.15
C ARG B 13 -18.42 -12.03 1.49
N PRO B 14 -17.18 -12.51 1.39
CA PRO B 14 -16.47 -13.07 2.56
C PRO B 14 -16.28 -12.09 3.71
N ASN B 15 -16.20 -10.78 3.42
CA ASN B 15 -16.13 -9.77 4.48
C ASN B 15 -17.43 -9.34 5.09
N GLU B 16 -18.55 -9.72 4.51
CA GLU B 16 -19.83 -9.38 5.09
C GLU B 16 -20.20 -10.42 6.15
N PRO B 17 -20.61 -9.98 7.35
CA PRO B 17 -21.07 -10.95 8.35
C PRO B 17 -22.20 -11.82 7.80
N CYS B 18 -22.13 -13.12 8.07
CA CYS B 18 -23.11 -14.07 7.55
C CYS B 18 -24.53 -13.99 8.14
N PHE B 19 -24.81 -12.99 9.00
CA PHE B 19 -26.22 -12.68 9.33
C PHE B 19 -26.85 -11.73 8.25
N MET B 20 -26.04 -11.25 7.30
CA MET B 20 -26.53 -10.43 6.18
C MET B 20 -27.10 -11.35 5.08
N GLN B 21 -27.79 -10.78 4.09
CA GLN B 21 -28.35 -11.59 3.01
C GLN B 21 -27.23 -12.17 2.17
N LYS B 22 -27.38 -13.42 1.76
CA LYS B 22 -26.31 -14.11 1.04
C LYS B 22 -26.76 -14.52 -0.35
N GLY B 23 -25.85 -14.42 -1.32
CA GLY B 23 -26.11 -14.82 -2.69
C GLY B 23 -26.94 -13.80 -3.45
N GLU B 24 -27.21 -14.08 -4.72
CA GLU B 24 -28.06 -13.19 -5.52
C GLU B 24 -29.54 -13.35 -5.27
N ASP B 25 -29.89 -14.28 -4.41
CA ASP B 25 -31.22 -14.79 -4.27
C ASP B 25 -31.78 -14.31 -2.94
N LYS B 26 -30.99 -13.52 -2.22
CA LYS B 26 -31.41 -12.97 -0.97
C LYS B 26 -31.79 -13.96 0.09
N VAL B 27 -30.92 -14.88 0.43
CA VAL B 27 -31.20 -15.84 1.44
C VAL B 27 -30.58 -15.40 2.73
N VAL B 28 -31.17 -15.76 3.86
CA VAL B 28 -30.51 -15.51 5.17
C VAL B 28 -30.38 -16.78 6.01
N PHE B 29 -29.33 -16.81 6.81
CA PHE B 29 -29.18 -17.83 7.85
C PHE B 29 -29.86 -17.28 9.09
N GLU B 30 -30.46 -18.16 9.87
CA GLU B 30 -31.01 -17.76 11.16
C GLU B 30 -29.91 -17.82 12.23
N ILE B 31 -29.00 -16.85 12.16
CA ILE B 31 -27.87 -16.76 13.07
C ILE B 31 -28.39 -16.53 14.50
N PRO B 32 -28.07 -17.43 15.44
CA PRO B 32 -28.58 -17.25 16.82
C PRO B 32 -27.89 -16.05 17.44
N ASP B 33 -28.56 -15.42 18.41
CA ASP B 33 -28.05 -14.20 19.02
C ASP B 33 -26.64 -14.38 19.60
N HIS B 34 -26.35 -15.51 20.25
CA HIS B 34 -25.03 -15.67 20.85
C HIS B 34 -23.88 -15.93 19.84
N TYR B 35 -24.18 -16.11 18.54
CA TYR B 35 -23.15 -16.22 17.51
C TYR B 35 -22.68 -14.84 17.06
N TYR B 36 -23.51 -13.82 17.30
CA TYR B 36 -23.19 -12.46 16.82
C TYR B 36 -21.87 -12.05 17.47
N PRO B 37 -20.98 -11.36 16.72
CA PRO B 37 -19.74 -10.83 17.27
C PRO B 37 -20.06 -9.87 18.43
N ASP B 38 -19.13 -9.70 19.35
CA ASP B 38 -19.33 -8.84 20.48
C ASP B 38 -19.85 -7.48 20.10
N LYS B 39 -19.28 -6.91 19.06
CA LYS B 39 -19.65 -5.57 18.68
C LYS B 39 -21.09 -5.40 18.20
N TYR B 40 -21.73 -6.48 17.81
CA TYR B 40 -23.10 -6.49 17.30
C TYR B 40 -24.11 -7.15 18.21
N LYS B 41 -23.66 -7.76 19.31
CA LYS B 41 -24.56 -8.52 20.18
C LYS B 41 -25.72 -7.67 20.68
N SER B 42 -25.43 -6.41 21.07
CA SER B 42 -26.47 -5.56 21.63
C SER B 42 -27.53 -5.17 20.60
N LEU B 43 -27.20 -5.25 19.31
CA LEU B 43 -28.13 -4.91 18.23
C LEU B 43 -28.62 -6.16 17.48
N SER B 44 -28.45 -7.34 18.07
CA SER B 44 -28.71 -8.56 17.29
C SER B 44 -30.19 -8.69 16.88
N ASN B 45 -31.14 -8.31 17.72
CA ASN B 45 -32.55 -8.32 17.35
C ASN B 45 -32.77 -7.43 16.15
N THR B 46 -32.33 -6.19 16.24
CA THR B 46 -32.44 -5.20 15.18
C THR B 46 -31.82 -5.67 13.87
N LEU B 47 -30.65 -6.24 13.92
CA LEU B 47 -29.96 -6.60 12.70
C LEU B 47 -30.61 -7.80 12.03
N SER B 48 -30.99 -8.76 12.84
CA SER B 48 -31.68 -9.94 12.39
C SER B 48 -32.93 -9.53 11.60
N ASN B 49 -33.70 -8.58 12.13
CA ASN B 49 -34.92 -8.11 11.49
C ASN B 49 -34.61 -7.37 10.20
N ARG B 50 -33.56 -6.55 10.25
CA ARG B 50 -33.13 -5.74 9.13
C ARG B 50 -32.79 -6.62 7.92
N PHE B 51 -31.98 -7.65 8.12
CA PHE B 51 -31.55 -8.46 6.99
C PHE B 51 -32.51 -9.58 6.62
N GLY B 52 -33.39 -9.94 7.56
CA GLY B 52 -34.44 -10.92 7.32
C GLY B 52 -35.59 -10.33 6.53
N ASN B 53 -35.72 -9.00 6.55
CA ASN B 53 -36.76 -8.31 5.79
C ASN B 53 -36.48 -8.50 4.29
N GLU B 54 -37.42 -9.11 3.60
CA GLU B 54 -37.33 -9.31 2.18
C GLU B 54 -36.46 -10.45 1.74
N ALA B 55 -35.95 -11.18 2.70
CA ALA B 55 -35.21 -12.40 2.41
C ALA B 55 -36.17 -13.44 1.80
N THR B 56 -35.69 -14.17 0.79
CA THR B 56 -36.58 -15.10 0.06
C THR B 56 -36.72 -16.43 0.82
N LYS B 57 -35.74 -16.74 1.66
CA LYS B 57 -35.67 -18.00 2.39
C LYS B 57 -34.87 -17.82 3.67
N ARG B 58 -35.30 -18.42 4.78
CA ARG B 58 -34.52 -18.41 6.03
C ARG B 58 -33.99 -19.81 6.30
N ILE B 59 -32.68 -19.93 6.48
CA ILE B 59 -32.02 -21.22 6.74
C ILE B 59 -31.75 -21.44 8.25
N PRO B 60 -32.41 -22.46 8.86
CA PRO B 60 -32.22 -22.69 10.30
C PRO B 60 -30.79 -23.09 10.62
N ILE B 61 -30.33 -22.72 11.82
CA ILE B 61 -29.00 -23.06 12.29
C ILE B 61 -29.18 -24.00 13.49
N ARG B 62 -28.61 -25.20 13.41
CA ARG B 62 -28.80 -26.20 14.46
C ARG B 62 -27.99 -25.79 15.69
N ASN B 63 -28.60 -25.93 16.87
CA ASN B 63 -27.91 -25.70 18.12
C ASN B 63 -26.81 -26.76 18.28
N ILE B 64 -25.56 -26.35 18.50
CA ILE B 64 -24.46 -27.28 18.72
C ILE B 64 -23.69 -26.87 19.98
N THR B 65 -22.84 -27.77 20.48
CA THR B 65 -21.83 -27.38 21.47
C THR B 65 -20.73 -26.65 20.73
N LEU B 66 -20.45 -25.41 21.13
CA LEU B 66 -19.43 -24.65 20.39
C LEU B 66 -18.01 -25.14 20.65
N PRO B 67 -17.15 -25.13 19.60
CA PRO B 67 -15.80 -25.61 19.82
C PRO B 67 -14.95 -24.50 20.44
N ASN B 68 -13.84 -24.89 21.06
CA ASN B 68 -12.88 -23.91 21.51
C ASN B 68 -12.08 -23.35 20.30
N LEU B 69 -12.25 -22.05 20.02
CA LEU B 69 -11.57 -21.35 18.92
C LEU B 69 -10.39 -20.46 19.32
N GLU B 70 -9.89 -20.62 20.53
CA GLU B 70 -8.86 -19.77 21.03
C GLU B 70 -7.62 -19.79 20.14
N VAL B 71 -7.21 -20.95 19.70
CA VAL B 71 -6.05 -21.01 18.82
C VAL B 71 -6.26 -20.27 17.49
N PRO B 72 -7.22 -20.71 16.64
CA PRO B 72 -7.40 -20.00 15.37
C PRO B 72 -7.84 -18.54 15.47
N MET B 73 -8.48 -18.12 16.57
CA MET B 73 -8.79 -16.70 16.79
C MET B 73 -7.58 -15.81 17.10
N GLN B 74 -6.40 -16.39 17.23
CA GLN B 74 -5.20 -15.60 17.44
C GLN B 74 -4.77 -14.81 16.21
N LEU B 75 -5.21 -15.22 15.02
CA LEU B 75 -4.91 -14.45 13.80
C LEU B 75 -5.88 -13.28 13.71
N PRO B 76 -5.39 -12.05 13.66
CA PRO B 76 -6.30 -10.91 13.54
C PRO B 76 -7.29 -11.04 12.37
N TYR B 77 -8.52 -10.64 12.60
CA TYR B 77 -9.53 -10.66 11.58
C TYR B 77 -9.09 -10.01 10.28
N ASN B 78 -8.26 -8.99 10.40
CA ASN B 78 -7.77 -8.19 9.28
C ASN B 78 -6.30 -8.38 8.93
N ASP B 79 -5.79 -9.60 9.02
CA ASP B 79 -4.44 -9.91 8.60
C ASP B 79 -4.46 -10.74 7.30
N GLN B 80 -3.32 -10.83 6.65
CA GLN B 80 -3.16 -11.77 5.55
C GLN B 80 -2.96 -13.17 6.15
N PHE B 81 -3.35 -14.20 5.42
CA PHE B 81 -3.10 -15.59 5.81
C PHE B 81 -2.18 -16.30 4.78
N SER B 82 -1.15 -16.96 5.26
CA SER B 82 -0.38 -17.88 4.47
C SER B 82 0.19 -19.06 5.24
N LEU B 83 0.08 -20.23 4.66
CA LEU B 83 0.73 -21.41 5.15
C LEU B 83 2.25 -21.37 5.26
N PHE B 84 2.93 -20.51 4.51
CA PHE B 84 4.35 -20.35 4.65
C PHE B 84 4.68 -19.88 6.06
N VAL B 85 3.79 -19.14 6.67
CA VAL B 85 4.07 -18.57 7.99
C VAL B 85 3.85 -19.64 9.05
N PRO B 86 4.89 -19.92 9.87
CA PRO B 86 4.78 -20.98 10.90
C PRO B 86 3.56 -20.93 11.81
N LYS B 87 3.22 -19.79 12.42
CA LYS B 87 2.07 -19.77 13.29
C LYS B 87 0.72 -20.02 12.56
N HIS B 88 0.63 -19.61 11.29
CA HIS B 88 -0.56 -19.86 10.45
C HIS B 88 -0.80 -21.36 10.19
N ARG B 89 0.26 -22.17 10.12
CA ARG B 89 0.14 -23.63 10.01
C ARG B 89 -0.58 -24.21 11.21
N THR B 90 -0.16 -23.80 12.41
CA THR B 90 -0.77 -24.23 13.69
C THR B 90 -2.26 -23.89 13.78
N MET B 91 -2.58 -22.66 13.42
CA MET B 91 -3.94 -22.16 13.53
C MET B 91 -4.85 -22.81 12.51
N ALA B 92 -4.37 -22.98 11.28
CA ALA B 92 -5.16 -23.63 10.24
C ALA B 92 -5.40 -25.10 10.53
N ALA B 93 -4.39 -25.81 11.03
CA ALA B 93 -4.55 -27.21 11.38
C ALA B 93 -5.66 -27.36 12.43
N LYS B 94 -5.65 -26.52 13.46
CA LYS B 94 -6.68 -26.57 14.48
C LYS B 94 -8.09 -26.40 13.89
N LEU B 95 -8.26 -25.39 13.05
CA LEU B 95 -9.57 -25.10 12.48
C LEU B 95 -10.04 -26.20 11.49
N ILE B 96 -9.13 -26.68 10.62
CA ILE B 96 -9.41 -27.86 9.81
C ILE B 96 -9.83 -29.06 10.70
N ASP B 97 -9.07 -29.34 11.74
CA ASP B 97 -9.41 -30.43 12.67
C ASP B 97 -10.85 -30.26 13.23
N ILE B 98 -11.20 -29.03 13.61
CA ILE B 98 -12.56 -28.73 14.10
C ILE B 98 -13.62 -28.98 12.99
N PHE B 99 -13.37 -28.47 11.78
CA PHE B 99 -14.30 -28.70 10.64
C PHE B 99 -14.49 -30.19 10.27
N MET B 100 -13.38 -30.94 10.29
CA MET B 100 -13.35 -32.40 10.03
C MET B 100 -14.08 -33.23 11.08
N GLY B 101 -14.10 -32.74 12.31
CA GLY B 101 -14.64 -33.47 13.45
C GLY B 101 -16.12 -33.34 13.65
N MET B 102 -16.75 -32.34 13.01
CA MET B 102 -18.21 -32.18 13.11
C MET B 102 -18.89 -33.47 12.64
N ARG B 103 -19.92 -33.90 13.35
CA ARG B 103 -20.51 -35.21 13.05
C ARG B 103 -21.27 -35.28 11.72
N ASP B 104 -21.88 -34.16 11.34
CA ASP B 104 -22.72 -34.13 10.14
C ASP B 104 -22.74 -32.74 9.50
N VAL B 105 -23.30 -32.67 8.31
CA VAL B 105 -23.27 -31.43 7.56
C VAL B 105 -24.05 -30.29 8.20
N GLU B 106 -25.19 -30.58 8.81
CA GLU B 106 -25.92 -29.54 9.54
C GLU B 106 -25.09 -28.95 10.70
N ASP B 107 -24.36 -29.80 11.43
CA ASP B 107 -23.46 -29.34 12.49
C ASP B 107 -22.33 -28.51 11.91
N LEU B 108 -21.81 -28.94 10.77
CA LEU B 108 -20.76 -28.21 10.09
C LEU B 108 -21.25 -26.80 9.65
N GLN B 109 -22.43 -26.74 9.05
CA GLN B 109 -23.05 -25.44 8.74
C GLN B 109 -23.11 -24.51 9.98
N SER B 110 -23.55 -25.06 11.11
CA SER B 110 -23.69 -24.29 12.31
C SER B 110 -22.34 -23.75 12.83
N VAL B 111 -21.32 -24.60 12.89
CA VAL B 111 -20.01 -24.16 13.32
C VAL B 111 -19.36 -23.19 12.32
N CYS B 112 -19.56 -23.41 11.02
CA CYS B 112 -19.10 -22.44 10.00
C CYS B 112 -19.68 -21.05 10.17
N SER B 113 -20.96 -20.95 10.52
CA SER B 113 -21.57 -19.63 10.69
C SER B 113 -20.93 -18.91 11.89
N TYR B 114 -20.73 -19.65 13.00
CA TYR B 114 -20.04 -19.15 14.18
C TYR B 114 -18.63 -18.68 13.88
N CYS B 115 -17.89 -19.49 13.14
CA CYS B 115 -16.51 -19.13 12.74
C CYS B 115 -16.42 -17.99 11.76
N GLN B 116 -17.35 -17.93 10.80
CA GLN B 116 -17.28 -16.89 9.79
C GLN B 116 -17.25 -15.52 10.42
N LEU B 117 -17.99 -15.34 11.51
CA LEU B 117 -18.15 -14.10 12.21
C LEU B 117 -16.97 -13.70 13.09
N ARG B 118 -15.99 -14.58 13.22
CA ARG B 118 -14.88 -14.50 14.17
C ARG B 118 -13.50 -14.72 13.59
N ILE B 119 -13.40 -15.55 12.58
CA ILE B 119 -12.13 -15.98 12.07
C ILE B 119 -11.73 -15.15 10.85
N ASN B 120 -10.46 -14.80 10.77
CA ASN B 120 -9.85 -14.23 9.57
C ASN B 120 -10.46 -14.84 8.30
N PRO B 121 -11.09 -14.02 7.44
CA PRO B 121 -11.76 -14.56 6.28
C PRO B 121 -10.88 -15.39 5.34
N TYR B 122 -9.60 -15.04 5.19
CA TYR B 122 -8.72 -15.87 4.30
C TYR B 122 -8.47 -17.26 4.91
N MET B 123 -8.20 -17.27 6.21
CA MET B 123 -8.00 -18.55 6.90
C MET B 123 -9.28 -19.38 6.94
N PHE B 124 -10.42 -18.73 7.15
CA PHE B 124 -11.72 -19.40 7.15
C PHE B 124 -11.95 -20.08 5.79
N ASN B 125 -11.74 -19.33 4.71
CA ASN B 125 -11.91 -19.81 3.33
C ASN B 125 -11.05 -21.04 3.08
N TYR B 126 -9.76 -20.91 3.41
CA TYR B 126 -8.85 -22.00 3.21
C TYR B 126 -9.26 -23.26 3.95
N CYS B 127 -9.54 -23.15 5.27
CA CYS B 127 -9.86 -24.33 6.10
C CYS B 127 -11.19 -24.95 5.69
N LEU B 128 -12.18 -24.11 5.33
CA LEU B 128 -13.48 -24.64 4.89
C LEU B 128 -13.26 -25.39 3.58
N SER B 129 -12.47 -24.83 2.67
CA SER B 129 -12.17 -25.53 1.42
C SER B 129 -11.48 -26.88 1.65
N VAL B 130 -10.44 -26.93 2.49
CA VAL B 130 -9.83 -28.23 2.81
C VAL B 130 -10.88 -29.22 3.38
N ALA B 131 -11.72 -28.78 4.28
CA ALA B 131 -12.70 -29.66 4.89
C ALA B 131 -13.70 -30.21 3.83
N ILE B 132 -14.16 -29.32 2.94
CA ILE B 132 -15.09 -29.71 1.89
C ILE B 132 -14.47 -30.73 0.96
N LEU B 133 -13.18 -30.59 0.68
CA LEU B 133 -12.50 -31.54 -0.20
C LEU B 133 -12.22 -32.89 0.45
N HIS B 134 -12.29 -32.99 1.78
CA HIS B 134 -11.93 -34.29 2.43
C HIS B 134 -13.03 -34.98 3.21
N ARG B 135 -14.04 -34.24 3.67
CA ARG B 135 -15.14 -34.87 4.43
C ARG B 135 -15.92 -35.87 3.56
N PRO B 136 -16.17 -37.11 4.06
CA PRO B 136 -16.92 -38.00 3.16
C PRO B 136 -18.31 -37.47 2.82
N ASP B 137 -18.93 -36.68 3.70
CA ASP B 137 -20.28 -36.17 3.42
C ASP B 137 -20.39 -34.89 2.57
N THR B 138 -19.27 -34.36 2.09
CA THR B 138 -19.32 -33.18 1.22
C THR B 138 -18.66 -33.48 -0.14
N LYS B 139 -18.56 -34.75 -0.49
CA LYS B 139 -18.05 -35.19 -1.80
C LYS B 139 -18.98 -34.66 -2.89
N GLY B 140 -18.41 -34.38 -4.05
CA GLY B 140 -19.18 -33.79 -5.16
C GLY B 140 -19.68 -32.39 -4.95
N LEU B 141 -19.07 -31.67 -4.00
CA LEU B 141 -19.36 -30.25 -3.81
C LEU B 141 -18.18 -29.52 -4.42
N SER B 142 -18.42 -28.57 -5.30
CA SER B 142 -17.27 -27.89 -5.88
C SER B 142 -16.97 -26.61 -5.10
N ILE B 143 -15.70 -26.24 -5.03
CA ILE B 143 -15.29 -25.01 -4.36
C ILE B 143 -15.54 -23.87 -5.37
N PRO B 144 -16.34 -22.85 -5.01
CA PRO B 144 -16.49 -21.66 -5.87
C PRO B 144 -15.12 -21.04 -6.18
N THR B 145 -14.90 -20.67 -7.44
CA THR B 145 -13.60 -20.20 -7.87
C THR B 145 -13.02 -19.11 -6.95
N PHE B 146 -11.81 -19.39 -6.48
CA PHE B 146 -11.08 -18.53 -5.54
C PHE B 146 -10.92 -17.09 -6.08
N ALA B 147 -10.65 -16.95 -7.39
CA ALA B 147 -10.52 -15.62 -8.00
C ALA B 147 -11.81 -14.79 -7.99
N GLU B 148 -12.99 -15.41 -7.91
CA GLU B 148 -14.24 -14.66 -7.76
C GLU B 148 -14.65 -14.44 -6.29
N THR B 149 -14.05 -15.21 -5.37
CA THR B 149 -14.21 -14.95 -3.93
C THR B 149 -13.31 -13.79 -3.48
N PHE B 150 -12.05 -13.80 -3.92
CA PHE B 150 -11.06 -12.78 -3.51
C PHE B 150 -10.41 -12.17 -4.79
N PRO B 151 -11.17 -11.48 -5.60
CA PRO B 151 -10.66 -11.06 -6.89
C PRO B 151 -9.48 -10.07 -6.75
N ASP B 152 -9.38 -9.32 -5.55
CA ASP B 152 -8.25 -8.48 -5.36
C ASP B 152 -6.85 -9.14 -5.27
N LYS B 153 -6.83 -10.40 -5.15
CA LYS B 153 -5.56 -11.05 -5.26
C LYS B 153 -5.00 -11.21 -6.67
N PHE B 154 -5.81 -10.87 -7.64
CA PHE B 154 -5.56 -11.24 -9.04
C PHE B 154 -5.58 -10.07 -10.00
N MET B 155 -5.76 -8.85 -9.51
CA MET B 155 -5.78 -7.71 -10.43
C MET B 155 -5.52 -6.38 -9.74
N ASP B 156 -5.09 -5.42 -10.56
CA ASP B 156 -4.75 -4.05 -10.12
C ASP B 156 -5.83 -3.54 -9.17
N SER B 157 -5.41 -2.99 -8.05
CA SER B 157 -6.36 -2.43 -7.09
C SER B 157 -7.30 -1.34 -7.68
N LYS B 158 -6.88 -0.69 -8.78
CA LYS B 158 -7.70 0.35 -9.42
C LYS B 158 -8.99 -0.23 -10.00
N VAL B 159 -8.97 -1.51 -10.32
CA VAL B 159 -10.15 -2.21 -10.80
C VAL B 159 -11.34 -2.09 -9.86
N PHE B 160 -11.07 -2.21 -8.58
CA PHE B 160 -12.06 -2.13 -7.56
C PHE B 160 -12.64 -0.77 -7.28
N LEU B 161 -11.86 0.27 -7.42
CA LEU B 161 -12.40 1.62 -7.49
C LEU B 161 -13.55 1.74 -8.48
N ARG B 162 -13.21 1.41 -9.70
CA ARG B 162 -14.10 1.45 -10.80
C ARG B 162 -15.29 0.55 -10.59
N ALA B 163 -15.04 -0.66 -10.12
CA ALA B 163 -16.12 -1.64 -9.95
C ALA B 163 -17.10 -1.17 -8.88
N ARG B 164 -16.58 -0.60 -7.79
CA ARG B 164 -17.45 -0.07 -6.73
C ARG B 164 -18.29 1.09 -7.27
N GLU B 165 -17.71 1.89 -8.17
CA GLU B 165 -18.48 2.97 -8.81
C GLU B 165 -19.62 2.39 -9.69
N VAL B 166 -19.29 1.42 -10.54
CA VAL B 166 -20.30 0.83 -11.42
C VAL B 166 -21.47 0.30 -10.60
N SER B 167 -21.13 -0.46 -9.58
CA SER B 167 -22.10 -1.21 -8.76
C SER B 167 -23.11 -0.29 -8.04
N ASN B 168 -22.62 0.84 -7.57
CA ASN B 168 -23.40 1.82 -6.84
C ASN B 168 -24.08 2.87 -7.71
N VAL B 169 -23.49 3.22 -8.84
CA VAL B 169 -24.02 4.33 -9.65
C VAL B 169 -24.88 3.82 -10.80
N VAL B 170 -24.46 2.73 -11.45
CA VAL B 170 -25.19 2.29 -12.63
C VAL B 170 -26.31 1.38 -12.15
N ILE B 171 -27.37 2.00 -11.65
CA ILE B 171 -28.42 1.28 -10.92
C ILE B 171 -29.49 0.78 -11.86
N SER B 172 -29.39 1.15 -13.13
CA SER B 172 -30.32 0.68 -14.15
C SER B 172 -29.69 0.73 -15.55
N GLY B 173 -30.19 -0.11 -16.45
CA GLY B 173 -29.64 -0.22 -17.81
C GLY B 173 -28.37 -1.05 -17.85
N SER B 174 -27.77 -1.14 -19.03
CA SER B 174 -26.56 -1.93 -19.24
C SER B 174 -25.36 -1.37 -18.50
N ARG B 175 -24.48 -2.28 -18.09
CA ARG B 175 -23.18 -1.94 -17.50
C ARG B 175 -22.07 -2.39 -18.45
N MET B 176 -21.02 -1.61 -18.58
CA MET B 176 -19.86 -2.04 -19.35
C MET B 176 -18.92 -2.78 -18.39
N PRO B 177 -18.22 -3.82 -18.88
CA PRO B 177 -17.21 -4.47 -18.03
C PRO B 177 -16.17 -3.45 -17.58
N VAL B 178 -15.64 -3.62 -16.39
CA VAL B 178 -14.49 -2.82 -15.92
C VAL B 178 -13.24 -3.35 -16.65
N ASN B 179 -12.48 -2.48 -17.29
CA ASN B 179 -11.25 -2.88 -17.98
CA ASN B 179 -11.28 -2.95 -17.96
C ASN B 179 -10.12 -3.25 -17.00
N VAL B 180 -9.59 -4.44 -17.09
CA VAL B 180 -8.42 -4.83 -16.36
C VAL B 180 -7.20 -4.61 -17.19
N PRO B 181 -6.35 -3.72 -16.75
CA PRO B 181 -5.14 -3.39 -17.52
C PRO B 181 -4.22 -4.58 -17.52
N ILE B 182 -3.69 -4.92 -18.67
CA ILE B 182 -2.73 -5.96 -18.78
C ILE B 182 -1.31 -5.56 -18.42
N ASN B 183 -0.93 -4.36 -18.79
CA ASN B 183 0.34 -3.84 -18.36
C ASN B 183 0.18 -2.84 -17.22
N TYR B 184 0.60 -3.18 -16.03
CA TYR B 184 0.43 -2.22 -14.94
C TYR B 184 1.53 -2.18 -13.88
N THR B 185 2.32 -3.26 -13.71
CA THR B 185 3.29 -3.28 -12.58
C THR B 185 4.62 -2.54 -12.82
N ALA B 186 5.02 -2.40 -14.07
CA ALA B 186 6.19 -1.67 -14.45
C ALA B 186 6.09 -1.11 -15.85
N ASN B 187 7.00 -0.25 -16.20
CA ASN B 187 7.05 0.39 -17.49
C ASN B 187 7.63 -0.56 -18.54
N THR B 188 7.52 -0.18 -19.80
CA THR B 188 8.36 -0.65 -20.90
C THR B 188 9.86 -0.65 -20.70
N THR B 189 10.31 0.27 -19.89
CA THR B 189 11.71 0.44 -19.58
C THR B 189 12.22 -0.61 -18.54
N GLU B 190 11.34 -1.57 -18.23
CA GLU B 190 11.68 -2.68 -17.34
C GLU B 190 11.70 -3.98 -18.20
N PRO B 191 12.89 -4.53 -18.48
CA PRO B 191 12.99 -5.83 -19.18
C PRO B 191 12.07 -6.94 -18.64
N GLU B 192 11.97 -7.08 -17.32
CA GLU B 192 11.11 -8.09 -16.71
C GLU B 192 9.63 -7.93 -17.08
N GLN B 193 9.24 -6.73 -17.49
CA GLN B 193 7.84 -6.44 -17.80
C GLN B 193 7.41 -7.17 -19.07
N ARG B 194 8.38 -7.53 -19.92
CA ARG B 194 8.11 -8.26 -21.17
C ARG B 194 7.41 -9.60 -20.95
N VAL B 195 7.55 -10.20 -19.77
CA VAL B 195 6.90 -11.49 -19.48
C VAL B 195 5.91 -11.37 -18.33
N ALA B 196 5.55 -10.14 -17.97
CA ALA B 196 4.46 -9.90 -17.00
C ALA B 196 3.14 -10.59 -17.38
N TYR B 197 2.85 -10.74 -18.67
CA TYR B 197 1.62 -11.44 -19.11
C TYR B 197 1.56 -12.90 -18.61
N PHE B 198 2.71 -13.50 -18.33
CA PHE B 198 2.77 -14.89 -17.84
C PHE B 198 2.62 -14.83 -16.32
N ARG B 199 3.47 -14.04 -15.66
CA ARG B 199 3.50 -13.96 -14.19
C ARG B 199 2.18 -13.55 -13.56
N GLU B 200 1.49 -12.62 -14.20
CA GLU B 200 0.31 -12.01 -13.69
C GLU B 200 -0.96 -12.62 -14.23
N ASP B 201 -0.83 -13.71 -14.95
CA ASP B 201 -1.97 -14.38 -15.55
C ASP B 201 -2.83 -15.03 -14.48
N ILE B 202 -4.11 -14.77 -14.53
CA ILE B 202 -5.02 -15.26 -13.53
C ILE B 202 -5.12 -16.76 -13.51
N GLY B 203 -5.12 -17.40 -14.67
CA GLY B 203 -5.16 -18.86 -14.75
C GLY B 203 -3.92 -19.51 -14.15
N ILE B 204 -2.75 -18.90 -14.37
CA ILE B 204 -1.49 -19.44 -13.83
C ILE B 204 -1.46 -19.30 -12.31
N ASN B 205 -1.82 -18.12 -11.80
CA ASN B 205 -1.86 -17.94 -10.35
C ASN B 205 -2.87 -18.83 -9.69
N LEU B 206 -4.02 -19.01 -10.33
CA LEU B 206 -5.02 -19.97 -9.81
C LEU B 206 -4.54 -21.43 -9.74
N HIS B 207 -3.86 -21.88 -10.78
CA HIS B 207 -3.28 -23.20 -10.79
C HIS B 207 -2.31 -23.36 -9.61
N HIS B 208 -1.51 -22.33 -9.36
CA HIS B 208 -0.57 -22.38 -8.27
C HIS B 208 -1.29 -22.50 -6.90
N TRP B 209 -2.30 -21.66 -6.69
CA TRP B 209 -3.15 -21.72 -5.49
C TRP B 209 -3.76 -23.12 -5.33
N HIS B 210 -4.39 -23.60 -6.40
CA HIS B 210 -5.12 -24.86 -6.36
C HIS B 210 -4.19 -26.06 -6.16
N TRP B 211 -3.01 -26.04 -6.80
CA TRP B 211 -2.05 -27.12 -6.59
C TRP B 211 -1.67 -27.22 -5.10
N HIS B 212 -1.23 -26.12 -4.51
CA HIS B 212 -0.88 -26.10 -3.08
C HIS B 212 -2.05 -26.41 -2.14
N LEU B 213 -3.27 -26.11 -2.59
CA LEU B 213 -4.48 -26.40 -1.80
C LEU B 213 -4.72 -27.92 -1.70
N VAL B 214 -4.47 -28.60 -2.82
CA VAL B 214 -4.70 -30.03 -2.98
C VAL B 214 -3.50 -30.87 -2.51
N TYR B 215 -2.32 -30.27 -2.56
CA TYR B 215 -1.14 -30.93 -2.01
C TYR B 215 -0.48 -30.08 -0.92
N PRO B 216 -1.17 -29.88 0.24
CA PRO B 216 -0.58 -29.02 1.27
C PRO B 216 0.67 -29.69 1.87
N PHE B 217 1.64 -28.90 2.32
CA PHE B 217 2.81 -29.50 2.97
C PHE B 217 2.62 -29.78 4.48
N ASP B 218 1.58 -29.18 5.07
CA ASP B 218 1.23 -29.37 6.47
C ASP B 218 -0.28 -29.28 6.54
N SER B 219 -0.90 -29.97 7.50
CA SER B 219 -2.36 -29.91 7.67
C SER B 219 -2.79 -30.43 9.03
N ALA B 220 -4.06 -30.78 9.17
CA ALA B 220 -4.59 -31.25 10.45
C ALA B 220 -4.26 -32.72 10.74
N ASP B 221 -4.02 -33.53 9.71
CA ASP B 221 -3.75 -34.99 9.82
C ASP B 221 -2.77 -35.27 8.71
N ARG B 222 -1.76 -36.09 9.00
CA ARG B 222 -0.76 -36.45 7.99
C ARG B 222 -1.37 -37.05 6.73
N SER B 223 -2.57 -37.65 6.85
CA SER B 223 -3.22 -38.30 5.69
C SER B 223 -3.70 -37.33 4.62
N ILE B 224 -4.01 -36.09 5.00
CA ILE B 224 -4.31 -35.02 4.05
C ILE B 224 -3.06 -34.63 3.23
N VAL B 225 -1.92 -34.57 3.92
CA VAL B 225 -0.64 -34.32 3.27
C VAL B 225 -0.15 -35.54 2.45
N ASN B 226 -0.39 -36.75 2.95
CA ASN B 226 0.24 -37.97 2.43
C ASN B 226 -0.42 -38.48 1.13
N LYS B 227 -0.34 -37.68 0.07
CA LYS B 227 -0.92 -38.04 -1.21
C LYS B 227 0.16 -38.69 -2.09
N ASP B 228 -0.26 -39.40 -3.12
CA ASP B 228 0.67 -40.21 -3.87
C ASP B 228 1.74 -39.39 -4.58
N ARG B 229 2.95 -39.70 -4.24
CA ARG B 229 4.12 -39.14 -4.85
C ARG B 229 4.14 -37.60 -4.83
N ARG B 230 3.62 -36.98 -3.77
CA ARG B 230 3.50 -35.55 -3.75
C ARG B 230 4.80 -34.80 -3.65
N GLY B 231 5.80 -35.42 -3.07
CA GLY B 231 7.13 -34.90 -3.12
C GLY B 231 7.72 -34.77 -4.52
N GLU B 232 7.56 -35.83 -5.27
CA GLU B 232 7.99 -35.85 -6.66
C GLU B 232 7.16 -34.85 -7.49
N LEU B 233 5.85 -34.79 -7.22
CA LEU B 233 5.02 -33.84 -7.93
C LEU B 233 5.38 -32.39 -7.59
N PHE B 234 5.75 -32.15 -6.33
CA PHE B 234 6.32 -30.84 -5.95
C PHE B 234 7.49 -30.45 -6.86
N TYR B 235 8.48 -31.32 -6.96
CA TYR B 235 9.54 -31.14 -7.92
C TYR B 235 9.06 -30.86 -9.34
N TYR B 236 8.17 -31.70 -9.83
CA TYR B 236 7.86 -31.68 -11.24
C TYR B 236 7.03 -30.49 -11.68
N MET B 237 6.00 -30.17 -10.92
CA MET B 237 5.13 -29.11 -11.24
C MET B 237 5.92 -27.80 -11.28
N HIS B 238 6.86 -27.65 -10.36
CA HIS B 238 7.68 -26.44 -10.34
C HIS B 238 8.79 -26.46 -11.41
N GLN B 239 9.32 -27.63 -11.71
CA GLN B 239 10.27 -27.80 -12.83
C GLN B 239 9.61 -27.37 -14.16
N GLN B 240 8.34 -27.72 -14.35
CA GLN B 240 7.59 -27.36 -15.54
C GLN B 240 7.23 -25.90 -15.57
N ILE B 241 6.89 -25.32 -14.41
CA ILE B 241 6.71 -23.87 -14.33
C ILE B 241 7.97 -23.15 -14.80
N ILE B 242 9.14 -23.60 -14.33
CA ILE B 242 10.38 -22.91 -14.64
C ILE B 242 10.73 -23.10 -16.12
N GLY B 243 10.51 -24.32 -16.65
CA GLY B 243 10.64 -24.60 -18.09
C GLY B 243 9.78 -23.70 -18.97
N ARG B 244 8.50 -23.63 -18.64
CA ARG B 244 7.53 -22.78 -19.33
C ARG B 244 7.94 -21.30 -19.28
N TYR B 245 8.32 -20.83 -18.09
CA TYR B 245 8.74 -19.44 -17.91
C TYR B 245 9.99 -19.13 -18.72
N ASN B 246 10.98 -20.01 -18.67
CA ASN B 246 12.16 -19.86 -19.53
C ASN B 246 11.89 -19.77 -21.02
N VAL B 247 10.95 -20.56 -21.53
CA VAL B 247 10.59 -20.43 -22.93
C VAL B 247 9.99 -19.06 -23.22
N GLU B 248 9.28 -18.70 -22.30
CA GLU B 248 8.63 -17.38 -22.44
C GLU B 248 9.65 -16.25 -22.44
N ARG B 249 10.55 -16.28 -21.58
CA ARG B 249 11.69 -15.34 -21.55
C ARG B 249 12.41 -15.33 -22.89
N MET B 250 12.72 -16.51 -23.41
CA MET B 250 13.44 -16.59 -24.70
C MET B 250 12.65 -16.08 -25.91
N CYS B 251 11.33 -16.22 -25.89
CA CYS B 251 10.45 -15.59 -26.88
C CYS B 251 10.44 -14.05 -26.79
N ASN B 252 10.92 -13.50 -25.66
CA ASN B 252 10.85 -12.06 -25.44
C ASN B 252 12.22 -11.41 -25.27
N GLY B 253 13.26 -12.07 -25.78
CA GLY B 253 14.58 -11.48 -25.84
C GLY B 253 15.31 -11.42 -24.53
N LEU B 254 14.81 -12.16 -23.53
CA LEU B 254 15.46 -12.19 -22.23
C LEU B 254 16.28 -13.47 -22.07
N PRO B 255 17.41 -13.40 -21.34
CA PRO B 255 18.11 -14.64 -20.98
C PRO B 255 17.28 -15.48 -20.02
N GLN B 256 17.62 -16.76 -19.90
CA GLN B 256 16.99 -17.64 -18.95
C GLN B 256 17.16 -17.09 -17.52
N VAL B 257 16.21 -17.40 -16.66
CA VAL B 257 16.23 -16.95 -15.27
C VAL B 257 17.49 -17.41 -14.50
N LYS B 258 18.11 -16.50 -13.77
CA LYS B 258 19.25 -16.81 -12.93
C LYS B 258 18.76 -17.31 -11.56
N PRO B 259 19.32 -18.45 -11.08
CA PRO B 259 18.89 -18.96 -9.78
C PRO B 259 19.34 -18.01 -8.67
N PHE B 260 18.56 -17.92 -7.60
CA PHE B 260 19.02 -17.25 -6.38
C PHE B 260 19.69 -18.27 -5.46
N SER B 261 20.94 -18.62 -5.78
CA SER B 261 21.68 -19.65 -5.05
C SER B 261 22.68 -19.07 -4.05
N ASP B 262 22.95 -17.76 -4.15
CA ASP B 262 23.73 -17.07 -3.11
C ASP B 262 22.76 -16.18 -2.34
N PHE B 263 22.37 -16.64 -1.16
CA PHE B 263 21.26 -16.06 -0.44
C PHE B 263 21.57 -14.69 0.11
N SER B 264 22.84 -14.33 0.06
CA SER B 264 23.33 -13.05 0.53
C SER B 264 23.35 -11.96 -0.56
N ALA B 265 23.11 -12.34 -1.80
CA ALA B 265 23.25 -11.41 -2.92
C ALA B 265 22.08 -10.42 -2.97
N PRO B 266 22.30 -9.21 -3.52
CA PRO B 266 21.18 -8.32 -3.76
C PRO B 266 20.18 -8.93 -4.73
N ILE B 267 18.89 -8.66 -4.52
CA ILE B 267 17.86 -9.02 -5.49
C ILE B 267 17.64 -7.79 -6.37
N GLU B 268 18.23 -7.83 -7.56
CA GLU B 268 18.26 -6.70 -8.44
C GLU B 268 16.88 -6.29 -8.96
N GLU B 269 16.01 -7.26 -9.18
CA GLU B 269 14.70 -7.02 -9.68
C GLU B 269 13.72 -6.76 -8.51
N GLY B 270 13.29 -5.51 -8.34
CA GLY B 270 12.22 -5.16 -7.43
C GLY B 270 10.85 -5.52 -7.99
N TYR B 271 9.80 -5.42 -7.21
CA TYR B 271 8.47 -5.70 -7.71
C TYR B 271 7.48 -4.90 -6.87
N PHE B 272 6.66 -4.13 -7.58
CA PHE B 272 5.65 -3.27 -6.97
C PHE B 272 4.31 -3.83 -7.40
N PRO B 273 3.67 -4.65 -6.54
CA PRO B 273 2.54 -5.46 -7.01
C PRO B 273 1.28 -4.69 -7.37
N LYS B 274 1.08 -3.52 -6.77
CA LYS B 274 -0.11 -2.69 -7.06
C LYS B 274 -1.44 -3.45 -6.76
N LEU B 275 -1.41 -4.28 -5.72
CA LEU B 275 -2.57 -5.01 -5.25
C LEU B 275 -3.07 -4.44 -3.94
N ASP B 276 -4.35 -4.60 -3.68
CA ASP B 276 -4.92 -4.11 -2.43
C ASP B 276 -5.79 -5.21 -1.84
N SER B 277 -5.84 -5.35 -0.52
CA SER B 277 -6.68 -6.38 0.07
C SER B 277 -7.83 -5.76 0.86
N GLN B 278 -9.07 -6.14 0.53
CA GLN B 278 -10.22 -5.69 1.31
C GLN B 278 -10.20 -6.30 2.71
N VAL B 279 -9.97 -7.62 2.82
CA VAL B 279 -9.85 -8.29 4.15
C VAL B 279 -8.82 -7.60 5.09
N ALA B 280 -7.61 -7.37 4.56
CA ALA B 280 -6.55 -6.75 5.38
C ALA B 280 -6.67 -5.21 5.44
N SER B 281 -7.56 -4.65 4.64
CA SER B 281 -7.69 -3.23 4.49
C SER B 281 -6.36 -2.50 4.32
N ARG B 282 -5.54 -2.95 3.40
CA ARG B 282 -4.25 -2.36 3.17
C ARG B 282 -3.69 -2.88 1.87
N THR B 283 -2.83 -2.11 1.24
CA THR B 283 -2.15 -2.57 0.03
C THR B 283 -0.97 -3.51 0.29
N TRP B 284 -0.61 -4.32 -0.69
CA TRP B 284 0.50 -5.23 -0.51
C TRP B 284 1.81 -4.44 -0.56
N PRO B 285 2.79 -4.73 0.29
CA PRO B 285 4.02 -3.96 0.25
C PRO B 285 4.90 -4.32 -0.96
N PRO B 286 5.62 -3.34 -1.51
CA PRO B 286 6.56 -3.64 -2.62
C PRO B 286 7.90 -4.20 -2.12
N ARG B 287 8.72 -4.67 -3.05
CA ARG B 287 10.10 -4.96 -2.68
C ARG B 287 10.96 -4.09 -3.59
N PHE B 288 11.71 -3.16 -3.01
CA PHE B 288 12.51 -2.22 -3.83
C PHE B 288 13.66 -2.94 -4.50
N ALA B 289 14.08 -2.45 -5.67
CA ALA B 289 15.24 -3.01 -6.36
C ALA B 289 16.49 -2.98 -5.48
N GLY B 290 17.26 -4.07 -5.49
CA GLY B 290 18.52 -4.14 -4.73
C GLY B 290 18.39 -4.58 -3.28
N SER B 291 17.19 -5.00 -2.88
CA SER B 291 16.92 -5.50 -1.53
C SER B 291 17.66 -6.82 -1.27
N VAL B 292 17.92 -7.11 -0.01
CA VAL B 292 18.59 -8.36 0.38
C VAL B 292 17.74 -9.15 1.41
N PHE B 293 17.91 -10.47 1.45
CA PHE B 293 17.41 -11.28 2.54
C PHE B 293 17.98 -10.74 3.87
N ARG B 294 17.24 -10.56 4.86
CA ARG B 294 17.73 -10.16 6.18
C ARG B 294 17.22 -11.09 7.26
N ASN B 295 17.99 -11.42 8.35
CA ASN B 295 17.65 -12.30 9.49
C ASN B 295 16.24 -12.00 10.01
N LEU B 296 15.44 -13.05 10.21
CA LEU B 296 14.04 -12.91 10.62
C LEU B 296 13.85 -13.11 12.11
N ASP B 297 13.05 -12.23 12.70
CA ASP B 297 12.62 -12.42 14.07
C ASP B 297 11.27 -11.74 14.23
N ARG B 298 10.22 -12.43 13.80
CA ARG B 298 8.85 -11.89 13.88
C ARG B 298 8.07 -12.76 14.84
N THR B 299 8.00 -12.30 16.09
CA THR B 299 7.27 -12.99 17.19
C THR B 299 5.83 -13.38 16.82
N VAL B 300 5.08 -12.44 16.24
CA VAL B 300 3.69 -12.72 15.83
C VAL B 300 3.55 -13.87 14.84
N ASP B 301 4.55 -14.04 13.96
CA ASP B 301 4.55 -15.11 12.97
C ASP B 301 5.20 -16.40 13.50
N GLN B 302 5.74 -16.35 14.72
CA GLN B 302 6.63 -17.43 15.27
C GLN B 302 7.71 -17.89 14.24
N VAL B 303 8.34 -16.93 13.62
CA VAL B 303 9.45 -17.16 12.79
C VAL B 303 10.67 -16.44 13.25
N LYS B 304 11.73 -17.20 13.41
CA LYS B 304 12.98 -16.69 13.85
C LYS B 304 14.11 -17.52 13.31
N ILE B 305 14.85 -16.93 12.40
CA ILE B 305 15.83 -17.68 11.63
C ILE B 305 16.78 -16.76 10.89
N ASP B 306 18.07 -17.07 10.91
CA ASP B 306 19.05 -16.24 10.25
C ASP B 306 19.28 -16.71 8.79
N VAL B 307 19.65 -15.80 7.92
CA VAL B 307 20.01 -16.13 6.56
C VAL B 307 21.04 -17.27 6.50
N ARG B 308 21.97 -17.24 7.42
CA ARG B 308 22.96 -18.26 7.57
C ARG B 308 22.40 -19.67 7.53
N LYS B 309 21.30 -19.90 8.22
CA LYS B 309 20.59 -21.14 8.20
C LYS B 309 20.25 -21.75 6.83
N LEU B 310 19.93 -20.90 5.87
CA LEU B 310 19.61 -21.35 4.50
C LEU B 310 20.84 -21.95 3.88
N PHE B 311 22.00 -21.32 4.11
CA PHE B 311 23.28 -21.89 3.67
C PHE B 311 23.52 -23.25 4.31
N THR B 312 23.26 -23.37 5.61
CA THR B 312 23.41 -24.65 6.33
C THR B 312 22.52 -25.71 5.69
N TRP B 313 21.25 -25.40 5.48
CA TRP B 313 20.33 -26.36 4.88
C TRP B 313 20.71 -26.74 3.46
N ARG B 314 21.15 -25.74 2.67
CA ARG B 314 21.58 -25.98 1.31
C ARG B 314 22.74 -26.98 1.31
N ASP B 315 23.75 -26.71 2.14
CA ASP B 315 24.96 -27.56 2.21
C ASP B 315 24.62 -28.98 2.60
N GLN B 316 23.68 -29.12 3.54
CA GLN B 316 23.20 -30.45 3.98
C GLN B 316 22.59 -31.27 2.83
N PHE B 317 21.82 -30.60 1.97
CA PHE B 317 21.28 -31.18 0.73
C PHE B 317 22.33 -31.64 -0.27
N LEU B 318 23.31 -30.79 -0.53
CA LEU B 318 24.38 -31.12 -1.46
C LEU B 318 25.18 -32.32 -0.95
N GLU B 319 25.35 -32.40 0.37
CA GLU B 319 26.03 -33.53 1.00
C GLU B 319 25.21 -34.83 0.89
N ALA B 320 23.90 -34.74 1.15
CA ALA B 320 22.99 -35.91 0.98
C ALA B 320 23.00 -36.41 -0.44
N ILE B 321 23.00 -35.49 -1.40
CA ILE B 321 23.01 -35.86 -2.80
C ILE B 321 24.35 -36.47 -3.22
N GLN B 322 25.47 -35.90 -2.72
CA GLN B 322 26.79 -36.51 -2.92
C GLN B 322 26.84 -37.96 -2.40
N LYS B 323 26.22 -38.22 -1.25
CA LYS B 323 26.26 -39.56 -0.67
C LYS B 323 25.12 -40.45 -1.16
N MET B 324 24.14 -39.82 -1.83
CA MET B 324 22.89 -40.46 -2.28
C MET B 324 22.17 -41.13 -1.12
N ALA B 325 22.15 -40.41 0.02
CA ALA B 325 21.70 -40.94 1.30
C ALA B 325 21.46 -39.80 2.27
N ILE B 326 20.41 -39.92 3.08
CA ILE B 326 20.10 -38.90 4.09
C ILE B 326 20.30 -39.35 5.56
N LYS B 327 20.76 -38.44 6.42
CA LYS B 327 20.89 -38.73 7.85
C LYS B 327 19.49 -38.92 8.42
N MET B 328 19.32 -39.95 9.25
CA MET B 328 18.05 -40.18 9.93
C MET B 328 18.15 -39.84 11.42
N PRO B 329 17.00 -39.54 12.08
CA PRO B 329 17.05 -39.16 13.50
C PRO B 329 17.78 -40.14 14.42
N ASN B 330 17.83 -41.39 14.06
CA ASN B 330 18.42 -42.39 14.92
C ASN B 330 19.92 -42.54 14.76
N GLY B 331 20.50 -41.66 13.99
CA GLY B 331 21.95 -41.67 13.72
C GLY B 331 22.40 -42.66 12.64
N ARG B 332 21.45 -43.22 11.90
CA ARG B 332 21.80 -44.03 10.75
C ARG B 332 21.36 -43.36 9.46
N GLU B 333 21.59 -43.97 8.32
CA GLU B 333 21.35 -43.34 7.04
C GLU B 333 20.35 -44.10 6.20
N LEU B 334 19.52 -43.37 5.49
CA LEU B 334 18.56 -43.94 4.55
C LEU B 334 18.97 -43.61 3.11
N PRO B 335 19.22 -44.64 2.27
CA PRO B 335 19.53 -44.41 0.85
C PRO B 335 18.49 -43.60 0.11
N LEU B 336 18.94 -42.80 -0.85
CA LEU B 336 18.06 -42.18 -1.84
C LEU B 336 18.00 -43.15 -3.00
N ASP B 337 16.95 -43.97 -3.03
CA ASP B 337 16.86 -45.04 -4.00
C ASP B 337 16.22 -44.59 -5.29
N GLU B 338 16.46 -45.35 -6.34
CA GLU B 338 16.01 -45.03 -7.70
C GLU B 338 14.52 -44.69 -7.81
N VAL B 339 13.67 -45.44 -7.12
CA VAL B 339 12.22 -45.26 -7.27
C VAL B 339 11.69 -44.12 -6.42
N THR B 340 12.10 -44.04 -5.16
CA THR B 340 11.50 -43.05 -4.30
C THR B 340 12.40 -41.87 -3.97
N GLY B 341 13.66 -41.90 -4.37
CA GLY B 341 14.61 -40.81 -4.07
C GLY B 341 14.10 -39.38 -4.31
N ILE B 342 13.54 -39.14 -5.49
CA ILE B 342 13.09 -37.77 -5.82
C ILE B 342 11.89 -37.34 -4.99
N ASP B 343 11.03 -38.30 -4.65
CA ASP B 343 9.90 -38.06 -3.78
C ASP B 343 10.36 -37.66 -2.36
N MET B 344 11.29 -38.44 -1.80
CA MET B 344 11.93 -38.12 -0.55
C MET B 344 12.53 -36.72 -0.58
N LEU B 345 13.31 -36.42 -1.60
CA LEU B 345 13.93 -35.12 -1.75
C LEU B 345 12.93 -33.99 -1.82
N GLY B 346 11.84 -34.17 -2.57
CA GLY B 346 10.76 -33.17 -2.63
C GLY B 346 10.22 -32.86 -1.24
N ASN B 347 10.00 -33.88 -0.43
CA ASN B 347 9.46 -33.70 0.93
C ASN B 347 10.49 -33.13 1.91
N LEU B 348 11.73 -33.53 1.76
CA LEU B 348 12.83 -32.91 2.46
C LEU B 348 13.01 -31.43 2.17
N MET B 349 12.88 -31.08 0.92
CA MET B 349 13.15 -29.73 0.44
C MET B 349 12.01 -28.74 0.74
N GLU B 350 10.76 -29.16 0.57
CA GLU B 350 9.64 -28.19 0.56
C GLU B 350 9.63 -27.24 1.80
N SER B 351 9.76 -27.76 3.01
CA SER B 351 9.55 -29.14 3.32
C SER B 351 8.13 -29.41 3.74
N SER B 352 7.81 -30.69 3.86
CA SER B 352 6.55 -31.14 4.37
C SER B 352 6.63 -32.06 5.59
N ILE B 353 5.51 -32.28 6.21
CA ILE B 353 5.41 -33.05 7.42
C ILE B 353 5.78 -34.52 7.20
N ILE B 354 5.73 -34.96 5.97
CA ILE B 354 6.18 -36.32 5.64
C ILE B 354 7.68 -36.38 5.19
N SER B 355 8.41 -35.27 5.37
CA SER B 355 9.87 -35.28 5.33
C SER B 355 10.43 -36.40 6.24
N PRO B 356 11.32 -37.24 5.76
CA PRO B 356 11.99 -38.25 6.59
C PRO B 356 12.66 -37.73 7.86
N ASN B 357 13.19 -36.53 7.84
CA ASN B 357 13.92 -35.98 8.95
C ASN B 357 13.86 -34.47 8.86
N ARG B 358 12.73 -33.94 9.23
CA ARG B 358 12.48 -32.54 9.15
C ARG B 358 13.32 -31.75 10.12
N GLY B 359 13.54 -32.30 11.29
CA GLY B 359 14.37 -31.67 12.36
C GLY B 359 15.74 -31.26 11.81
N TYR B 360 16.41 -32.18 11.14
CA TYR B 360 17.74 -31.92 10.57
C TYR B 360 17.71 -31.13 9.25
N TYR B 361 16.94 -31.61 8.27
CA TYR B 361 16.95 -31.05 6.91
C TYR B 361 16.23 -29.71 6.75
N GLY B 362 15.37 -29.38 7.73
CA GLY B 362 14.77 -28.06 7.76
C GLY B 362 13.56 -27.87 6.89
N ASP B 363 13.42 -26.63 6.40
CA ASP B 363 12.25 -26.13 5.72
C ASP B 363 12.74 -25.11 4.69
N LEU B 364 13.70 -25.53 3.85
CA LEU B 364 14.44 -24.61 2.96
C LEU B 364 13.56 -23.86 1.95
N HIS B 365 12.80 -24.59 1.14
CA HIS B 365 12.00 -23.90 0.11
C HIS B 365 10.98 -22.90 0.73
N ASN B 366 10.23 -23.34 1.74
CA ASN B 366 9.21 -22.50 2.39
C ASN B 366 9.82 -21.27 3.05
N MET B 367 10.95 -21.43 3.73
CA MET B 367 11.59 -20.27 4.38
C MET B 367 12.09 -19.25 3.37
N GLY B 368 12.49 -19.73 2.19
CA GLY B 368 12.84 -18.86 1.07
C GLY B 368 11.72 -17.89 0.72
N HIS B 369 10.48 -18.40 0.63
CA HIS B 369 9.33 -17.54 0.47
C HIS B 369 9.23 -16.51 1.59
N VAL B 370 9.43 -16.97 2.83
CA VAL B 370 9.28 -16.10 4.02
C VAL B 370 10.39 -15.04 4.03
N PHE B 371 11.64 -15.40 3.79
CA PHE B 371 12.71 -14.43 3.72
C PHE B 371 12.42 -13.35 2.66
N ALA B 372 12.04 -13.82 1.48
CA ALA B 372 11.80 -12.94 0.37
C ALA B 372 10.62 -12.05 0.64
N ALA B 373 9.61 -12.58 1.29
CA ALA B 373 8.40 -11.84 1.59
C ALA B 373 8.54 -10.71 2.62
N TYR B 374 9.54 -10.81 3.43
CA TYR B 374 9.74 -9.91 4.55
C TYR B 374 11.04 -9.12 4.53
N THR B 375 11.68 -8.96 3.37
CA THR B 375 12.94 -8.20 3.30
C THR B 375 12.76 -6.78 3.83
N HIS B 376 11.55 -6.26 3.67
CA HIS B 376 11.25 -4.89 4.13
C HIS B 376 11.00 -4.78 5.64
N ASP B 377 10.61 -5.89 6.29
CA ASP B 377 10.27 -5.79 7.74
C ASP B 377 10.59 -7.12 8.45
N PRO B 378 11.89 -7.49 8.45
CA PRO B 378 12.31 -8.81 8.98
C PRO B 378 12.09 -9.03 10.46
N ASP B 379 11.91 -7.97 11.26
CA ASP B 379 11.63 -8.14 12.69
C ASP B 379 10.33 -7.51 13.20
N HIS B 380 9.45 -7.14 12.26
CA HIS B 380 8.14 -6.57 12.59
C HIS B 380 8.13 -5.14 13.22
N ARG B 381 9.29 -4.48 13.25
CA ARG B 381 9.34 -3.15 13.82
C ARG B 381 8.43 -2.15 13.10
N HIS B 382 8.19 -2.36 11.80
CA HIS B 382 7.36 -1.46 10.98
C HIS B 382 5.92 -1.95 10.90
N LEU B 383 5.59 -3.07 11.58
CA LEU B 383 4.20 -3.59 11.55
C LEU B 383 3.65 -3.81 10.14
N GLU B 384 4.52 -4.29 9.25
CA GLU B 384 4.19 -4.54 7.86
C GLU B 384 3.81 -6.02 7.68
N GLN B 385 2.96 -6.28 6.70
CA GLN B 385 2.59 -7.64 6.30
C GLN B 385 3.60 -8.13 5.25
N PHE B 386 3.44 -9.36 4.76
CA PHE B 386 4.37 -9.89 3.74
C PHE B 386 4.11 -9.37 2.35
N GLY B 387 5.13 -9.40 1.47
CA GLY B 387 4.96 -9.15 0.05
C GLY B 387 4.28 -10.37 -0.59
N VAL B 388 4.09 -10.28 -1.91
CA VAL B 388 3.33 -11.29 -2.67
C VAL B 388 3.99 -12.69 -2.62
N MET B 389 5.33 -12.74 -2.51
CA MET B 389 6.06 -14.03 -2.34
C MET B 389 5.56 -14.82 -1.14
N GLY B 390 4.86 -14.12 -0.24
CA GLY B 390 4.43 -14.67 1.01
C GLY B 390 3.18 -15.50 0.95
N ASP B 391 2.47 -15.49 -0.19
CA ASP B 391 1.16 -16.12 -0.33
C ASP B 391 1.18 -16.91 -1.64
N SER B 392 0.81 -18.19 -1.58
CA SER B 392 0.82 -18.99 -2.81
C SER B 392 -0.21 -18.50 -3.88
N ALA B 393 -1.25 -17.75 -3.50
CA ALA B 393 -2.14 -17.17 -4.53
C ALA B 393 -1.48 -16.08 -5.39
N THR B 394 -0.43 -15.44 -4.85
CA THR B 394 0.15 -14.24 -5.48
C THR B 394 1.65 -14.38 -5.83
N ALA B 395 2.29 -15.44 -5.34
CA ALA B 395 3.75 -15.48 -5.39
C ALA B 395 4.31 -15.50 -6.83
N MET B 396 3.59 -16.14 -7.73
CA MET B 396 4.02 -16.21 -9.14
C MET B 396 4.09 -14.87 -9.88
N ARG B 397 3.45 -13.86 -9.32
CA ARG B 397 3.52 -12.52 -9.86
C ARG B 397 4.90 -11.91 -9.81
N ASP B 398 5.67 -12.34 -8.85
CA ASP B 398 6.94 -11.71 -8.55
C ASP B 398 8.06 -12.34 -9.38
N PRO B 399 8.84 -11.56 -10.10
CA PRO B 399 9.99 -12.14 -10.83
C PRO B 399 10.89 -12.99 -9.94
N PHE B 400 10.94 -12.66 -8.65
CA PHE B 400 11.79 -13.40 -7.71
C PHE B 400 11.35 -14.87 -7.53
N PHE B 401 10.07 -15.16 -7.67
CA PHE B 401 9.57 -16.54 -7.54
C PHE B 401 10.41 -17.52 -8.38
N TYR B 402 10.71 -17.09 -9.60
CA TYR B 402 11.32 -17.94 -10.64
C TYR B 402 12.80 -18.09 -10.35
N ARG B 403 13.40 -17.05 -9.77
CA ARG B 403 14.78 -17.15 -9.34
C ARG B 403 14.93 -18.15 -8.20
N TRP B 404 14.00 -18.10 -7.23
CA TRP B 404 13.98 -19.06 -6.12
C TRP B 404 13.74 -20.50 -6.62
N HIS B 405 12.69 -20.67 -7.43
CA HIS B 405 12.44 -21.99 -7.99
C HIS B 405 13.48 -22.50 -8.98
N ARG B 406 14.22 -21.63 -9.67
CA ARG B 406 15.33 -22.15 -10.50
C ARG B 406 16.42 -22.67 -9.57
N PHE B 407 16.64 -22.00 -8.44
CA PHE B 407 17.59 -22.52 -7.45
C PHE B 407 17.14 -23.90 -6.91
N VAL B 408 15.90 -23.97 -6.43
CA VAL B 408 15.34 -25.23 -5.91
C VAL B 408 15.42 -26.35 -6.98
N ASP B 409 15.03 -26.03 -8.23
CA ASP B 409 15.09 -27.02 -9.32
C ASP B 409 16.53 -27.45 -9.66
N ASP B 410 17.48 -26.52 -9.55
CA ASP B 410 18.90 -26.85 -9.72
C ASP B 410 19.38 -27.90 -8.72
N VAL B 411 18.90 -27.82 -7.47
CA VAL B 411 19.24 -28.81 -6.46
C VAL B 411 18.65 -30.18 -6.83
N PHE B 412 17.35 -30.21 -7.11
CA PHE B 412 16.72 -31.45 -7.55
C PHE B 412 17.44 -32.01 -8.76
N ASN B 413 17.87 -31.13 -9.65
CA ASN B 413 18.53 -31.59 -10.88
C ASN B 413 19.93 -32.18 -10.66
N ILE B 414 20.65 -31.71 -9.65
CA ILE B 414 21.90 -32.35 -9.25
C ILE B 414 21.66 -33.82 -8.94
N TYR B 415 20.58 -34.12 -8.20
CA TYR B 415 20.21 -35.51 -7.94
C TYR B 415 19.80 -36.28 -9.23
N LYS B 416 18.97 -35.66 -10.06
CA LYS B 416 18.45 -36.28 -11.28
C LYS B 416 19.60 -36.68 -12.20
N GLU B 417 20.61 -35.82 -12.32
CA GLU B 417 21.78 -36.11 -13.13
C GLU B 417 22.76 -37.13 -12.54
N LYS B 418 22.51 -37.59 -11.31
CA LYS B 418 23.33 -38.69 -10.75
C LYS B 418 22.73 -40.05 -11.09
N LEU B 419 21.49 -40.07 -11.52
CA LEU B 419 20.82 -41.33 -11.85
C LEU B 419 21.45 -41.91 -13.12
N THR B 420 21.44 -43.25 -13.24
CA THR B 420 21.99 -43.94 -14.41
C THR B 420 21.11 -43.59 -15.62
N PRO B 421 21.71 -43.10 -16.71
CA PRO B 421 20.94 -42.92 -17.94
C PRO B 421 20.03 -44.11 -18.29
N TYR B 422 18.84 -43.82 -18.80
CA TYR B 422 17.96 -44.90 -19.29
C TYR B 422 18.64 -45.68 -20.43
N THR B 423 18.67 -47.00 -20.28
CA THR B 423 19.21 -47.88 -21.30
C THR B 423 18.22 -47.99 -22.45
N ASN B 424 18.68 -48.47 -23.61
CA ASN B 424 17.81 -48.62 -24.75
C ASN B 424 16.63 -49.50 -24.48
N GLU B 425 16.87 -50.53 -23.72
CA GLU B 425 15.87 -51.51 -23.38
C GLU B 425 14.77 -50.92 -22.51
N ARG B 426 15.17 -50.13 -21.52
CA ARG B 426 14.21 -49.39 -20.72
C ARG B 426 13.35 -48.50 -21.64
N LEU B 427 13.98 -47.76 -22.54
CA LEU B 427 13.28 -46.78 -23.40
C LEU B 427 12.43 -47.39 -24.51
N ASP B 428 12.90 -48.49 -25.08
CA ASP B 428 12.34 -49.05 -26.30
C ASP B 428 11.01 -49.76 -26.10
N PHE B 429 10.20 -49.76 -27.15
CA PHE B 429 8.97 -50.50 -27.19
C PHE B 429 9.02 -51.38 -28.45
N PRO B 430 9.62 -52.56 -28.35
CA PRO B 430 9.83 -53.44 -29.51
C PRO B 430 8.58 -53.68 -30.31
N GLY B 431 8.66 -53.45 -31.59
CA GLY B 431 7.50 -53.68 -32.41
C GLY B 431 6.76 -52.42 -32.77
N VAL B 432 7.20 -51.30 -32.22
CA VAL B 432 6.50 -50.04 -32.39
C VAL B 432 7.47 -48.98 -32.87
N ARG B 433 7.25 -48.48 -34.07
CA ARG B 433 8.13 -47.51 -34.68
C ARG B 433 7.28 -46.31 -35.02
N VAL B 434 7.68 -45.15 -34.53
CA VAL B 434 6.94 -43.96 -34.79
C VAL B 434 7.55 -43.29 -35.99
N SER B 435 6.83 -43.24 -37.08
CA SER B 435 7.46 -42.76 -38.31
C SER B 435 7.46 -41.24 -38.41
N SER B 436 6.43 -40.58 -37.88
CA SER B 436 6.36 -39.11 -37.89
C SER B 436 5.37 -38.55 -36.88
N VAL B 437 5.61 -37.30 -36.49
CA VAL B 437 4.71 -36.51 -35.66
C VAL B 437 4.58 -35.13 -36.30
N GLY B 438 3.42 -34.49 -36.11
CA GLY B 438 3.18 -33.18 -36.67
C GLY B 438 1.92 -32.54 -36.18
N ILE B 439 1.69 -31.31 -36.63
CA ILE B 439 0.47 -30.57 -36.30
C ILE B 439 -0.26 -30.25 -37.61
N GLU B 440 -1.55 -30.60 -37.65
CA GLU B 440 -2.41 -30.49 -38.86
C GLU B 440 -2.70 -29.04 -39.25
N GLY B 441 -3.10 -28.84 -40.51
CA GLY B 441 -3.47 -27.50 -40.97
C GLY B 441 -3.07 -27.26 -42.42
N ARG B 443 -1.56 -24.57 -42.83
CA ARG B 443 -0.14 -24.44 -42.56
C ARG B 443 0.32 -25.42 -41.54
N PRO B 444 0.84 -26.55 -41.98
CA PRO B 444 1.26 -27.63 -41.08
C PRO B 444 2.40 -27.22 -40.17
N ASN B 445 2.36 -27.70 -38.91
CA ASN B 445 3.49 -27.59 -37.99
C ASN B 445 3.72 -26.14 -37.56
N THR B 446 2.61 -25.38 -37.57
CA THR B 446 2.57 -23.98 -37.18
C THR B 446 1.49 -23.82 -36.15
N LEU B 447 1.85 -23.11 -35.10
CA LEU B 447 0.95 -22.74 -34.01
C LEU B 447 0.79 -21.24 -34.04
N ARG B 448 -0.41 -20.77 -33.74
CA ARG B 448 -0.71 -19.34 -33.73
C ARG B 448 -1.12 -18.88 -32.33
N THR B 449 -0.55 -17.76 -31.89
CA THR B 449 -0.94 -17.14 -30.62
C THR B 449 -1.36 -15.70 -30.86
N LEU B 450 -2.07 -15.12 -29.88
CA LEU B 450 -2.60 -13.77 -29.95
C LEU B 450 -3.13 -13.38 -28.58
N TRP B 451 -3.74 -12.21 -28.51
CA TRP B 451 -4.31 -11.74 -27.26
C TRP B 451 -5.82 -11.94 -27.32
N GLN B 452 -6.41 -12.22 -26.16
CA GLN B 452 -7.84 -12.43 -26.08
C GLN B 452 -8.40 -11.76 -24.83
N GLN B 453 -9.58 -11.16 -24.96
CA GLN B 453 -10.30 -10.55 -23.84
C GLN B 453 -11.39 -11.50 -23.32
N SER B 454 -11.35 -11.79 -22.02
CA SER B 454 -12.33 -12.66 -21.38
C SER B 454 -12.85 -11.94 -20.15
N THR B 455 -13.97 -12.39 -19.59
CA THR B 455 -14.55 -11.75 -18.43
C THR B 455 -14.54 -12.66 -17.23
N VAL B 456 -14.50 -11.99 -16.08
CA VAL B 456 -14.62 -12.59 -14.79
C VAL B 456 -15.68 -11.75 -14.03
N GLU B 457 -16.45 -12.43 -13.18
CA GLU B 457 -17.47 -11.80 -12.33
C GLU B 457 -16.86 -11.30 -11.02
N LEU B 458 -17.09 -10.01 -10.69
CA LEU B 458 -16.57 -9.42 -9.44
C LEU B 458 -17.59 -9.33 -8.30
N GLY B 459 -18.87 -9.51 -8.63
CA GLY B 459 -19.99 -9.23 -7.73
C GLY B 459 -20.03 -10.04 -6.45
N ARG B 460 -19.51 -11.26 -6.48
CA ARG B 460 -19.45 -12.08 -5.27
C ARG B 460 -18.35 -11.65 -4.27
N GLY B 461 -17.35 -10.94 -4.74
CA GLY B 461 -16.19 -10.63 -3.94
C GLY B 461 -16.01 -9.17 -3.62
N LEU B 462 -16.95 -8.35 -4.04
CA LEU B 462 -16.94 -6.94 -3.78
C LEU B 462 -17.84 -6.55 -2.59
N ASP B 463 -17.26 -6.47 -1.40
CA ASP B 463 -18.04 -6.37 -0.19
C ASP B 463 -18.74 -5.04 -0.01
N PHE B 464 -19.91 -5.04 0.59
CA PHE B 464 -20.67 -3.83 0.98
C PHE B 464 -21.05 -2.98 -0.23
N THR B 465 -21.42 -3.65 -1.31
CA THR B 465 -21.92 -3.02 -2.53
C THR B 465 -23.28 -3.68 -2.80
N PRO B 466 -24.12 -3.03 -3.62
CA PRO B 466 -25.35 -3.64 -4.13
C PRO B 466 -25.11 -4.97 -4.83
N ARG B 467 -26.09 -5.87 -4.79
CA ARG B 467 -26.05 -7.08 -5.59
C ARG B 467 -26.15 -6.76 -7.10
N GLY B 468 -25.93 -7.76 -7.95
CA GLY B 468 -26.00 -7.60 -9.41
C GLY B 468 -24.66 -7.89 -10.03
N SER B 469 -24.64 -8.11 -11.34
CA SER B 469 -23.42 -8.45 -12.04
C SER B 469 -22.51 -7.25 -12.30
N VAL B 470 -21.26 -7.42 -11.92
CA VAL B 470 -20.22 -6.47 -12.23
C VAL B 470 -19.11 -7.27 -12.90
N LEU B 471 -19.05 -7.20 -14.21
CA LEU B 471 -18.03 -7.93 -14.96
C LEU B 471 -16.78 -7.09 -15.07
N ALA B 472 -15.63 -7.75 -15.01
CA ALA B 472 -14.37 -7.19 -15.45
C ALA B 472 -13.80 -7.92 -16.65
N ARG B 473 -13.15 -7.19 -17.51
CA ARG B 473 -12.60 -7.74 -18.72
C ARG B 473 -11.09 -7.74 -18.73
N PHE B 474 -10.51 -8.91 -18.80
CA PHE B 474 -9.10 -9.02 -18.82
C PHE B 474 -8.55 -9.52 -20.15
N THR B 475 -7.29 -9.22 -20.40
CA THR B 475 -6.62 -9.59 -21.64
C THR B 475 -5.56 -10.63 -21.25
N HIS B 476 -5.50 -11.73 -22.00
CA HIS B 476 -4.55 -12.80 -21.69
C HIS B 476 -4.03 -13.38 -23.01
N LEU B 477 -2.92 -14.08 -22.97
CA LEU B 477 -2.45 -14.84 -24.13
C LEU B 477 -3.47 -15.94 -24.48
N GLN B 478 -3.49 -16.34 -25.76
CA GLN B 478 -4.40 -17.38 -26.24
C GLN B 478 -3.70 -18.02 -27.47
N HIS B 479 -4.07 -19.25 -27.81
CA HIS B 479 -3.59 -19.91 -29.02
C HIS B 479 -4.80 -20.42 -29.78
N ASP B 480 -4.63 -20.61 -31.09
CA ASP B 480 -5.60 -21.34 -31.88
C ASP B 480 -5.53 -22.81 -31.50
N GLU B 481 -6.67 -23.50 -31.59
CA GLU B 481 -6.65 -24.94 -31.33
C GLU B 481 -6.13 -25.65 -32.57
N PHE B 482 -5.67 -26.88 -32.38
CA PHE B 482 -4.93 -27.61 -33.37
C PHE B 482 -5.09 -29.10 -33.07
N GLN B 483 -4.55 -29.93 -33.95
CA GLN B 483 -4.62 -31.37 -33.78
C GLN B 483 -3.25 -31.96 -34.09
N TYR B 484 -2.78 -32.86 -33.24
CA TYR B 484 -1.58 -33.65 -33.53
C TYR B 484 -1.91 -34.80 -34.49
N VAL B 485 -0.96 -35.14 -35.36
CA VAL B 485 -1.05 -36.36 -36.19
C VAL B 485 0.20 -37.18 -35.97
N ILE B 486 0.05 -38.43 -35.54
CA ILE B 486 1.18 -39.32 -35.26
C ILE B 486 1.07 -40.60 -36.07
N GLU B 487 2.13 -40.93 -36.78
CA GLU B 487 2.15 -42.14 -37.60
C GLU B 487 3.02 -43.20 -36.99
N VAL B 488 2.42 -44.35 -36.79
CA VAL B 488 3.06 -45.42 -36.08
C VAL B 488 2.81 -46.82 -36.72
N ASN B 489 3.87 -47.62 -36.83
CA ASN B 489 3.81 -48.96 -37.36
C ASN B 489 3.81 -49.93 -36.21
N ASN B 490 2.76 -50.72 -36.03
CA ASN B 490 2.80 -51.86 -35.11
C ASN B 490 3.18 -53.16 -35.85
N THR B 491 4.40 -53.65 -35.66
CA THR B 491 4.90 -54.78 -36.43
C THR B 491 4.87 -56.13 -35.75
N THR B 492 3.95 -56.35 -34.83
CA THR B 492 4.08 -57.50 -33.94
C THR B 492 3.08 -58.57 -34.28
N GLY B 493 1.98 -58.17 -34.87
CA GLY B 493 0.94 -59.14 -35.26
C GLY B 493 -0.28 -59.14 -34.35
N GLY B 494 -0.23 -58.36 -33.27
CA GLY B 494 -1.36 -58.22 -32.34
C GLY B 494 -1.50 -56.81 -31.77
N ASN B 495 -2.69 -56.52 -31.22
CA ASN B 495 -2.98 -55.24 -30.59
C ASN B 495 -2.02 -54.93 -29.45
N LEU B 496 -1.56 -53.68 -29.38
CA LEU B 496 -0.72 -53.20 -28.28
C LEU B 496 -1.33 -51.95 -27.67
N MET B 497 -1.02 -51.69 -26.40
CA MET B 497 -1.42 -50.43 -25.78
C MET B 497 -0.19 -49.54 -25.57
N GLY B 498 -0.28 -48.28 -25.96
CA GLY B 498 0.82 -47.35 -25.76
C GLY B 498 0.47 -46.18 -24.86
N THR B 499 1.49 -45.61 -24.21
CA THR B 499 1.37 -44.31 -23.61
C THR B 499 2.02 -43.28 -24.54
N VAL B 500 1.18 -42.43 -25.11
CA VAL B 500 1.69 -41.35 -25.98
C VAL B 500 2.10 -40.18 -25.08
N ARG B 501 3.34 -39.72 -25.23
CA ARG B 501 3.85 -38.65 -24.37
C ARG B 501 4.35 -37.53 -25.27
N ILE B 502 3.78 -36.34 -25.13
CA ILE B 502 4.10 -35.25 -26.06
C ILE B 502 4.70 -34.07 -25.32
N PHE B 503 5.85 -33.62 -25.81
CA PHE B 503 6.57 -32.46 -25.29
C PHE B 503 6.98 -31.51 -26.45
N MET B 504 7.28 -30.26 -26.10
CA MET B 504 8.02 -29.39 -27.04
C MET B 504 9.13 -28.66 -26.31
N ALA B 505 10.22 -28.37 -27.04
CA ALA B 505 11.34 -27.57 -26.53
C ALA B 505 11.77 -26.49 -27.55
N PRO B 506 12.39 -25.37 -27.10
CA PRO B 506 13.03 -24.45 -28.04
C PRO B 506 14.08 -25.19 -28.87
N LYS B 507 14.28 -24.75 -30.12
CA LYS B 507 15.32 -25.30 -30.98
C LYS B 507 16.72 -24.84 -30.55
N VAL B 508 16.80 -23.57 -30.10
CA VAL B 508 18.07 -22.96 -29.70
C VAL B 508 17.99 -22.32 -28.30
N ASP B 509 19.12 -22.07 -27.70
CA ASP B 509 19.17 -21.42 -26.43
C ASP B 509 19.14 -19.89 -26.47
N ASP B 510 19.34 -19.29 -25.32
CA ASP B 510 19.25 -17.86 -25.18
C ASP B 510 20.34 -17.08 -25.90
N ASN B 511 21.42 -17.75 -26.24
CA ASN B 511 22.41 -17.21 -27.15
C ASN B 511 22.29 -17.72 -28.59
N GLY B 512 21.13 -18.23 -28.96
CA GLY B 512 20.81 -18.68 -30.31
C GLY B 512 21.54 -19.92 -30.82
N GLN B 513 22.09 -20.71 -29.90
CA GLN B 513 22.90 -21.90 -30.23
C GLN B 513 22.13 -23.21 -30.03
N PRO B 514 22.40 -24.23 -30.88
CA PRO B 514 21.80 -25.56 -30.67
C PRO B 514 22.25 -26.11 -29.32
N MET B 515 21.40 -26.92 -28.71
CA MET B 515 21.64 -27.40 -27.37
C MET B 515 21.97 -28.89 -27.34
N SER B 516 22.82 -29.28 -26.39
CA SER B 516 22.96 -30.70 -26.04
C SER B 516 21.64 -31.23 -25.47
N PHE B 517 21.47 -32.55 -25.52
CA PHE B 517 20.34 -33.16 -24.85
C PHE B 517 20.27 -32.80 -23.33
N ASN B 518 21.40 -32.80 -22.65
CA ASN B 518 21.40 -32.59 -21.19
C ASN B 518 20.91 -31.21 -20.80
N LYS B 519 21.04 -30.27 -21.71
CA LYS B 519 20.50 -28.95 -21.56
C LYS B 519 19.07 -28.86 -21.99
N GLN B 520 18.79 -29.33 -23.18
CA GLN B 520 17.50 -29.12 -23.78
C GLN B 520 16.39 -29.82 -23.03
N ARG B 521 16.73 -30.94 -22.42
CA ARG B 521 15.79 -31.76 -21.71
C ARG B 521 15.10 -30.99 -20.59
N ARG B 522 15.79 -30.03 -20.01
CA ARG B 522 15.23 -29.20 -18.97
C ARG B 522 14.25 -28.17 -19.49
N LEU B 523 14.20 -28.02 -20.80
CA LEU B 523 13.29 -27.10 -21.46
C LEU B 523 12.19 -27.83 -22.21
N MET B 524 12.08 -29.13 -22.00
CA MET B 524 10.99 -29.92 -22.57
C MET B 524 9.72 -29.66 -21.75
N ILE B 525 8.75 -28.96 -22.34
CA ILE B 525 7.52 -28.66 -21.65
C ILE B 525 6.45 -29.66 -22.07
N GLU B 526 5.73 -30.18 -21.08
CA GLU B 526 4.77 -31.24 -21.35
C GLU B 526 3.50 -30.69 -21.96
N LEU B 527 3.03 -31.36 -23.01
CA LEU B 527 1.83 -30.98 -23.75
C LEU B 527 0.72 -32.01 -23.63
N ASP B 528 1.09 -33.26 -23.40
CA ASP B 528 0.09 -34.33 -23.36
C ASP B 528 0.65 -35.68 -22.92
N LYS B 529 -0.22 -36.48 -22.30
CA LYS B 529 0.02 -37.87 -21.94
C LYS B 529 -1.32 -38.57 -22.04
N PHE B 530 -1.41 -39.62 -22.88
CA PHE B 530 -2.65 -40.37 -23.03
C PHE B 530 -2.41 -41.80 -23.45
N SER B 531 -3.32 -42.69 -23.05
CA SER B 531 -3.29 -44.08 -23.52
C SER B 531 -3.93 -44.23 -24.90
N GLN B 532 -3.33 -45.09 -25.73
CA GLN B 532 -3.77 -45.29 -27.11
C GLN B 532 -3.65 -46.76 -27.55
N ALA B 533 -4.74 -47.30 -28.08
CA ALA B 533 -4.73 -48.64 -28.71
C ALA B 533 -4.00 -48.63 -30.06
N LEU B 534 -3.25 -49.66 -30.33
CA LEU B 534 -2.44 -49.76 -31.53
C LEU B 534 -2.65 -51.11 -32.23
N ARG B 535 -3.21 -51.09 -33.43
CA ARG B 535 -3.41 -52.26 -34.28
C ARG B 535 -2.18 -52.63 -34.99
N PRO B 536 -2.09 -53.86 -35.46
CA PRO B 536 -1.35 -54.19 -36.69
C PRO B 536 -1.82 -53.33 -37.85
N GLY B 537 -1.03 -52.79 -38.74
CA GLY B 537 0.38 -52.51 -38.58
C GLY B 537 0.46 -50.98 -38.52
N THR B 538 0.11 -50.29 -39.60
CA THR B 538 0.12 -48.81 -39.59
C THR B 538 -1.09 -48.20 -38.86
N ASN B 539 -0.85 -47.14 -38.11
CA ASN B 539 -1.86 -46.44 -37.33
C ASN B 539 -1.69 -44.93 -37.51
N THR B 540 -2.79 -44.19 -37.59
CA THR B 540 -2.73 -42.75 -37.63
C THR B 540 -3.49 -42.26 -36.42
N ILE B 541 -2.76 -41.66 -35.49
CA ILE B 541 -3.36 -41.11 -34.28
C ILE B 541 -3.58 -39.61 -34.46
N ARG B 542 -4.82 -39.18 -34.25
CA ARG B 542 -5.16 -37.78 -34.25
C ARG B 542 -5.59 -37.42 -32.82
N ARG B 543 -4.95 -36.41 -32.26
CA ARG B 543 -5.23 -35.96 -30.88
C ARG B 543 -5.55 -34.47 -30.86
N ARG B 544 -6.68 -34.08 -30.26
CA ARG B 544 -7.06 -32.68 -30.25
C ARG B 544 -6.30 -31.92 -29.17
N SER B 545 -5.86 -30.69 -29.49
CA SER B 545 -5.27 -29.83 -28.47
C SER B 545 -6.20 -29.66 -27.26
N VAL B 546 -7.51 -29.55 -27.49
CA VAL B 546 -8.45 -29.38 -26.35
C VAL B 546 -8.46 -30.57 -25.36
N ASP B 547 -7.96 -31.73 -25.77
CA ASP B 547 -7.99 -32.92 -24.87
C ASP B 547 -6.73 -33.08 -24.00
N SER B 548 -5.80 -32.12 -24.06
CA SER B 548 -4.57 -32.15 -23.26
C SER B 548 -4.73 -32.58 -21.78
N SER B 549 -3.89 -33.53 -21.36
CA SER B 549 -3.82 -33.99 -19.98
C SER B 549 -3.15 -33.00 -19.01
N VAL B 550 -2.72 -31.84 -19.50
CA VAL B 550 -1.96 -30.83 -18.73
C VAL B 550 -2.85 -29.69 -18.26
N THR B 551 -3.87 -29.40 -19.05
CA THR B 551 -4.66 -28.19 -18.87
C THR B 551 -6.09 -28.44 -18.36
N ILE B 552 -6.73 -27.38 -17.86
CA ILE B 552 -8.19 -27.35 -17.68
C ILE B 552 -8.80 -26.29 -18.61
N PRO B 553 -10.06 -26.49 -19.03
CA PRO B 553 -10.70 -25.50 -19.95
C PRO B 553 -11.05 -24.15 -19.30
N TYR B 554 -11.28 -23.10 -20.09
CA TYR B 554 -11.60 -21.77 -19.56
C TYR B 554 -12.82 -21.78 -18.70
N GLU B 555 -13.87 -22.38 -19.22
CA GLU B 555 -15.17 -22.44 -18.53
C GLU B 555 -15.11 -23.18 -17.20
N ARG B 556 -14.17 -24.10 -17.04
CA ARG B 556 -13.96 -24.76 -15.77
C ARG B 556 -13.78 -23.75 -14.66
N THR B 557 -12.97 -22.75 -14.93
CA THR B 557 -12.76 -21.66 -13.99
C THR B 557 -13.61 -20.44 -14.36
N ASP B 577 -18.04 -32.21 -8.50
CA ASP B 577 -16.79 -32.45 -7.80
C ASP B 577 -15.84 -31.31 -8.05
N PHE B 578 -14.98 -31.00 -7.08
CA PHE B 578 -13.89 -30.08 -7.32
C PHE B 578 -12.92 -30.68 -8.33
N CYS B 579 -12.55 -29.85 -9.30
CA CYS B 579 -11.70 -30.26 -10.39
C CYS B 579 -11.03 -29.00 -10.96
N GLY B 580 -10.46 -28.21 -10.04
CA GLY B 580 -9.86 -26.90 -10.34
C GLY B 580 -8.34 -26.76 -10.50
N CYS B 581 -7.56 -27.75 -10.06
CA CYS B 581 -6.12 -27.79 -10.32
C CYS B 581 -5.85 -27.99 -11.82
N GLY B 582 -4.83 -27.32 -12.35
CA GLY B 582 -4.42 -27.60 -13.74
C GLY B 582 -3.95 -26.37 -14.49
N TRP B 583 -3.05 -26.56 -15.45
CA TRP B 583 -2.52 -25.44 -16.21
C TRP B 583 -3.68 -24.81 -17.02
N PRO B 584 -3.75 -23.47 -17.08
CA PRO B 584 -4.88 -22.92 -17.85
C PRO B 584 -4.68 -23.22 -19.36
N HIS B 585 -5.77 -23.62 -20.03
CA HIS B 585 -5.66 -24.03 -21.41
C HIS B 585 -5.11 -22.94 -22.31
N HIS B 586 -5.39 -21.68 -21.98
CA HIS B 586 -4.98 -20.57 -22.87
C HIS B 586 -3.46 -20.37 -22.83
N MET B 587 -2.82 -20.95 -21.82
CA MET B 587 -1.37 -20.91 -21.71
C MET B 587 -0.69 -22.23 -22.07
N LEU B 588 -1.37 -23.10 -22.81
CA LEU B 588 -0.79 -24.38 -23.20
C LEU B 588 0.50 -24.22 -24.02
N ILE B 589 0.52 -23.26 -24.94
CA ILE B 589 1.73 -23.06 -25.71
C ILE B 589 2.36 -21.66 -25.44
N PRO B 590 3.70 -21.59 -25.48
CA PRO B 590 4.45 -20.32 -25.29
C PRO B 590 3.95 -19.24 -26.28
N LYS B 591 4.15 -17.98 -25.95
CA LYS B 591 3.77 -16.87 -26.84
C LYS B 591 4.37 -16.99 -28.27
N GLY B 592 5.61 -17.46 -28.38
CA GLY B 592 6.32 -17.42 -29.67
C GLY B 592 6.66 -15.97 -30.04
N THR B 593 6.94 -15.73 -31.32
CA THR B 593 7.37 -14.43 -31.76
C THR B 593 6.66 -14.08 -33.06
N ALA B 594 6.79 -12.83 -33.44
CA ALA B 594 6.24 -12.36 -34.68
C ALA B 594 6.83 -12.98 -35.92
N GLN B 595 8.10 -13.29 -35.90
CA GLN B 595 8.79 -13.82 -37.04
C GLN B 595 8.59 -15.28 -37.13
N GLY B 596 8.04 -15.87 -36.07
CA GLY B 596 7.91 -17.31 -35.96
C GLY B 596 8.99 -17.92 -35.12
N TYR B 597 8.61 -18.50 -33.98
CA TYR B 597 9.55 -19.02 -33.00
C TYR B 597 9.77 -20.51 -33.17
N PRO B 598 11.03 -20.92 -33.43
CA PRO B 598 11.32 -22.33 -33.72
C PRO B 598 11.35 -23.21 -32.48
N VAL B 599 10.55 -24.27 -32.52
CA VAL B 599 10.53 -25.28 -31.47
C VAL B 599 10.64 -26.68 -32.08
N VAL B 600 11.00 -27.66 -31.26
CA VAL B 600 10.89 -29.05 -31.66
C VAL B 600 9.72 -29.71 -30.92
N LEU B 601 8.85 -30.37 -31.68
CA LEU B 601 7.75 -31.11 -31.13
C LEU B 601 8.28 -32.53 -31.00
N PHE B 602 8.10 -33.13 -29.83
CA PHE B 602 8.62 -34.48 -29.60
C PHE B 602 7.49 -35.42 -29.18
N VAL B 603 7.50 -36.64 -29.72
CA VAL B 603 6.58 -37.68 -29.22
C VAL B 603 7.34 -38.96 -28.87
N MET B 604 6.94 -39.60 -27.77
CA MET B 604 7.35 -40.97 -27.45
C MET B 604 6.10 -41.81 -27.19
N ILE B 605 6.12 -43.04 -27.68
CA ILE B 605 5.10 -44.01 -27.29
C ILE B 605 5.79 -45.11 -26.50
N SER B 606 5.53 -45.13 -25.18
CA SER B 606 6.09 -46.17 -24.34
C SER B 606 5.08 -47.32 -24.13
N ASN B 607 5.53 -48.45 -23.60
CA ASN B 607 4.64 -49.58 -23.36
C ASN B 607 3.69 -49.38 -22.17
N TRP B 608 2.41 -49.24 -22.48
CA TRP B 608 1.36 -48.95 -21.48
C TRP B 608 1.28 -49.99 -20.35
N ASN B 609 1.58 -51.25 -20.66
CA ASN B 609 1.66 -52.34 -19.65
C ASN B 609 2.62 -52.01 -18.53
N ASN B 610 3.72 -51.32 -18.86
CA ASN B 610 4.72 -50.94 -17.87
C ASN B 610 4.50 -49.56 -17.26
N ASP B 611 3.49 -48.85 -17.71
CA ASP B 611 3.22 -47.52 -17.20
C ASP B 611 1.98 -47.46 -16.34
N ARG B 612 0.94 -48.20 -16.69
CA ARG B 612 -0.37 -48.13 -16.04
C ARG B 612 -0.41 -48.52 -14.58
N ILE B 613 -1.40 -48.01 -13.89
CA ILE B 613 -1.66 -48.35 -12.52
C ILE B 613 -3.10 -48.78 -12.49
N GLU B 614 -3.35 -49.97 -12.01
CA GLU B 614 -4.71 -50.45 -11.97
C GLU B 614 -5.41 -49.88 -10.76
N GLN B 615 -6.48 -49.16 -10.96
CA GLN B 615 -7.19 -48.58 -9.86
C GLN B 615 -8.52 -48.13 -10.36
N ASP B 616 -9.45 -47.95 -9.45
CA ASP B 616 -10.84 -47.62 -9.78
C ASP B 616 -10.97 -46.17 -10.24
N GLY B 619 -15.31 -42.92 -9.90
CA GLY B 619 -15.86 -41.63 -10.33
C GLY B 619 -14.96 -40.44 -10.05
N SER B 620 -13.77 -40.43 -10.65
CA SER B 620 -12.81 -39.38 -10.47
C SER B 620 -12.77 -38.32 -11.56
N CYS B 621 -12.61 -37.06 -11.14
CA CYS B 621 -12.13 -36.01 -12.04
C CYS B 621 -10.67 -36.24 -12.41
N ASN B 622 -10.43 -36.61 -13.66
CA ASN B 622 -9.16 -37.09 -14.07
C ASN B 622 -8.63 -36.11 -15.09
N ASP B 623 -9.23 -34.92 -15.09
CA ASP B 623 -8.69 -33.72 -15.69
C ASP B 623 -7.33 -33.31 -15.19
N ALA B 624 -6.44 -33.06 -16.12
CA ALA B 624 -5.22 -32.36 -15.78
C ALA B 624 -4.25 -33.15 -14.93
N ALA B 625 -4.21 -34.44 -15.16
CA ALA B 625 -3.41 -35.36 -14.35
C ALA B 625 -1.90 -35.17 -14.44
N SER B 626 -1.40 -34.65 -15.56
CA SER B 626 0.05 -34.44 -15.74
C SER B 626 0.71 -33.61 -14.63
N TYR B 627 0.15 -32.46 -14.28
CA TYR B 627 0.76 -31.65 -13.21
C TYR B 627 0.04 -31.81 -11.88
N CYS B 628 -1.14 -32.42 -11.89
CA CYS B 628 -2.04 -32.40 -10.71
C CYS B 628 -2.34 -33.79 -10.13
N GLY B 629 -1.91 -34.82 -10.84
CA GLY B 629 -2.31 -36.22 -10.55
C GLY B 629 -3.82 -36.36 -10.54
N ILE B 630 -4.30 -37.35 -9.79
CA ILE B 630 -5.73 -37.60 -9.69
C ILE B 630 -6.11 -37.54 -8.20
N ARG B 631 -7.04 -36.65 -7.84
CA ARG B 631 -7.36 -36.45 -6.40
C ARG B 631 -7.71 -37.77 -5.71
N ASP B 632 -6.96 -38.07 -4.64
CA ASP B 632 -7.17 -39.23 -3.77
C ASP B 632 -6.97 -40.59 -4.47
N ARG B 633 -6.19 -40.61 -5.54
CA ARG B 633 -5.72 -41.80 -6.23
C ARG B 633 -4.26 -41.76 -6.47
N LYS B 634 -3.69 -42.86 -6.92
CA LYS B 634 -2.31 -42.88 -7.34
C LYS B 634 -2.05 -42.09 -8.61
N TYR B 635 -0.93 -41.42 -8.68
CA TYR B 635 -0.53 -40.73 -9.90
C TYR B 635 -0.49 -41.80 -11.00
N PRO B 636 -1.27 -41.59 -12.08
CA PRO B 636 -1.68 -42.65 -13.03
C PRO B 636 -0.62 -43.05 -14.07
N ASP B 637 0.65 -43.03 -13.70
CA ASP B 637 1.76 -43.31 -14.62
C ASP B 637 2.89 -43.79 -13.73
N LYS B 638 3.34 -45.02 -13.92
CA LYS B 638 4.42 -45.60 -13.14
C LYS B 638 5.79 -44.95 -13.45
N GLN B 639 5.98 -44.39 -14.65
CA GLN B 639 7.22 -43.71 -14.98
C GLN B 639 7.46 -42.43 -14.17
N ALA B 640 8.73 -42.06 -14.03
CA ALA B 640 9.11 -40.80 -13.41
C ALA B 640 8.37 -39.65 -14.08
N MET B 641 7.96 -38.67 -13.28
CA MET B 641 7.34 -37.46 -13.83
C MET B 641 8.35 -36.73 -14.73
N GLY B 642 7.95 -36.52 -15.97
CA GLY B 642 8.82 -35.88 -16.98
C GLY B 642 9.55 -36.84 -17.88
N TYR B 643 9.28 -38.13 -17.70
CA TYR B 643 9.77 -39.18 -18.59
C TYR B 643 9.44 -38.83 -20.05
N PRO B 644 10.38 -39.05 -20.98
CA PRO B 644 11.70 -39.63 -20.77
C PRO B 644 12.85 -38.62 -20.53
N PHE B 645 12.53 -37.39 -20.13
CA PHE B 645 13.57 -36.32 -20.05
C PHE B 645 14.15 -36.03 -18.66
N ASP B 646 13.77 -36.79 -17.65
CA ASP B 646 14.15 -36.43 -16.28
C ASP B 646 15.60 -36.82 -15.99
N ARG B 647 16.12 -37.83 -16.68
CA ARG B 647 17.51 -38.23 -16.52
C ARG B 647 18.37 -37.68 -17.67
N LYS B 648 19.69 -37.66 -17.49
CA LYS B 648 20.61 -37.18 -18.52
C LYS B 648 21.14 -38.32 -19.41
N MET B 649 21.90 -37.96 -20.44
CA MET B 649 22.71 -38.94 -21.16
C MET B 649 24.13 -38.84 -20.61
N ALA B 650 24.88 -39.91 -20.74
CA ALA B 650 26.25 -39.95 -20.30
C ALA B 650 27.10 -38.96 -21.02
N ASN B 651 26.83 -38.76 -22.29
CA ASN B 651 27.64 -37.88 -23.06
C ASN B 651 27.09 -36.48 -23.10
N ASP B 652 27.85 -35.55 -22.57
CA ASP B 652 27.39 -34.15 -22.43
C ASP B 652 27.33 -33.37 -23.75
N ALA B 653 27.97 -33.93 -24.78
CA ALA B 653 27.92 -33.37 -26.12
C ALA B 653 26.80 -34.02 -26.92
N ALA B 654 26.19 -35.07 -26.42
CA ALA B 654 25.08 -35.69 -27.12
C ALA B 654 23.82 -34.85 -27.32
N THR B 655 23.17 -35.01 -28.46
CA THR B 655 22.03 -34.21 -28.81
C THR B 655 20.75 -34.97 -28.80
N LEU B 656 19.65 -34.29 -28.95
CA LEU B 656 18.37 -34.94 -28.97
C LEU B 656 18.27 -35.97 -30.08
N SER B 657 18.81 -35.65 -31.24
CA SER B 657 18.82 -36.64 -32.31
C SER B 657 19.53 -37.95 -31.87
N ASP B 658 20.60 -37.85 -31.08
CA ASP B 658 21.34 -39.02 -30.56
C ASP B 658 20.54 -39.85 -29.55
N PHE B 659 19.62 -39.18 -28.87
CA PHE B 659 18.71 -39.79 -27.94
C PHE B 659 17.73 -40.70 -28.60
N LEU B 660 17.25 -40.32 -29.78
CA LEU B 660 15.99 -40.82 -30.28
C LEU B 660 16.03 -42.33 -30.48
N ARG B 661 14.99 -43.01 -30.05
CA ARG B 661 14.86 -44.44 -30.27
C ARG B 661 13.71 -44.65 -31.21
N PRO B 662 13.54 -45.86 -31.73
CA PRO B 662 12.53 -46.06 -32.80
C PRO B 662 11.08 -45.73 -32.45
N ASN B 663 10.74 -45.71 -31.16
CA ASN B 663 9.39 -45.34 -30.67
C ASN B 663 9.25 -43.85 -30.33
N MET B 664 10.15 -43.04 -30.87
CA MET B 664 10.14 -41.59 -30.69
C MET B 664 10.23 -40.87 -32.02
N ALA B 665 9.66 -39.66 -32.10
CA ALA B 665 9.80 -38.88 -33.34
C ALA B 665 9.85 -37.39 -33.00
N VAL B 666 10.52 -36.62 -33.85
CA VAL B 666 10.61 -35.16 -33.68
C VAL B 666 10.13 -34.46 -34.94
N ARG B 667 9.63 -33.24 -34.80
CA ARG B 667 9.21 -32.40 -35.93
C ARG B 667 9.52 -30.96 -35.60
N ASP B 668 10.08 -30.24 -36.58
CA ASP B 668 10.30 -28.80 -36.42
C ASP B 668 8.97 -28.07 -36.53
N CYS B 669 8.69 -27.23 -35.55
CA CYS B 669 7.47 -26.44 -35.55
C CYS B 669 7.79 -24.96 -35.36
N SER B 670 6.84 -24.11 -35.74
CA SER B 670 6.95 -22.68 -35.51
C SER B 670 5.78 -22.17 -34.64
N ILE B 671 6.08 -21.31 -33.65
CA ILE B 671 5.01 -20.59 -32.93
C ILE B 671 4.97 -19.12 -33.36
N GLN B 672 3.92 -18.74 -34.07
CA GLN B 672 3.81 -17.40 -34.64
C GLN B 672 2.84 -16.52 -33.85
N PHE B 673 3.39 -15.48 -33.21
CA PHE B 673 2.57 -14.53 -32.45
C PHE B 673 1.98 -13.44 -33.37
N SER B 674 0.67 -13.23 -33.31
CA SER B 674 0.02 -12.04 -33.90
C SER B 674 -0.34 -11.07 -32.79
N ASP B 675 0.24 -9.86 -32.87
CA ASP B 675 -0.11 -8.79 -31.92
C ASP B 675 -1.47 -8.23 -32.31
N THR B 676 -2.48 -9.08 -32.18
CA THR B 676 -3.88 -8.76 -32.41
C THR B 676 -4.68 -9.26 -31.21
N THR B 677 -5.86 -8.71 -31.02
CA THR B 677 -6.69 -8.99 -29.86
C THR B 677 -8.06 -9.39 -30.36
N VAL B 678 -8.51 -10.56 -29.96
CA VAL B 678 -9.91 -10.88 -30.08
C VAL B 678 -10.70 -10.93 -28.79
N GLU B 679 -12.01 -10.96 -28.92
CA GLU B 679 -12.93 -11.13 -27.81
C GLU B 679 -13.23 -12.60 -27.57
#